data_1JQO
#
_entry.id   1JQO
#
_cell.length_a   158.440
_cell.length_b   174.610
_cell.length_c   254.280
_cell.angle_alpha   90.00
_cell.angle_beta   90.00
_cell.angle_gamma   90.00
#
_symmetry.space_group_name_H-M   'C 2 2 21'
#
loop_
_entity.id
_entity.type
_entity.pdbx_description
1 polymer 'phosphoenolpyruvate carboxylase'
2 non-polymer 'SULFATE ION'
#
_entity_poly.entity_id   1
_entity_poly.type   'polypeptide(L)'
_entity_poly.pdbx_seq_one_letter_code
;MASTKAPGPGEKHHSIDAQLRQLVPGKVSEDDKLIEYDALLVDRFLNILQDLHGPSLREFVQECYEVSADYEGKGDTTKL
GELGAKLTGLAPADAILVASSILHMLNLANLAEEVQIAHRRRNSKLKKGGFADEGSATTESDIEETLKRLVSEVGKSPEE
VFEALKNQTVDLVFTAHPTQSARRSLLQKNARIRNCLTQLNAKDITDDDKQELDEALQREIQAAFRTDEIRRAQPTPQAE
MRYGMSYIHETVWKGVPKFLRRVDTALKNIGINERLPYNVSLIRFSSWMGGDRDGNPRVTPEVTRDVCLLARMMAANLYI
DQIEELMFELSMWRCNDELRVRAEELHSSSGSKVTKYYIEFWKQIPPNEPYRVILGHVRDKLYNTRERARHLLASGVSEI
SAESSFTSIEEFLEPLELCYKSLCDCGDKAIADGSLLDLLRQVFTFGLSLVKLDIRQESERHTDVIDAITTHLGIGSYRE
WPEDKRQEWLLSELRGKRPLLPPDLPQTDEIADVIGAFHVLAELPPDSFGPYIISMATAPSDVLAVELLQRECGVRQPLP
VVPLFERLADLQSAPASVERLFSVDWYMDRIKGKQQVMVGYSDSGKDAGRLSAAWQLYRAQEEMAQVAKRYGVKLTLFHG
RGGTVGRGGGPTHLAILSQPPDTINGSIRVTVQGEVIEFCFGEEHLCFQTLQRFTAATLEHGMHPPVSPKPEWRKLMDEM
AVVATEEYRSVVVKEARFVEYFRSATPETEYGRMNIGSRPAKRRPGGGITTLRAIPWIFSWTQTRFHLPVWLGVGAAFKF
AIDKDVRNFQVLKEMYNEWPFFRVTLDLLEMVFAKGDPGIAGLYDELLVAEELKPFGKQLRDKYVETQQLLLQIAGHKDI
LEGDPFLKQGLVLRNPYITTLNVFQAYTLKRIRDPNFKVTPQPPLSKEFADENKPAGLVKLNPASEYPPGLEDTLILTMK
GIAAGMQNTG
;
_entity_poly.pdbx_strand_id   A,B
#
loop_
_chem_comp.id
_chem_comp.type
_chem_comp.name
_chem_comp.formula
SO4 non-polymer 'SULFATE ION' 'O4 S -2'
#
# COMPACT_ATOMS: atom_id res chain seq x y z
N ILE A 35 -9.68 -29.40 -0.77
CA ILE A 35 -10.40 -30.24 -1.73
C ILE A 35 -11.61 -29.46 -2.25
N GLU A 36 -11.94 -28.36 -1.57
CA GLU A 36 -13.07 -27.51 -1.95
C GLU A 36 -12.66 -26.49 -3.02
N TYR A 37 -11.69 -25.64 -2.68
CA TYR A 37 -11.19 -24.63 -3.59
C TYR A 37 -10.81 -25.28 -4.93
N ASP A 38 -10.39 -26.54 -4.86
CA ASP A 38 -10.01 -27.26 -6.07
C ASP A 38 -11.14 -27.20 -7.08
N ALA A 39 -12.29 -27.74 -6.68
CA ALA A 39 -13.47 -27.76 -7.53
C ALA A 39 -13.90 -26.34 -7.87
N LEU A 40 -13.68 -25.42 -6.94
CA LEU A 40 -14.04 -24.02 -7.17
C LEU A 40 -13.22 -23.46 -8.34
N LEU A 41 -11.91 -23.34 -8.15
CA LEU A 41 -11.05 -22.81 -9.19
C LEU A 41 -11.23 -23.54 -10.50
N VAL A 42 -11.36 -24.85 -10.43
CA VAL A 42 -11.52 -25.64 -11.64
C VAL A 42 -12.87 -25.40 -12.31
N ASP A 43 -13.92 -25.41 -11.52
CA ASP A 43 -15.25 -25.17 -12.07
C ASP A 43 -15.23 -23.82 -12.81
N ARG A 44 -14.81 -22.78 -12.09
CA ARG A 44 -14.71 -21.45 -12.65
C ARG A 44 -14.00 -21.50 -13.99
N PHE A 45 -12.81 -22.06 -14.00
CA PHE A 45 -12.02 -22.17 -15.22
C PHE A 45 -12.79 -22.84 -16.35
N LEU A 46 -13.32 -24.04 -16.08
CA LEU A 46 -14.06 -24.79 -17.07
C LEU A 46 -15.12 -23.96 -17.74
N ASN A 47 -15.80 -23.13 -16.96
CA ASN A 47 -16.84 -22.29 -17.51
C ASN A 47 -16.22 -21.27 -18.46
N ILE A 48 -15.27 -20.49 -17.95
CA ILE A 48 -14.59 -19.49 -18.78
C ILE A 48 -14.19 -20.16 -20.10
N LEU A 49 -13.64 -21.36 -19.99
CA LEU A 49 -13.21 -22.15 -21.14
C LEU A 49 -14.36 -22.30 -22.12
N GLN A 50 -15.52 -22.66 -21.60
CA GLN A 50 -16.69 -22.84 -22.43
C GLN A 50 -17.16 -21.56 -23.09
N ASP A 51 -17.16 -20.46 -22.34
CA ASP A 51 -17.57 -19.17 -22.86
C ASP A 51 -16.69 -18.72 -23.99
N LEU A 52 -15.38 -18.83 -23.79
CA LEU A 52 -14.42 -18.42 -24.80
C LEU A 52 -14.35 -19.36 -26.01
N HIS A 53 -14.50 -20.66 -25.78
CA HIS A 53 -14.35 -21.62 -26.88
C HIS A 53 -15.51 -22.59 -27.20
N GLY A 54 -16.57 -22.58 -26.42
CA GLY A 54 -17.69 -23.46 -26.72
C GLY A 54 -17.59 -24.87 -26.16
N PRO A 55 -18.71 -25.42 -25.65
CA PRO A 55 -18.87 -26.75 -25.03
C PRO A 55 -18.01 -27.85 -25.63
N SER A 56 -18.10 -28.02 -26.94
CA SER A 56 -17.32 -29.00 -27.67
C SER A 56 -15.94 -29.24 -27.02
N LEU A 57 -15.17 -28.16 -26.88
CA LEU A 57 -13.84 -28.21 -26.30
C LEU A 57 -13.83 -28.47 -24.81
N ARG A 58 -14.72 -27.82 -24.08
CA ARG A 58 -14.81 -28.00 -22.64
C ARG A 58 -15.11 -29.46 -22.29
N GLU A 59 -15.74 -30.15 -23.25
CA GLU A 59 -16.12 -31.56 -23.10
C GLU A 59 -14.91 -32.43 -23.29
N PHE A 60 -14.07 -32.03 -24.24
CA PHE A 60 -12.86 -32.78 -24.55
C PHE A 60 -11.94 -32.83 -23.32
N VAL A 61 -11.63 -31.67 -22.79
CA VAL A 61 -10.78 -31.57 -21.62
C VAL A 61 -11.45 -32.38 -20.52
N GLN A 62 -12.77 -32.31 -20.48
CA GLN A 62 -13.57 -33.02 -19.48
C GLN A 62 -13.36 -34.51 -19.58
N GLU A 63 -13.31 -35.03 -20.81
CA GLU A 63 -13.13 -36.46 -21.07
C GLU A 63 -11.75 -36.92 -20.72
N CYS A 64 -10.75 -36.26 -21.27
CA CYS A 64 -9.37 -36.63 -21.02
C CYS A 64 -9.20 -36.99 -19.57
N TYR A 65 -9.75 -36.17 -18.69
CA TYR A 65 -9.67 -36.42 -17.27
C TYR A 65 -10.27 -37.78 -16.93
N GLU A 66 -11.44 -38.05 -17.49
CA GLU A 66 -12.09 -39.32 -17.22
C GLU A 66 -11.23 -40.50 -17.60
N VAL A 67 -10.77 -40.54 -18.85
CA VAL A 67 -9.95 -41.64 -19.30
C VAL A 67 -8.71 -41.81 -18.44
N SER A 68 -7.99 -40.71 -18.18
CA SER A 68 -6.81 -40.78 -17.34
C SER A 68 -7.22 -41.35 -15.99
N ALA A 69 -8.38 -40.94 -15.51
CA ALA A 69 -8.88 -41.43 -14.25
C ALA A 69 -8.92 -42.95 -14.26
N ASP A 70 -9.67 -43.55 -15.19
CA ASP A 70 -9.74 -45.01 -15.28
C ASP A 70 -8.35 -45.63 -15.24
N TYR A 71 -7.37 -44.92 -15.81
CA TYR A 71 -6.01 -45.43 -15.79
C TYR A 71 -5.47 -45.33 -14.37
N GLU A 72 -5.53 -44.13 -13.78
CA GLU A 72 -5.06 -43.93 -12.43
C GLU A 72 -5.94 -44.67 -11.42
N GLY A 73 -7.15 -45.01 -11.80
CA GLY A 73 -8.06 -45.71 -10.88
C GLY A 73 -8.02 -47.21 -11.01
N LYS A 74 -8.65 -47.76 -12.04
CA LYS A 74 -8.61 -49.20 -12.24
C LYS A 74 -7.18 -49.65 -12.59
N GLY A 75 -6.37 -48.70 -13.05
CA GLY A 75 -5.01 -49.01 -13.43
C GLY A 75 -4.91 -49.84 -14.69
N ASP A 76 -5.85 -49.67 -15.62
CA ASP A 76 -5.79 -50.46 -16.85
C ASP A 76 -5.09 -49.65 -17.91
N THR A 77 -3.98 -50.21 -18.40
CA THR A 77 -3.17 -49.56 -19.41
C THR A 77 -3.86 -49.24 -20.75
N THR A 78 -5.01 -49.84 -21.02
CA THR A 78 -5.72 -49.56 -22.27
C THR A 78 -6.11 -48.11 -22.39
N LYS A 79 -6.33 -47.46 -21.25
CA LYS A 79 -6.71 -46.05 -21.25
C LYS A 79 -5.64 -45.14 -21.84
N LEU A 80 -4.39 -45.41 -21.51
CA LEU A 80 -3.31 -44.59 -22.03
C LEU A 80 -3.34 -44.65 -23.56
N GLY A 81 -3.53 -45.83 -24.13
CA GLY A 81 -3.56 -45.95 -25.58
C GLY A 81 -4.74 -45.28 -26.23
N GLU A 82 -5.88 -45.33 -25.52
CA GLU A 82 -7.14 -44.73 -25.98
C GLU A 82 -6.99 -43.22 -25.94
N LEU A 83 -6.40 -42.74 -24.85
CA LEU A 83 -6.17 -41.31 -24.63
C LEU A 83 -5.26 -40.83 -25.76
N GLY A 84 -4.29 -41.67 -26.13
CA GLY A 84 -3.39 -41.31 -27.21
C GLY A 84 -4.12 -41.06 -28.52
N ALA A 85 -5.12 -41.88 -28.79
CA ALA A 85 -5.93 -41.75 -30.00
C ALA A 85 -6.71 -40.43 -29.94
N LYS A 86 -7.25 -40.13 -28.75
CA LYS A 86 -8.00 -38.90 -28.55
C LYS A 86 -7.20 -37.66 -28.91
N LEU A 87 -5.95 -37.60 -28.46
CA LEU A 87 -5.10 -36.44 -28.68
C LEU A 87 -4.39 -36.29 -30.03
N THR A 88 -3.93 -37.39 -30.61
CA THR A 88 -3.22 -37.29 -31.88
C THR A 88 -4.12 -36.82 -33.02
N GLY A 89 -5.43 -36.81 -32.80
CA GLY A 89 -6.35 -36.34 -33.82
C GLY A 89 -6.49 -34.81 -33.87
N LEU A 90 -6.50 -34.18 -32.70
CA LEU A 90 -6.63 -32.74 -32.55
C LEU A 90 -5.85 -31.88 -33.54
N ALA A 91 -6.48 -30.80 -34.00
CA ALA A 91 -5.87 -29.86 -34.94
C ALA A 91 -4.97 -28.89 -34.19
N PRO A 92 -3.94 -28.34 -34.86
CA PRO A 92 -2.99 -27.39 -34.26
C PRO A 92 -3.51 -26.52 -33.14
N ALA A 93 -4.53 -25.71 -33.47
CA ALA A 93 -5.10 -24.80 -32.50
C ALA A 93 -5.72 -25.51 -31.29
N ASP A 94 -6.50 -26.57 -31.52
CA ASP A 94 -7.12 -27.31 -30.42
C ASP A 94 -6.05 -27.88 -29.51
N ALA A 95 -5.03 -28.48 -30.14
CA ALA A 95 -3.91 -29.08 -29.42
C ALA A 95 -3.26 -28.07 -28.48
N ILE A 96 -2.94 -26.88 -29.01
CA ILE A 96 -2.34 -25.82 -28.21
C ILE A 96 -3.29 -25.43 -27.08
N LEU A 97 -4.58 -25.43 -27.39
CA LEU A 97 -5.59 -25.07 -26.40
C LEU A 97 -5.71 -26.14 -25.35
N VAL A 98 -5.92 -27.39 -25.78
CA VAL A 98 -6.06 -28.49 -24.86
C VAL A 98 -4.87 -28.53 -23.90
N ALA A 99 -3.67 -28.49 -24.46
CA ALA A 99 -2.46 -28.51 -23.65
C ALA A 99 -2.51 -27.39 -22.63
N SER A 100 -2.70 -26.17 -23.11
CA SER A 100 -2.77 -24.99 -22.27
C SER A 100 -3.79 -25.13 -21.14
N SER A 101 -4.95 -25.67 -21.48
CA SER A 101 -6.06 -25.88 -20.54
C SER A 101 -5.69 -26.72 -19.32
N ILE A 102 -5.05 -27.85 -19.58
CA ILE A 102 -4.62 -28.72 -18.49
C ILE A 102 -3.55 -28.03 -17.64
N LEU A 103 -2.69 -27.26 -18.30
CA LEU A 103 -1.62 -26.52 -17.62
C LEU A 103 -2.23 -25.57 -16.60
N HIS A 104 -3.18 -24.77 -17.05
CA HIS A 104 -3.83 -23.83 -16.18
C HIS A 104 -4.60 -24.50 -15.06
N MET A 105 -5.33 -25.57 -15.35
CA MET A 105 -6.09 -26.29 -14.31
C MET A 105 -5.16 -26.79 -13.24
N LEU A 106 -4.04 -27.35 -13.68
CA LEU A 106 -3.03 -27.86 -12.78
C LEU A 106 -2.50 -26.75 -11.88
N ASN A 107 -2.10 -25.64 -12.50
CA ASN A 107 -1.59 -24.50 -11.76
C ASN A 107 -2.57 -24.15 -10.65
N LEU A 108 -3.82 -23.98 -11.05
CA LEU A 108 -4.91 -23.66 -10.12
C LEU A 108 -4.90 -24.64 -8.94
N ALA A 109 -4.75 -25.93 -9.25
CA ALA A 109 -4.72 -26.94 -8.21
C ALA A 109 -3.69 -26.50 -7.17
N ASN A 110 -2.44 -26.32 -7.60
CA ASN A 110 -1.37 -25.91 -6.70
C ASN A 110 -1.78 -24.68 -5.89
N LEU A 111 -2.44 -23.72 -6.54
CA LEU A 111 -2.88 -22.51 -5.86
C LEU A 111 -3.84 -22.83 -4.73
N ALA A 112 -4.82 -23.68 -5.05
CA ALA A 112 -5.83 -24.10 -4.10
C ALA A 112 -5.17 -24.78 -2.91
N GLU A 113 -4.21 -25.64 -3.19
CA GLU A 113 -3.50 -26.35 -2.15
C GLU A 113 -2.85 -25.39 -1.16
N GLU A 114 -2.12 -24.40 -1.66
CA GLU A 114 -1.46 -23.45 -0.77
C GLU A 114 -2.47 -22.84 0.18
N VAL A 115 -3.53 -22.30 -0.37
CA VAL A 115 -4.59 -21.69 0.43
C VAL A 115 -5.12 -22.68 1.48
N GLN A 116 -5.46 -23.88 1.04
CA GLN A 116 -5.96 -24.87 1.96
C GLN A 116 -4.99 -25.16 3.09
N ILE A 117 -3.70 -25.25 2.75
CA ILE A 117 -2.67 -25.50 3.75
C ILE A 117 -2.64 -24.35 4.75
N ALA A 118 -2.65 -23.11 4.27
CA ALA A 118 -2.63 -21.95 5.15
C ALA A 118 -3.80 -21.92 6.12
N HIS A 119 -5.03 -22.04 5.61
CA HIS A 119 -6.21 -22.02 6.47
C HIS A 119 -6.12 -23.10 7.53
N ARG A 120 -5.99 -24.35 7.08
CA ARG A 120 -5.91 -25.47 8.00
C ARG A 120 -4.96 -25.24 9.16
N ARG A 121 -3.66 -25.32 8.89
CA ARG A 121 -2.66 -25.17 9.92
C ARG A 121 -2.73 -23.98 10.86
N ARG A 122 -3.40 -22.91 10.45
CA ARG A 122 -3.52 -21.78 11.36
C ARG A 122 -4.72 -22.05 12.24
N ASN A 123 -5.80 -22.55 11.64
CA ASN A 123 -7.02 -22.90 12.39
C ASN A 123 -6.76 -24.11 13.26
N SER A 141 8.97 -25.23 12.10
CA SER A 141 7.51 -25.11 12.42
C SER A 141 7.16 -23.75 13.06
N ASP A 142 7.43 -23.62 14.35
CA ASP A 142 7.16 -22.39 15.06
C ASP A 142 8.31 -22.16 16.04
N ILE A 143 8.81 -20.94 16.12
CA ILE A 143 9.90 -20.66 17.04
C ILE A 143 9.40 -20.82 18.48
N GLU A 144 8.27 -20.19 18.79
CA GLU A 144 7.70 -20.27 20.13
C GLU A 144 7.67 -21.73 20.59
N GLU A 145 7.44 -22.63 19.64
CA GLU A 145 7.40 -24.05 19.91
C GLU A 145 8.81 -24.50 20.26
N THR A 146 9.71 -24.43 19.29
CA THR A 146 11.10 -24.84 19.45
C THR A 146 11.80 -24.21 20.66
N LEU A 147 11.34 -23.04 21.09
CA LEU A 147 11.95 -22.40 22.25
C LEU A 147 11.44 -23.12 23.48
N LYS A 148 10.13 -23.16 23.63
CA LYS A 148 9.52 -23.84 24.76
C LYS A 148 10.05 -25.26 24.86
N ARG A 149 10.13 -25.95 23.72
CA ARG A 149 10.63 -27.32 23.67
C ARG A 149 12.08 -27.37 24.12
N LEU A 150 12.92 -26.50 23.58
CA LEU A 150 14.33 -26.49 23.96
C LEU A 150 14.52 -26.17 25.45
N VAL A 151 13.81 -25.16 25.94
CA VAL A 151 13.92 -24.78 27.35
C VAL A 151 13.27 -25.81 28.27
N SER A 152 12.09 -26.31 27.86
CA SER A 152 11.35 -27.31 28.65
C SER A 152 11.94 -28.71 28.50
N GLU A 153 11.58 -29.40 27.41
CA GLU A 153 12.07 -30.75 27.14
C GLU A 153 13.60 -30.86 27.21
N VAL A 154 14.30 -30.30 26.25
CA VAL A 154 15.76 -30.37 26.25
C VAL A 154 16.36 -29.63 27.44
N GLY A 155 15.57 -28.77 28.07
CA GLY A 155 16.04 -28.02 29.23
C GLY A 155 17.26 -27.15 28.97
N LYS A 156 17.03 -25.88 28.67
CA LYS A 156 18.11 -24.94 28.40
C LYS A 156 17.81 -23.60 29.04
N SER A 157 18.79 -23.02 29.71
CA SER A 157 18.61 -21.73 30.34
C SER A 157 18.17 -20.72 29.27
N PRO A 158 17.03 -20.05 29.49
CA PRO A 158 16.54 -19.06 28.51
C PRO A 158 17.65 -18.09 28.05
N GLU A 159 18.65 -17.90 28.92
CA GLU A 159 19.77 -17.03 28.60
C GLU A 159 20.58 -17.69 27.48
N GLU A 160 20.70 -19.01 27.59
CA GLU A 160 21.43 -19.81 26.61
C GLU A 160 20.78 -19.62 25.25
N VAL A 161 19.46 -19.79 25.23
CA VAL A 161 18.69 -19.64 24.01
C VAL A 161 18.95 -18.25 23.45
N PHE A 162 18.49 -17.25 24.21
CA PHE A 162 18.63 -15.85 23.86
C PHE A 162 20.00 -15.57 23.24
N GLU A 163 21.05 -15.98 23.94
CA GLU A 163 22.41 -15.76 23.45
C GLU A 163 22.61 -16.42 22.09
N ALA A 164 22.34 -17.72 22.04
CA ALA A 164 22.47 -18.51 20.83
C ALA A 164 21.76 -17.83 19.69
N LEU A 165 20.55 -17.37 19.98
CA LEU A 165 19.73 -16.70 19.00
C LEU A 165 20.44 -15.44 18.50
N LYS A 166 21.02 -14.69 19.43
CA LYS A 166 21.74 -13.46 19.11
C LYS A 166 22.93 -13.71 18.20
N ASN A 167 23.60 -14.83 18.42
CA ASN A 167 24.79 -15.18 17.64
C ASN A 167 24.50 -16.05 16.42
N GLN A 168 23.24 -16.08 16.01
CA GLN A 168 22.84 -16.88 14.87
C GLN A 168 22.47 -16.05 13.65
N THR A 169 22.85 -16.53 12.46
CA THR A 169 22.53 -15.84 11.21
C THR A 169 22.38 -16.79 10.03
N VAL A 170 21.18 -16.80 9.43
CA VAL A 170 20.91 -17.65 8.28
C VAL A 170 20.82 -16.80 7.00
N ASP A 171 21.88 -16.82 6.21
CA ASP A 171 21.92 -16.05 4.96
C ASP A 171 21.36 -16.87 3.81
N LEU A 172 20.23 -16.41 3.25
CA LEU A 172 19.57 -17.10 2.14
C LEU A 172 19.89 -16.39 0.85
N VAL A 173 20.65 -17.03 -0.03
CA VAL A 173 20.99 -16.37 -1.28
C VAL A 173 20.16 -16.85 -2.47
N PHE A 174 19.45 -15.92 -3.12
CA PHE A 174 18.62 -16.27 -4.29
C PHE A 174 19.54 -16.39 -5.47
N THR A 175 19.22 -17.33 -6.35
CA THR A 175 20.03 -17.56 -7.53
C THR A 175 19.07 -17.78 -8.66
N ALA A 176 19.48 -17.43 -9.86
CA ALA A 176 18.62 -17.59 -11.01
C ALA A 176 18.90 -18.85 -11.78
N HIS A 177 18.91 -20.01 -11.12
CA HIS A 177 19.14 -21.26 -11.83
C HIS A 177 17.89 -21.49 -12.67
N PRO A 178 18.03 -21.86 -13.96
CA PRO A 178 16.88 -22.10 -14.85
C PRO A 178 15.95 -23.19 -14.35
N THR A 179 15.36 -22.95 -13.18
CA THR A 179 14.47 -23.90 -12.52
C THR A 179 13.01 -23.38 -12.53
N GLN A 180 12.82 -22.09 -12.81
CA GLN A 180 11.48 -21.48 -12.84
C GLN A 180 10.79 -21.59 -14.22
N SER A 181 9.65 -22.29 -14.27
CA SER A 181 8.93 -22.48 -15.53
C SER A 181 7.93 -21.38 -15.89
N ALA A 182 7.12 -21.00 -14.92
CA ALA A 182 6.12 -19.98 -15.15
C ALA A 182 6.83 -18.67 -15.42
N ARG A 183 6.15 -17.77 -16.12
CA ARG A 183 6.70 -16.47 -16.38
C ARG A 183 6.06 -15.47 -15.43
N ARG A 184 6.78 -14.40 -15.13
CA ARG A 184 6.31 -13.36 -14.23
C ARG A 184 4.84 -12.99 -14.46
N SER A 185 4.41 -13.04 -15.73
CA SER A 185 3.04 -12.71 -16.12
C SER A 185 2.04 -13.61 -15.41
N LEU A 186 2.26 -14.91 -15.45
CA LEU A 186 1.37 -15.85 -14.80
C LEU A 186 1.62 -15.88 -13.28
N LEU A 187 2.87 -15.71 -12.87
CA LEU A 187 3.18 -15.72 -11.45
C LEU A 187 2.48 -14.55 -10.79
N GLN A 188 2.20 -13.52 -11.57
CA GLN A 188 1.53 -12.34 -11.05
C GLN A 188 0.05 -12.66 -10.86
N LYS A 189 -0.61 -13.11 -11.91
CA LYS A 189 -2.03 -13.45 -11.85
C LYS A 189 -2.28 -14.38 -10.66
N ASN A 190 -1.31 -15.25 -10.39
CA ASN A 190 -1.42 -16.20 -9.29
C ASN A 190 -1.53 -15.52 -7.95
N ALA A 191 -0.57 -14.67 -7.64
CA ALA A 191 -0.60 -13.97 -6.37
C ALA A 191 -1.92 -13.23 -6.22
N ARG A 192 -2.53 -12.86 -7.35
CA ARG A 192 -3.80 -12.16 -7.32
C ARG A 192 -4.93 -13.13 -7.01
N ILE A 193 -4.84 -14.32 -7.58
CA ILE A 193 -5.87 -15.32 -7.38
C ILE A 193 -5.79 -15.84 -5.96
N ARG A 194 -4.58 -16.07 -5.47
CA ARG A 194 -4.39 -16.55 -4.10
C ARG A 194 -5.14 -15.61 -3.17
N ASN A 195 -4.76 -14.35 -3.26
CA ASN A 195 -5.33 -13.30 -2.46
C ASN A 195 -6.85 -13.22 -2.60
N CYS A 196 -7.36 -13.32 -3.82
CA CYS A 196 -8.80 -13.26 -4.01
C CYS A 196 -9.43 -14.47 -3.31
N LEU A 197 -8.84 -15.65 -3.52
CA LEU A 197 -9.36 -16.87 -2.92
C LEU A 197 -9.45 -16.79 -1.40
N THR A 198 -8.49 -16.12 -0.76
CA THR A 198 -8.48 -15.98 0.69
C THR A 198 -9.62 -15.10 1.15
N GLN A 199 -9.65 -13.87 0.66
CA GLN A 199 -10.69 -12.91 1.01
C GLN A 199 -12.05 -13.46 0.67
N LEU A 200 -12.05 -14.45 -0.20
CA LEU A 200 -13.29 -15.07 -0.63
C LEU A 200 -13.85 -15.94 0.49
N ASN A 201 -12.99 -16.33 1.43
CA ASN A 201 -13.39 -17.15 2.56
C ASN A 201 -13.51 -16.31 3.79
N ALA A 202 -13.65 -15.00 3.58
CA ALA A 202 -13.81 -14.07 4.68
C ALA A 202 -15.17 -14.37 5.29
N LYS A 203 -15.20 -14.54 6.60
CA LYS A 203 -16.44 -14.87 7.30
C LYS A 203 -17.22 -13.64 7.76
N ASP A 204 -16.99 -12.51 7.08
CA ASP A 204 -17.67 -11.28 7.45
C ASP A 204 -18.03 -10.44 6.23
N ILE A 205 -17.75 -10.96 5.04
CA ILE A 205 -18.04 -10.22 3.83
C ILE A 205 -19.51 -10.38 3.46
N THR A 206 -20.14 -9.25 3.16
CA THR A 206 -21.55 -9.24 2.80
C THR A 206 -21.76 -10.05 1.53
N ASP A 207 -22.98 -9.98 1.00
CA ASP A 207 -23.33 -10.69 -0.22
C ASP A 207 -22.73 -10.01 -1.44
N ASP A 208 -23.00 -8.71 -1.55
CA ASP A 208 -22.47 -7.94 -2.66
C ASP A 208 -20.95 -8.00 -2.61
N ASP A 209 -20.39 -7.89 -1.42
CA ASP A 209 -18.95 -7.96 -1.27
C ASP A 209 -18.44 -9.19 -2.01
N LYS A 210 -18.85 -10.37 -1.55
CA LYS A 210 -18.44 -11.64 -2.18
C LYS A 210 -18.64 -11.65 -3.69
N GLN A 211 -19.85 -11.32 -4.11
CA GLN A 211 -20.20 -11.28 -5.52
C GLN A 211 -19.14 -10.65 -6.39
N GLU A 212 -18.63 -9.50 -5.94
CA GLU A 212 -17.60 -8.78 -6.67
C GLU A 212 -16.28 -9.52 -6.65
N LEU A 213 -15.86 -9.99 -5.48
CA LEU A 213 -14.60 -10.74 -5.31
C LEU A 213 -14.57 -11.91 -6.27
N ASP A 214 -15.72 -12.53 -6.47
CA ASP A 214 -15.81 -13.66 -7.38
C ASP A 214 -15.46 -13.19 -8.78
N GLU A 215 -16.23 -12.21 -9.27
CA GLU A 215 -16.01 -11.62 -10.59
C GLU A 215 -14.54 -11.36 -10.79
N ALA A 216 -13.91 -10.92 -9.70
CA ALA A 216 -12.48 -10.63 -9.67
C ALA A 216 -11.70 -11.89 -10.01
N LEU A 217 -11.89 -12.91 -9.19
CA LEU A 217 -11.24 -14.20 -9.34
C LEU A 217 -11.36 -14.74 -10.77
N GLN A 218 -12.53 -14.61 -11.36
CA GLN A 218 -12.74 -15.10 -12.71
C GLN A 218 -11.97 -14.36 -13.76
N ARG A 219 -12.08 -13.04 -13.80
CA ARG A 219 -11.36 -12.31 -14.83
C ARG A 219 -9.85 -12.51 -14.74
N GLU A 220 -9.32 -12.70 -13.52
CA GLU A 220 -7.87 -12.93 -13.39
C GLU A 220 -7.57 -14.31 -13.98
N ILE A 221 -8.46 -15.26 -13.73
CA ILE A 221 -8.30 -16.59 -14.29
C ILE A 221 -8.29 -16.47 -15.82
N GLN A 222 -9.28 -15.77 -16.35
CA GLN A 222 -9.39 -15.57 -17.78
C GLN A 222 -8.22 -14.79 -18.35
N ALA A 223 -7.79 -13.77 -17.63
CA ALA A 223 -6.66 -12.96 -18.06
C ALA A 223 -5.41 -13.81 -18.18
N ALA A 224 -5.21 -14.68 -17.19
CA ALA A 224 -4.07 -15.57 -17.18
C ALA A 224 -4.21 -16.53 -18.36
N PHE A 225 -5.43 -17.02 -18.57
CA PHE A 225 -5.68 -17.95 -19.65
C PHE A 225 -5.46 -17.27 -20.99
N ARG A 226 -5.67 -15.96 -21.02
CA ARG A 226 -5.53 -15.18 -22.24
C ARG A 226 -4.13 -14.71 -22.63
N THR A 227 -3.17 -14.91 -21.73
CA THR A 227 -1.79 -14.51 -21.98
C THR A 227 -0.99 -15.73 -22.44
N ASP A 228 0.00 -15.55 -23.30
CA ASP A 228 0.80 -16.68 -23.79
C ASP A 228 1.81 -17.06 -22.72
N GLU A 229 1.83 -18.33 -22.30
CA GLU A 229 2.75 -18.75 -21.25
C GLU A 229 4.06 -19.27 -21.79
N ILE A 230 4.25 -19.19 -23.09
CA ILE A 230 5.50 -19.66 -23.67
C ILE A 230 6.44 -18.49 -23.82
N ARG A 231 7.34 -18.29 -22.86
CA ARG A 231 8.27 -17.17 -22.98
C ARG A 231 8.94 -17.34 -24.33
N ARG A 232 8.86 -16.33 -25.18
CA ARG A 232 9.44 -16.44 -26.51
C ARG A 232 10.88 -16.03 -26.69
N ALA A 233 11.47 -15.35 -25.71
CA ALA A 233 12.87 -14.93 -25.82
C ALA A 233 13.59 -15.28 -24.55
N GLN A 234 14.90 -15.41 -24.60
CA GLN A 234 15.62 -15.72 -23.38
C GLN A 234 15.70 -14.46 -22.54
N PRO A 235 15.56 -14.58 -21.21
CA PRO A 235 15.64 -13.43 -20.33
C PRO A 235 17.06 -12.88 -20.25
N THR A 236 17.21 -11.69 -19.72
CA THR A 236 18.50 -11.07 -19.60
C THR A 236 18.94 -11.19 -18.16
N PRO A 237 20.22 -11.00 -17.89
CA PRO A 237 20.69 -11.10 -16.51
C PRO A 237 20.02 -10.01 -15.68
N GLN A 238 19.84 -8.84 -16.28
CA GLN A 238 19.20 -7.72 -15.60
C GLN A 238 17.74 -8.04 -15.34
N ALA A 239 17.09 -8.70 -16.31
CA ALA A 239 15.69 -9.08 -16.18
C ALA A 239 15.55 -10.12 -15.03
N GLU A 240 16.45 -11.09 -14.98
CA GLU A 240 16.43 -12.10 -13.93
C GLU A 240 16.55 -11.45 -12.57
N MET A 241 17.48 -10.51 -12.41
CA MET A 241 17.66 -9.85 -11.13
C MET A 241 16.38 -9.11 -10.77
N ARG A 242 15.70 -8.57 -11.80
CA ARG A 242 14.46 -7.83 -11.57
C ARG A 242 13.36 -8.77 -11.09
N TYR A 243 13.50 -10.05 -11.40
CA TYR A 243 12.54 -11.09 -10.96
C TYR A 243 12.74 -11.39 -9.47
N GLY A 244 13.89 -11.96 -9.13
CA GLY A 244 14.17 -12.29 -7.74
C GLY A 244 14.04 -11.09 -6.83
N MET A 245 14.16 -9.89 -7.41
CA MET A 245 14.07 -8.68 -6.61
C MET A 245 12.62 -8.42 -6.24
N SER A 246 11.72 -8.74 -7.16
CA SER A 246 10.30 -8.54 -6.96
C SER A 246 9.85 -9.03 -5.58
N TYR A 247 10.40 -10.14 -5.12
CA TYR A 247 10.03 -10.67 -3.81
C TYR A 247 10.50 -9.78 -2.67
N ILE A 248 11.69 -9.21 -2.81
CA ILE A 248 12.22 -8.38 -1.75
C ILE A 248 11.33 -7.19 -1.47
N HIS A 249 11.05 -6.40 -2.49
CA HIS A 249 10.22 -5.22 -2.27
C HIS A 249 8.75 -5.47 -2.47
N GLU A 250 8.30 -6.65 -2.09
CA GLU A 250 6.88 -6.93 -2.22
C GLU A 250 6.38 -7.86 -1.14
N THR A 251 7.28 -8.66 -0.55
CA THR A 251 6.88 -9.55 0.52
C THR A 251 7.94 -9.69 1.61
N VAL A 252 9.21 -9.73 1.24
CA VAL A 252 10.25 -9.87 2.26
C VAL A 252 10.58 -8.56 2.96
N TRP A 253 10.50 -7.44 2.26
CA TRP A 253 10.80 -6.14 2.85
C TRP A 253 9.99 -5.88 4.13
N LYS A 254 8.66 -5.85 3.99
CA LYS A 254 7.79 -5.63 5.14
C LYS A 254 7.53 -6.91 5.93
N GLY A 255 8.13 -8.02 5.51
CA GLY A 255 7.96 -9.27 6.21
C GLY A 255 8.94 -9.39 7.36
N VAL A 256 10.22 -9.29 7.05
CA VAL A 256 11.28 -9.38 8.06
C VAL A 256 10.90 -8.73 9.39
N PRO A 257 10.57 -7.43 9.36
CA PRO A 257 10.19 -6.74 10.60
C PRO A 257 9.09 -7.44 11.41
N LYS A 258 8.11 -8.00 10.70
CA LYS A 258 7.00 -8.70 11.34
C LYS A 258 7.49 -10.01 11.94
N PHE A 259 8.37 -10.68 11.21
CA PHE A 259 8.91 -11.94 11.67
C PHE A 259 9.57 -11.73 13.03
N LEU A 260 10.38 -10.68 13.11
CA LEU A 260 11.06 -10.37 14.35
C LEU A 260 10.09 -10.08 15.48
N ARG A 261 9.08 -9.26 15.22
CA ARG A 261 8.08 -8.93 16.23
C ARG A 261 7.59 -10.17 16.93
N ARG A 262 7.48 -11.25 16.16
CA ARG A 262 7.02 -12.55 16.65
C ARG A 262 8.15 -13.19 17.44
N VAL A 263 9.37 -13.07 16.93
CA VAL A 263 10.53 -13.62 17.63
C VAL A 263 10.67 -12.91 18.98
N ASP A 264 10.09 -11.72 19.09
CA ASP A 264 10.13 -10.98 20.34
C ASP A 264 9.07 -11.60 21.25
N THR A 265 7.83 -11.61 20.77
CA THR A 265 6.72 -12.18 21.52
C THR A 265 7.10 -13.55 22.05
N ALA A 266 7.81 -14.33 21.23
CA ALA A 266 8.22 -15.65 21.65
C ALA A 266 9.18 -15.53 22.83
N LEU A 267 10.25 -14.76 22.65
CA LEU A 267 11.22 -14.58 23.72
C LEU A 267 10.57 -14.28 25.07
N LYS A 268 9.68 -13.30 25.10
CA LYS A 268 8.99 -12.93 26.33
C LYS A 268 8.17 -14.08 26.88
N ASN A 269 7.66 -14.94 26.00
CA ASN A 269 6.86 -16.09 26.43
C ASN A 269 7.71 -17.15 27.07
N ILE A 270 9.02 -16.95 27.10
CA ILE A 270 9.95 -17.95 27.64
C ILE A 270 10.65 -17.30 28.84
N GLY A 271 10.18 -16.10 29.16
CA GLY A 271 10.72 -15.38 30.31
C GLY A 271 11.52 -14.18 29.93
N ILE A 272 12.40 -14.37 28.96
CA ILE A 272 13.24 -13.31 28.48
C ILE A 272 12.41 -12.07 28.15
N ASN A 273 12.34 -11.16 29.11
CA ASN A 273 11.58 -9.93 28.98
C ASN A 273 12.41 -8.87 28.28
N GLU A 274 13.03 -9.25 27.18
CA GLU A 274 13.84 -8.32 26.42
C GLU A 274 13.70 -8.71 24.95
N ARG A 275 13.43 -7.72 24.10
CA ARG A 275 13.29 -7.99 22.67
C ARG A 275 14.65 -8.39 22.16
N LEU A 276 14.71 -8.83 20.90
CA LEU A 276 15.98 -9.22 20.33
C LEU A 276 16.66 -7.95 19.79
N PRO A 277 17.89 -7.67 20.24
CA PRO A 277 18.63 -6.48 19.79
C PRO A 277 18.49 -6.23 18.29
N TYR A 278 18.23 -4.98 17.94
CA TYR A 278 18.03 -4.64 16.54
C TYR A 278 19.28 -4.76 15.68
N ASN A 279 20.44 -4.85 16.32
CA ASN A 279 21.66 -4.96 15.55
C ASN A 279 21.82 -6.39 15.07
N VAL A 280 21.35 -7.34 15.88
CA VAL A 280 21.45 -8.75 15.53
C VAL A 280 20.62 -9.01 14.29
N SER A 281 21.15 -9.83 13.38
CA SER A 281 20.44 -10.14 12.16
C SER A 281 20.29 -11.67 12.01
N LEU A 282 19.12 -12.19 12.38
CA LEU A 282 18.80 -13.61 12.31
C LEU A 282 18.82 -14.19 10.89
N ILE A 283 18.40 -13.39 9.93
CA ILE A 283 18.36 -13.81 8.54
C ILE A 283 18.80 -12.67 7.62
N ARG A 284 19.55 -13.03 6.59
CA ARG A 284 20.04 -12.08 5.63
C ARG A 284 19.86 -12.66 4.25
N PHE A 285 19.69 -11.77 3.27
CA PHE A 285 19.50 -12.19 1.90
C PHE A 285 20.63 -11.73 0.99
N SER A 286 21.13 -12.64 0.17
CA SER A 286 22.19 -12.34 -0.78
C SER A 286 21.67 -12.72 -2.15
N SER A 287 22.41 -12.41 -3.20
CA SER A 287 21.96 -12.74 -4.54
C SER A 287 23.10 -13.13 -5.44
N TRP A 288 22.78 -13.90 -6.48
CA TRP A 288 23.77 -14.34 -7.47
C TRP A 288 23.42 -13.71 -8.81
N MET A 289 22.23 -13.14 -8.93
CA MET A 289 21.78 -12.49 -10.17
C MET A 289 22.58 -11.24 -10.47
N GLY A 290 23.62 -11.42 -11.31
CA GLY A 290 24.48 -10.33 -11.67
C GLY A 290 25.92 -10.58 -11.24
N GLY A 291 26.11 -11.35 -10.18
CA GLY A 291 27.45 -11.65 -9.68
C GLY A 291 28.07 -12.93 -10.23
N ASP A 292 27.29 -14.01 -10.24
CA ASP A 292 27.73 -15.30 -10.77
C ASP A 292 27.94 -15.13 -12.26
N ARG A 293 29.17 -15.35 -12.73
CA ARG A 293 29.46 -15.20 -14.15
C ARG A 293 30.18 -16.42 -14.68
N ASP A 294 30.09 -17.50 -13.93
CA ASP A 294 30.72 -18.75 -14.33
C ASP A 294 29.96 -19.36 -15.51
N GLY A 295 30.67 -19.57 -16.62
CA GLY A 295 30.03 -20.17 -17.78
C GLY A 295 28.96 -19.34 -18.46
N ASN A 296 28.68 -18.16 -17.92
CA ASN A 296 27.67 -17.31 -18.54
C ASN A 296 28.26 -15.97 -18.97
N PRO A 297 28.70 -15.88 -20.23
CA PRO A 297 29.31 -14.68 -20.81
C PRO A 297 28.45 -13.42 -20.78
N ARG A 298 27.13 -13.57 -20.77
CA ARG A 298 26.25 -12.42 -20.75
C ARG A 298 26.33 -11.56 -19.51
N VAL A 299 26.84 -12.12 -18.41
CA VAL A 299 26.98 -11.33 -17.21
C VAL A 299 28.32 -10.63 -17.27
N THR A 300 28.37 -9.58 -18.07
CA THR A 300 29.58 -8.80 -18.24
C THR A 300 29.84 -7.95 -17.01
N PRO A 301 31.02 -7.31 -16.93
CA PRO A 301 31.30 -6.48 -15.77
C PRO A 301 30.39 -5.26 -15.64
N GLU A 302 29.72 -4.89 -16.74
CA GLU A 302 28.83 -3.76 -16.70
C GLU A 302 27.51 -4.20 -16.11
N VAL A 303 27.06 -5.39 -16.50
CA VAL A 303 25.81 -5.95 -15.99
C VAL A 303 25.77 -5.85 -14.47
N THR A 304 26.93 -6.06 -13.83
CA THR A 304 27.02 -6.00 -12.38
C THR A 304 26.90 -4.57 -11.87
N ARG A 305 27.48 -3.64 -12.60
CA ARG A 305 27.42 -2.24 -12.21
C ARG A 305 25.96 -1.83 -12.21
N ASP A 306 25.31 -2.11 -13.33
CA ASP A 306 23.91 -1.78 -13.52
C ASP A 306 23.01 -2.38 -12.45
N VAL A 307 22.99 -3.71 -12.36
CA VAL A 307 22.15 -4.39 -11.39
C VAL A 307 22.47 -3.93 -9.97
N CYS A 308 23.76 -3.79 -9.65
CA CYS A 308 24.15 -3.39 -8.30
C CYS A 308 23.87 -1.92 -8.00
N LEU A 309 23.67 -1.13 -9.05
CA LEU A 309 23.39 0.28 -8.89
C LEU A 309 21.88 0.43 -8.74
N LEU A 310 21.16 -0.20 -9.66
CA LEU A 310 19.70 -0.20 -9.66
C LEU A 310 19.12 -0.70 -8.32
N ALA A 311 19.75 -1.73 -7.77
CA ALA A 311 19.31 -2.29 -6.50
C ALA A 311 19.50 -1.28 -5.38
N ARG A 312 20.57 -0.51 -5.47
CA ARG A 312 20.84 0.50 -4.45
C ARG A 312 19.80 1.61 -4.49
N MET A 313 19.30 1.91 -5.68
CA MET A 313 18.29 2.95 -5.86
C MET A 313 16.97 2.49 -5.27
N MET A 314 16.69 1.20 -5.40
CA MET A 314 15.46 0.63 -4.87
C MET A 314 15.44 0.73 -3.37
N ALA A 315 16.56 0.39 -2.73
CA ALA A 315 16.65 0.47 -1.28
C ALA A 315 16.39 1.91 -0.83
N ALA A 316 17.12 2.82 -1.46
CA ALA A 316 17.02 4.25 -1.20
C ALA A 316 15.57 4.67 -1.26
N ASN A 317 14.90 4.21 -2.31
CA ASN A 317 13.51 4.51 -2.55
C ASN A 317 12.59 3.98 -1.44
N LEU A 318 12.79 2.72 -1.07
CA LEU A 318 11.99 2.08 -0.03
C LEU A 318 12.07 2.84 1.26
N TYR A 319 13.30 3.06 1.71
CA TYR A 319 13.53 3.76 2.98
C TYR A 319 12.84 5.12 3.04
N ILE A 320 12.76 5.82 1.91
CA ILE A 320 12.13 7.13 1.90
C ILE A 320 10.69 7.02 2.35
N ASP A 321 9.96 6.07 1.79
CA ASP A 321 8.57 5.89 2.18
C ASP A 321 8.55 5.61 3.66
N GLN A 322 9.57 4.91 4.13
CA GLN A 322 9.67 4.60 5.53
C GLN A 322 9.82 5.86 6.37
N ILE A 323 10.90 6.60 6.12
CA ILE A 323 11.20 7.84 6.81
C ILE A 323 10.08 8.87 6.66
N GLU A 324 9.69 9.13 5.41
CA GLU A 324 8.63 10.11 5.10
C GLU A 324 7.46 10.01 6.07
N GLU A 325 7.06 8.78 6.39
CA GLU A 325 5.96 8.54 7.30
C GLU A 325 6.43 8.59 8.74
N LEU A 326 7.55 7.92 9.02
CA LEU A 326 8.13 7.89 10.35
C LEU A 326 8.14 9.30 10.93
N MET A 327 8.50 10.27 10.09
CA MET A 327 8.52 11.66 10.51
C MET A 327 7.16 11.99 11.09
N PHE A 328 6.11 11.63 10.36
CA PHE A 328 4.76 11.90 10.81
C PHE A 328 4.45 11.29 12.17
N GLU A 329 5.10 10.17 12.50
CA GLU A 329 4.85 9.48 13.77
C GLU A 329 5.62 10.04 14.96
N LEU A 330 6.92 10.27 14.80
CA LEU A 330 7.75 10.79 15.89
C LEU A 330 7.62 12.29 16.11
N SER A 331 6.41 12.74 16.39
CA SER A 331 6.13 14.14 16.61
C SER A 331 6.31 14.55 18.06
N MET A 332 7.25 13.91 18.76
CA MET A 332 7.49 14.25 20.16
C MET A 332 8.38 15.48 20.24
N TRP A 333 8.47 16.05 21.44
CA TRP A 333 9.31 17.22 21.67
C TRP A 333 10.31 16.94 22.79
N ARG A 334 9.91 16.11 23.75
CA ARG A 334 10.76 15.73 24.89
C ARG A 334 11.92 14.85 24.38
N CYS A 335 13.08 15.46 24.19
CA CYS A 335 14.24 14.74 23.67
C CYS A 335 15.51 14.77 24.53
N ASN A 336 16.43 13.90 24.14
CA ASN A 336 17.73 13.71 24.77
C ASN A 336 18.50 15.03 24.80
N ASP A 337 19.35 15.20 25.80
CA ASP A 337 20.16 16.41 25.91
C ASP A 337 21.04 16.42 24.67
N GLU A 338 21.41 15.21 24.24
CA GLU A 338 22.26 14.99 23.08
C GLU A 338 21.58 15.28 21.76
N LEU A 339 20.35 14.81 21.62
CA LEU A 339 19.62 15.04 20.39
C LEU A 339 19.31 16.51 20.23
N ARG A 340 19.08 17.19 21.36
CA ARG A 340 18.76 18.62 21.33
C ARG A 340 19.81 19.39 20.55
N VAL A 341 21.07 19.09 20.83
CA VAL A 341 22.19 19.75 20.16
C VAL A 341 22.11 19.44 18.68
N ARG A 342 22.33 18.16 18.36
CA ARG A 342 22.30 17.65 17.00
C ARG A 342 21.19 18.30 16.19
N ALA A 343 20.02 18.43 16.80
CA ALA A 343 18.88 19.03 16.13
C ALA A 343 19.07 20.50 15.83
N GLU A 344 19.39 21.29 16.84
CA GLU A 344 19.59 22.72 16.66
C GLU A 344 20.56 23.07 15.56
N GLU A 345 21.66 22.34 15.50
CA GLU A 345 22.69 22.56 14.49
C GLU A 345 22.12 22.44 13.09
N LEU A 346 21.32 21.41 12.87
CA LEU A 346 20.71 21.17 11.57
C LEU A 346 19.68 22.25 11.24
N HIS A 347 19.14 22.89 12.28
CA HIS A 347 18.14 23.94 12.08
C HIS A 347 18.72 25.18 11.40
N SER A 348 19.83 25.67 11.95
CA SER A 348 20.50 26.85 11.41
C SER A 348 21.26 26.52 10.13
N SER A 349 21.69 25.27 10.01
CA SER A 349 22.46 24.81 8.85
C SER A 349 21.60 24.75 7.57
N SER A 350 20.36 24.30 7.72
CA SER A 350 19.44 24.20 6.58
C SER A 350 19.06 25.60 6.10
N GLY A 351 18.27 26.30 6.90
CA GLY A 351 17.83 27.65 6.57
C GLY A 351 16.97 27.76 5.32
N SER A 352 16.95 26.70 4.50
CA SER A 352 16.17 26.67 3.28
C SER A 352 14.84 25.98 3.55
N LYS A 353 13.78 26.44 2.91
CA LYS A 353 12.46 25.86 3.10
C LYS A 353 11.65 25.87 1.82
N VAL A 354 12.22 26.47 0.79
CA VAL A 354 11.55 26.60 -0.51
C VAL A 354 11.26 25.28 -1.25
N THR A 355 11.42 24.13 -0.60
CA THR A 355 11.14 22.84 -1.25
C THR A 355 9.65 22.62 -1.46
N LYS A 356 9.12 23.26 -2.50
CA LYS A 356 7.71 23.23 -2.88
C LYS A 356 7.24 21.90 -3.49
N TYR A 357 8.16 21.16 -4.11
CA TYR A 357 7.82 19.89 -4.74
C TYR A 357 7.66 18.72 -3.75
N TYR A 358 7.87 18.99 -2.46
CA TYR A 358 7.73 17.97 -1.42
C TYR A 358 6.28 17.83 -0.97
N ILE A 359 5.70 16.66 -1.24
CA ILE A 359 4.32 16.42 -0.85
C ILE A 359 4.11 16.65 0.66
N GLU A 360 5.01 16.11 1.48
CA GLU A 360 4.85 16.28 2.91
C GLU A 360 6.11 16.80 3.59
N PHE A 361 5.94 17.74 4.52
CA PHE A 361 7.06 18.35 5.23
C PHE A 361 7.90 19.18 4.26
N TRP A 362 7.24 20.13 3.61
CA TRP A 362 7.87 20.99 2.61
C TRP A 362 8.64 22.19 3.18
N LYS A 363 7.98 22.98 4.03
CA LYS A 363 8.65 24.13 4.62
C LYS A 363 9.52 23.66 5.77
N GLN A 364 10.47 24.50 6.16
CA GLN A 364 11.38 24.11 7.23
C GLN A 364 10.68 23.66 8.49
N ILE A 365 11.24 22.63 9.11
CA ILE A 365 10.69 22.09 10.34
C ILE A 365 11.27 22.85 11.52
N PRO A 366 10.41 23.30 12.45
CA PRO A 366 10.90 24.03 13.62
C PRO A 366 11.58 23.05 14.56
N PRO A 367 12.58 23.51 15.31
CA PRO A 367 13.27 22.62 16.25
C PRO A 367 12.36 22.24 17.42
N ASN A 368 11.12 22.69 17.34
CA ASN A 368 10.13 22.41 18.36
C ASN A 368 9.83 20.89 18.32
N GLU A 369 10.08 20.29 17.17
CA GLU A 369 9.84 18.86 16.96
C GLU A 369 11.18 18.23 16.61
N PRO A 370 12.05 18.06 17.62
CA PRO A 370 13.39 17.49 17.55
C PRO A 370 13.61 16.38 16.55
N TYR A 371 12.88 15.29 16.68
CA TYR A 371 13.04 14.15 15.78
C TYR A 371 12.65 14.44 14.33
N ARG A 372 11.56 15.16 14.12
CA ARG A 372 11.14 15.48 12.76
C ARG A 372 12.26 16.22 12.05
N VAL A 373 13.09 16.89 12.85
CA VAL A 373 14.23 17.66 12.34
C VAL A 373 15.33 16.76 11.77
N ILE A 374 15.82 15.85 12.60
CA ILE A 374 16.85 14.91 12.20
C ILE A 374 16.34 13.97 11.11
N LEU A 375 15.12 13.46 11.29
CA LEU A 375 14.50 12.58 10.33
C LEU A 375 14.44 13.23 8.97
N GLY A 376 13.98 14.48 8.95
CA GLY A 376 13.88 15.22 7.71
C GLY A 376 15.22 15.23 7.01
N HIS A 377 16.26 15.58 7.76
CA HIS A 377 17.61 15.62 7.21
C HIS A 377 17.94 14.27 6.57
N VAL A 378 17.76 13.20 7.33
CA VAL A 378 18.01 11.85 6.85
C VAL A 378 17.27 11.61 5.54
N ARG A 379 16.06 12.14 5.46
CA ARG A 379 15.24 11.99 4.26
C ARG A 379 15.87 12.69 3.06
N ASP A 380 16.21 13.96 3.23
CA ASP A 380 16.80 14.72 2.14
C ASP A 380 18.03 14.02 1.58
N LYS A 381 18.94 13.63 2.46
CA LYS A 381 20.15 12.94 2.03
C LYS A 381 19.75 11.69 1.27
N LEU A 382 18.64 11.07 1.68
CA LEU A 382 18.12 9.85 1.05
C LEU A 382 17.67 10.08 -0.40
N TYR A 383 17.13 11.27 -0.67
CA TYR A 383 16.67 11.62 -2.01
C TYR A 383 17.81 11.73 -2.99
N ASN A 384 18.92 12.31 -2.55
CA ASN A 384 20.08 12.47 -3.40
C ASN A 384 20.69 11.10 -3.64
N THR A 385 20.49 10.19 -2.68
CA THR A 385 21.02 8.86 -2.82
C THR A 385 20.23 8.15 -3.89
N ARG A 386 18.92 8.37 -3.90
CA ARG A 386 18.08 7.76 -4.91
C ARG A 386 18.36 8.38 -6.27
N GLU A 387 18.39 9.71 -6.31
CA GLU A 387 18.62 10.40 -7.55
C GLU A 387 20.05 10.20 -8.03
N ARG A 388 20.99 10.23 -7.10
CA ARG A 388 22.39 10.04 -7.44
C ARG A 388 22.47 8.80 -8.34
N ALA A 389 21.93 7.70 -7.83
CA ALA A 389 21.92 6.43 -8.53
C ALA A 389 21.21 6.54 -9.87
N ARG A 390 20.05 7.20 -9.87
CA ARG A 390 19.29 7.36 -11.10
C ARG A 390 20.19 7.90 -12.20
N HIS A 391 20.79 9.06 -11.94
CA HIS A 391 21.67 9.67 -12.92
C HIS A 391 22.77 8.69 -13.27
N LEU A 392 23.50 8.22 -12.27
CA LEU A 392 24.56 7.26 -12.51
C LEU A 392 24.09 6.21 -13.50
N LEU A 393 22.87 5.73 -13.29
CA LEU A 393 22.28 4.71 -14.17
C LEU A 393 21.90 5.29 -15.51
N ALA A 394 21.16 6.39 -15.49
CA ALA A 394 20.72 7.04 -16.71
C ALA A 394 21.91 7.48 -17.59
N SER A 395 22.62 8.52 -17.15
CA SER A 395 23.77 9.03 -17.89
C SER A 395 25.06 8.39 -17.39
N GLY A 396 26.14 9.12 -17.47
CA GLY A 396 27.41 8.60 -17.01
C GLY A 396 27.61 8.95 -15.55
N VAL A 397 27.35 10.20 -15.19
CA VAL A 397 27.53 10.64 -13.82
C VAL A 397 26.33 11.42 -13.29
N SER A 398 26.52 12.01 -12.11
CA SER A 398 25.49 12.80 -11.45
C SER A 398 26.08 14.09 -10.85
N GLU A 399 25.30 15.16 -10.94
CA GLU A 399 25.70 16.46 -10.40
C GLU A 399 25.82 16.28 -8.88
N ILE A 400 24.91 15.47 -8.34
CA ILE A 400 24.84 15.18 -6.92
C ILE A 400 26.17 14.64 -6.38
N SER A 401 26.69 15.30 -5.36
CA SER A 401 27.97 14.93 -4.77
C SER A 401 27.93 13.65 -3.98
N ALA A 402 29.11 13.10 -3.73
CA ALA A 402 29.23 11.88 -2.96
C ALA A 402 28.83 12.16 -1.52
N GLU A 403 29.41 13.21 -0.95
CA GLU A 403 29.11 13.58 0.43
C GLU A 403 27.66 13.96 0.64
N SER A 404 26.99 14.30 -0.45
CA SER A 404 25.58 14.71 -0.38
C SER A 404 24.65 13.52 -0.15
N SER A 405 25.16 12.32 -0.36
CA SER A 405 24.36 11.11 -0.20
C SER A 405 24.96 10.14 0.80
N PHE A 406 24.19 9.11 1.16
CA PHE A 406 24.65 8.10 2.09
C PHE A 406 25.50 7.12 1.30
N THR A 407 26.72 6.86 1.78
CA THR A 407 27.60 5.93 1.11
C THR A 407 27.90 4.73 2.00
N SER A 408 27.57 4.86 3.29
CA SER A 408 27.79 3.75 4.22
C SER A 408 26.65 3.57 5.21
N ILE A 409 26.52 2.35 5.72
CA ILE A 409 25.47 2.02 6.68
C ILE A 409 25.60 2.78 7.99
N GLU A 410 26.83 3.01 8.44
CA GLU A 410 27.02 3.72 9.69
C GLU A 410 26.48 5.14 9.53
N GLU A 411 26.76 5.75 8.38
CA GLU A 411 26.30 7.10 8.10
C GLU A 411 24.77 7.21 8.21
N PHE A 412 24.07 6.10 7.96
CA PHE A 412 22.61 6.08 7.99
C PHE A 412 22.11 5.66 9.37
N LEU A 413 22.94 4.97 10.15
CA LEU A 413 22.51 4.51 11.47
C LEU A 413 22.66 5.55 12.59
N GLU A 414 23.78 6.26 12.58
CA GLU A 414 24.06 7.26 13.61
C GLU A 414 22.86 8.14 13.95
N PRO A 415 22.17 8.68 12.92
CA PRO A 415 21.00 9.54 13.17
C PRO A 415 19.85 8.71 13.76
N LEU A 416 19.52 7.62 13.08
CA LEU A 416 18.45 6.73 13.52
C LEU A 416 18.71 6.32 14.95
N GLU A 417 19.79 5.57 15.17
CA GLU A 417 20.14 5.10 16.50
C GLU A 417 19.97 6.20 17.53
N LEU A 418 20.33 7.42 17.16
CA LEU A 418 20.21 8.56 18.06
C LEU A 418 18.80 8.71 18.59
N CYS A 419 17.84 8.71 17.69
CA CYS A 419 16.45 8.87 18.04
C CYS A 419 16.02 7.80 19.02
N TYR A 420 16.49 6.58 18.79
CA TYR A 420 16.12 5.49 19.66
C TYR A 420 16.58 5.84 21.07
N LYS A 421 17.88 6.08 21.24
CA LYS A 421 18.41 6.40 22.56
C LYS A 421 17.65 7.55 23.18
N SER A 422 17.54 8.64 22.42
CA SER A 422 16.82 9.82 22.88
C SER A 422 15.47 9.43 23.46
N LEU A 423 14.70 8.67 22.69
CA LEU A 423 13.38 8.22 23.11
C LEU A 423 13.44 7.44 24.41
N CYS A 424 14.21 6.35 24.42
CA CYS A 424 14.33 5.50 25.60
C CYS A 424 14.80 6.29 26.81
N ASP A 425 15.70 7.23 26.56
CA ASP A 425 16.24 8.07 27.63
C ASP A 425 15.17 9.02 28.15
N CYS A 426 14.56 9.81 27.28
CA CYS A 426 13.52 10.75 27.72
C CYS A 426 12.20 10.07 28.06
N GLY A 427 12.27 8.78 28.40
CA GLY A 427 11.09 8.02 28.78
C GLY A 427 10.46 7.13 27.71
N ASP A 428 9.81 7.78 26.76
CA ASP A 428 9.11 7.15 25.64
C ASP A 428 9.86 6.03 24.92
N LYS A 429 10.06 4.90 25.58
CA LYS A 429 10.76 3.79 24.96
C LYS A 429 9.81 3.05 24.05
N ALA A 430 8.64 2.73 24.57
CA ALA A 430 7.64 2.02 23.79
C ALA A 430 7.46 2.68 22.43
N ILE A 431 7.36 4.01 22.43
CA ILE A 431 7.17 4.73 21.17
C ILE A 431 8.37 4.49 20.27
N ALA A 432 9.51 4.18 20.88
CA ALA A 432 10.73 3.92 20.13
C ALA A 432 10.70 2.51 19.56
N ASP A 433 10.24 1.59 20.39
CA ASP A 433 10.12 0.18 20.02
C ASP A 433 9.04 -0.02 18.96
N GLY A 434 8.53 1.06 18.40
CA GLY A 434 7.48 0.95 17.39
C GLY A 434 8.02 0.87 15.97
N SER A 435 7.58 1.81 15.15
CA SER A 435 8.01 1.86 13.75
C SER A 435 9.52 2.03 13.70
N LEU A 436 10.04 2.77 14.67
CA LEU A 436 11.47 3.04 14.76
C LEU A 436 12.30 1.78 14.86
N LEU A 437 11.87 0.88 15.73
CA LEU A 437 12.55 -0.40 15.94
C LEU A 437 12.53 -1.22 14.66
N ASP A 438 11.42 -1.14 13.91
CA ASP A 438 11.26 -1.87 12.65
C ASP A 438 12.25 -1.38 11.61
N LEU A 439 12.31 -0.08 11.43
CA LEU A 439 13.22 0.50 10.45
C LEU A 439 14.65 0.14 10.80
N LEU A 440 15.01 0.24 12.07
CA LEU A 440 16.37 -0.08 12.50
C LEU A 440 16.73 -1.49 12.05
N ARG A 441 15.82 -2.43 12.30
CA ARG A 441 16.06 -3.79 11.90
C ARG A 441 16.24 -3.92 10.39
N GLN A 442 15.41 -3.22 9.62
CA GLN A 442 15.51 -3.28 8.17
C GLN A 442 16.92 -2.91 7.70
N VAL A 443 17.44 -1.81 8.24
CA VAL A 443 18.78 -1.33 7.87
C VAL A 443 19.86 -2.40 8.08
N PHE A 444 19.75 -3.15 9.17
CA PHE A 444 20.70 -4.20 9.45
C PHE A 444 20.47 -5.41 8.56
N THR A 445 19.23 -5.65 8.14
CA THR A 445 18.96 -6.80 7.30
C THR A 445 19.16 -6.52 5.83
N PHE A 446 18.67 -5.35 5.39
CA PHE A 446 18.76 -4.99 3.99
C PHE A 446 19.85 -4.01 3.68
N GLY A 447 20.24 -3.18 4.63
CA GLY A 447 21.31 -2.24 4.35
C GLY A 447 20.96 -1.24 3.26
N LEU A 448 21.98 -0.70 2.57
CA LEU A 448 21.76 0.30 1.53
C LEU A 448 21.51 -0.23 0.14
N SER A 449 21.77 -1.53 -0.05
CA SER A 449 21.54 -2.21 -1.32
C SER A 449 20.79 -3.43 -0.88
N LEU A 450 19.51 -3.50 -1.22
CA LEU A 450 18.66 -4.59 -0.78
C LEU A 450 19.32 -5.91 -0.35
N VAL A 451 20.21 -6.42 -1.19
CA VAL A 451 20.88 -7.67 -0.90
C VAL A 451 22.36 -7.63 -1.32
N LYS A 452 23.21 -8.33 -0.57
CA LYS A 452 24.63 -8.41 -0.93
C LYS A 452 24.71 -9.24 -2.24
N LEU A 453 25.72 -9.01 -3.05
CA LEU A 453 25.85 -9.76 -4.30
C LEU A 453 27.10 -10.60 -4.30
N ASP A 454 26.93 -11.90 -4.52
CA ASP A 454 28.07 -12.82 -4.57
C ASP A 454 28.69 -12.68 -5.94
N ILE A 455 29.86 -13.27 -6.12
CA ILE A 455 30.55 -13.24 -7.41
C ILE A 455 31.09 -14.65 -7.65
N ARG A 456 31.00 -15.14 -8.89
CA ARG A 456 31.52 -16.47 -9.19
C ARG A 456 32.25 -16.53 -10.52
N GLN A 457 33.27 -17.40 -10.59
CA GLN A 457 34.05 -17.56 -11.83
C GLN A 457 35.04 -18.72 -11.68
N GLU A 458 35.01 -19.68 -12.60
CA GLU A 458 35.91 -20.83 -12.53
C GLU A 458 37.34 -20.32 -12.52
N SER A 459 38.14 -20.87 -11.63
CA SER A 459 39.51 -20.40 -11.50
C SER A 459 40.41 -20.49 -12.70
N GLU A 460 40.20 -21.45 -13.58
CA GLU A 460 41.08 -21.55 -14.74
C GLU A 460 41.12 -20.22 -15.51
N ARG A 461 40.14 -19.35 -15.26
CA ARG A 461 40.09 -18.03 -15.91
C ARG A 461 41.11 -17.15 -15.20
N HIS A 462 41.15 -17.25 -13.88
CA HIS A 462 42.09 -16.48 -13.07
C HIS A 462 43.50 -16.92 -13.43
N THR A 463 43.63 -18.17 -13.87
CA THR A 463 44.93 -18.69 -14.25
C THR A 463 45.34 -18.00 -15.55
N ASP A 464 44.40 -17.90 -16.49
CA ASP A 464 44.70 -17.25 -17.77
C ASP A 464 45.23 -15.86 -17.51
N VAL A 465 44.49 -15.06 -16.77
CA VAL A 465 44.91 -13.70 -16.45
C VAL A 465 46.32 -13.65 -15.86
N ILE A 466 46.53 -14.35 -14.75
CA ILE A 466 47.84 -14.38 -14.08
C ILE A 466 48.95 -14.87 -15.00
N ASP A 467 48.62 -15.80 -15.89
CA ASP A 467 49.60 -16.34 -16.81
C ASP A 467 50.03 -15.34 -17.87
N ALA A 468 49.07 -14.56 -18.37
CA ALA A 468 49.36 -13.55 -19.39
C ALA A 468 50.21 -12.45 -18.78
N ILE A 469 49.98 -12.17 -17.50
CA ILE A 469 50.72 -11.15 -16.77
C ILE A 469 52.19 -11.54 -16.58
N THR A 470 52.44 -12.82 -16.33
CA THR A 470 53.81 -13.27 -16.17
C THR A 470 54.49 -13.37 -17.55
N THR A 471 53.82 -14.02 -18.51
CA THR A 471 54.37 -14.17 -19.86
C THR A 471 54.87 -12.84 -20.42
N HIS A 472 54.01 -11.83 -20.31
CA HIS A 472 54.27 -10.47 -20.80
C HIS A 472 55.47 -9.83 -20.12
N LEU A 473 55.51 -9.90 -18.80
CA LEU A 473 56.60 -9.33 -18.03
C LEU A 473 57.91 -10.11 -18.18
N GLY A 474 57.83 -11.23 -18.89
CA GLY A 474 59.02 -12.04 -19.10
C GLY A 474 59.52 -12.75 -17.86
N ILE A 475 58.66 -13.61 -17.30
CA ILE A 475 58.99 -14.41 -16.11
C ILE A 475 58.26 -15.76 -16.07
N GLY A 476 58.22 -16.44 -17.22
CA GLY A 476 57.59 -17.75 -17.28
C GLY A 476 56.10 -17.81 -17.53
N SER A 477 55.60 -19.02 -17.60
CA SER A 477 54.18 -19.30 -17.82
C SER A 477 53.56 -19.81 -16.53
N TYR A 478 52.83 -18.94 -15.84
CA TYR A 478 52.17 -19.30 -14.59
C TYR A 478 51.44 -20.62 -14.69
N ARG A 479 50.93 -20.91 -15.88
CA ARG A 479 50.20 -22.16 -16.12
C ARG A 479 51.05 -23.38 -15.78
N GLU A 480 52.12 -23.55 -16.55
CA GLU A 480 53.05 -24.68 -16.40
C GLU A 480 53.83 -24.70 -15.09
N TRP A 481 53.45 -23.85 -14.15
CA TRP A 481 54.11 -23.79 -12.87
C TRP A 481 53.55 -24.82 -11.89
N PRO A 482 54.42 -25.49 -11.15
CA PRO A 482 54.00 -26.49 -10.16
C PRO A 482 53.32 -25.76 -9.01
N GLU A 483 52.30 -26.36 -8.39
CA GLU A 483 51.58 -25.77 -7.27
C GLU A 483 52.50 -25.12 -6.22
N ASP A 484 53.61 -25.77 -5.85
CA ASP A 484 54.52 -25.20 -4.86
C ASP A 484 55.21 -23.95 -5.41
N LYS A 485 55.40 -23.91 -6.72
CA LYS A 485 56.03 -22.78 -7.38
C LYS A 485 55.06 -21.59 -7.34
N ARG A 486 53.83 -21.85 -7.79
CA ARG A 486 52.79 -20.83 -7.81
C ARG A 486 52.60 -20.22 -6.43
N GLN A 487 52.54 -21.06 -5.40
CA GLN A 487 52.35 -20.57 -4.04
C GLN A 487 53.50 -19.69 -3.61
N GLU A 488 54.67 -19.98 -4.15
CA GLU A 488 55.86 -19.20 -3.86
C GLU A 488 55.67 -17.81 -4.45
N TRP A 489 55.67 -17.76 -5.78
CA TRP A 489 55.47 -16.52 -6.52
C TRP A 489 54.31 -15.71 -5.96
N LEU A 490 53.12 -16.32 -5.92
CA LEU A 490 51.92 -15.66 -5.43
C LEU A 490 52.09 -15.09 -4.02
N LEU A 491 52.79 -15.83 -3.17
CA LEU A 491 52.99 -15.37 -1.81
C LEU A 491 54.03 -14.25 -1.72
N SER A 492 54.99 -14.28 -2.62
CA SER A 492 56.02 -13.25 -2.64
C SER A 492 55.31 -11.97 -3.01
N GLU A 493 54.50 -12.07 -4.05
CA GLU A 493 53.74 -10.94 -4.55
C GLU A 493 52.83 -10.35 -3.49
N LEU A 494 51.98 -11.17 -2.88
CA LEU A 494 51.09 -10.65 -1.86
C LEU A 494 51.87 -9.89 -0.80
N ARG A 495 53.07 -10.37 -0.49
CA ARG A 495 53.91 -9.72 0.50
C ARG A 495 54.54 -8.44 -0.07
N GLY A 496 54.81 -8.45 -1.37
CA GLY A 496 55.42 -7.29 -2.03
C GLY A 496 54.72 -5.95 -1.87
N LYS A 497 55.11 -4.98 -2.72
CA LYS A 497 54.55 -3.65 -2.68
C LYS A 497 54.53 -3.03 -4.07
N ARG A 498 55.32 -3.61 -4.96
CA ARG A 498 55.44 -3.15 -6.33
C ARG A 498 54.40 -3.79 -7.24
N PRO A 499 53.68 -2.96 -8.02
CA PRO A 499 52.62 -3.35 -8.97
C PRO A 499 53.07 -4.35 -10.04
N LEU A 500 52.19 -5.28 -10.40
CA LEU A 500 52.50 -6.30 -11.41
C LEU A 500 51.73 -6.08 -12.68
N LEU A 501 50.51 -5.59 -12.54
CA LEU A 501 49.64 -5.36 -13.68
C LEU A 501 50.16 -4.30 -14.63
N PRO A 502 50.78 -4.74 -15.74
CA PRO A 502 51.35 -3.83 -16.74
C PRO A 502 50.27 -3.14 -17.55
N PRO A 503 50.40 -1.82 -17.73
CA PRO A 503 49.41 -1.06 -18.48
C PRO A 503 49.37 -1.48 -19.97
N ASP A 504 50.49 -1.98 -20.46
CA ASP A 504 50.60 -2.42 -21.85
C ASP A 504 50.18 -3.87 -22.06
N LEU A 505 49.55 -4.46 -21.04
CA LEU A 505 49.12 -5.85 -21.10
C LEU A 505 48.16 -6.12 -22.24
N PRO A 506 48.47 -7.14 -23.06
CA PRO A 506 47.63 -7.55 -24.19
C PRO A 506 46.31 -8.12 -23.71
N GLN A 507 45.24 -7.34 -23.79
CA GLN A 507 43.94 -7.79 -23.34
C GLN A 507 43.33 -8.88 -24.23
N THR A 508 42.26 -9.50 -23.74
CA THR A 508 41.52 -10.53 -24.47
C THR A 508 40.10 -10.45 -23.97
N ASP A 509 39.15 -10.66 -24.87
CA ASP A 509 37.76 -10.59 -24.48
C ASP A 509 37.52 -11.16 -23.11
N GLU A 510 38.18 -12.28 -22.80
CA GLU A 510 38.01 -12.91 -21.50
C GLU A 510 39.05 -12.43 -20.51
N ILE A 511 40.28 -12.25 -20.98
CA ILE A 511 41.37 -11.80 -20.10
C ILE A 511 41.01 -10.44 -19.56
N ALA A 512 40.13 -9.75 -20.27
CA ALA A 512 39.71 -8.41 -19.89
C ALA A 512 38.42 -8.48 -19.10
N ASP A 513 37.49 -9.29 -19.60
CA ASP A 513 36.18 -9.49 -18.98
C ASP A 513 36.32 -9.78 -17.50
N VAL A 514 37.43 -10.42 -17.14
CA VAL A 514 37.71 -10.75 -15.75
C VAL A 514 38.33 -9.56 -15.01
N ILE A 515 39.24 -8.82 -15.67
CA ILE A 515 39.84 -7.65 -15.02
C ILE A 515 38.72 -6.65 -14.78
N GLY A 516 37.84 -6.54 -15.79
CA GLY A 516 36.72 -5.64 -15.72
C GLY A 516 35.97 -5.83 -14.42
N ALA A 517 35.48 -7.06 -14.21
CA ALA A 517 34.77 -7.44 -13.00
C ALA A 517 35.42 -6.86 -11.74
N PHE A 518 36.71 -7.15 -11.55
CA PHE A 518 37.44 -6.66 -10.38
C PHE A 518 37.38 -5.15 -10.26
N HIS A 519 37.60 -4.44 -11.37
CA HIS A 519 37.55 -2.99 -11.36
C HIS A 519 36.25 -2.51 -10.78
N VAL A 520 35.14 -3.01 -11.33
CA VAL A 520 33.81 -2.63 -10.88
C VAL A 520 33.66 -2.84 -9.36
N LEU A 521 34.28 -3.91 -8.86
CA LEU A 521 34.23 -4.25 -7.44
C LEU A 521 34.82 -3.10 -6.63
N ALA A 522 35.78 -2.43 -7.26
CA ALA A 522 36.46 -1.30 -6.66
C ALA A 522 35.56 -0.08 -6.74
N GLU A 523 34.93 0.12 -7.89
CA GLU A 523 34.05 1.26 -8.08
C GLU A 523 32.94 1.30 -7.03
N LEU A 524 32.07 0.30 -7.05
CA LEU A 524 30.95 0.24 -6.12
C LEU A 524 31.44 0.20 -4.68
N PRO A 525 30.54 0.44 -3.72
CA PRO A 525 30.88 0.44 -2.30
C PRO A 525 31.39 -0.93 -1.83
N PRO A 526 32.00 -0.99 -0.64
CA PRO A 526 32.50 -2.28 -0.19
C PRO A 526 31.36 -3.20 0.26
N ASP A 527 30.34 -2.59 0.88
CA ASP A 527 29.19 -3.33 1.39
C ASP A 527 28.29 -4.01 0.36
N SER A 528 28.12 -3.42 -0.81
CA SER A 528 27.23 -4.03 -1.79
C SER A 528 27.63 -5.42 -2.33
N PHE A 529 28.65 -6.05 -1.75
CA PHE A 529 29.08 -7.37 -2.22
C PHE A 529 29.19 -8.47 -1.16
N GLY A 530 29.08 -9.70 -1.64
CA GLY A 530 29.18 -10.86 -0.77
C GLY A 530 30.56 -11.42 -1.00
N PRO A 531 30.73 -12.75 -0.97
CA PRO A 531 32.04 -13.36 -1.21
C PRO A 531 32.31 -13.54 -2.68
N TYR A 532 33.55 -13.86 -3.01
CA TYR A 532 33.93 -14.07 -4.38
C TYR A 532 34.19 -15.56 -4.46
N ILE A 533 33.23 -16.30 -5.01
CA ILE A 533 33.35 -17.76 -5.13
C ILE A 533 34.18 -18.24 -6.33
N ILE A 534 34.96 -19.29 -6.14
CA ILE A 534 35.79 -19.82 -7.23
C ILE A 534 35.35 -21.23 -7.63
N SER A 535 34.63 -21.31 -8.74
CA SER A 535 34.17 -22.58 -9.25
C SER A 535 35.35 -23.47 -9.61
N MET A 536 35.13 -24.76 -9.49
CA MET A 536 36.13 -25.77 -9.83
C MET A 536 37.57 -25.35 -9.51
N ALA A 537 37.76 -24.74 -8.34
CA ALA A 537 39.07 -24.33 -7.90
C ALA A 537 39.59 -25.37 -6.93
N THR A 538 40.78 -25.90 -7.20
CA THR A 538 41.35 -26.93 -6.33
C THR A 538 42.43 -26.48 -5.37
N ALA A 539 43.68 -26.55 -5.82
CA ALA A 539 44.84 -26.16 -5.03
C ALA A 539 44.74 -24.77 -4.38
N PRO A 540 45.46 -24.56 -3.28
CA PRO A 540 45.45 -23.27 -2.58
C PRO A 540 45.91 -22.10 -3.45
N SER A 541 46.73 -22.38 -4.46
CA SER A 541 47.21 -21.34 -5.35
C SER A 541 46.02 -20.64 -5.98
N ASP A 542 44.97 -21.41 -6.23
CA ASP A 542 43.74 -20.89 -6.83
C ASP A 542 43.01 -19.84 -6.01
N VAL A 543 43.15 -19.92 -4.69
CA VAL A 543 42.51 -18.97 -3.77
C VAL A 543 43.37 -17.72 -3.66
N LEU A 544 44.68 -17.90 -3.81
CA LEU A 544 45.61 -16.78 -3.72
C LEU A 544 45.59 -15.95 -5.01
N ALA A 545 45.62 -16.62 -6.16
CA ALA A 545 45.61 -15.92 -7.43
C ALA A 545 44.50 -14.86 -7.46
N VAL A 546 43.46 -15.08 -6.68
CA VAL A 546 42.35 -14.14 -6.63
C VAL A 546 42.65 -13.06 -5.60
N GLU A 547 43.27 -13.45 -4.50
CA GLU A 547 43.62 -12.50 -3.46
C GLU A 547 44.54 -11.44 -4.04
N LEU A 548 45.31 -11.86 -5.04
CA LEU A 548 46.26 -10.98 -5.74
C LEU A 548 45.44 -10.02 -6.59
N LEU A 549 44.85 -10.55 -7.67
CA LEU A 549 44.05 -9.76 -8.58
C LEU A 549 43.15 -8.73 -7.91
N GLN A 550 42.57 -9.10 -6.77
CA GLN A 550 41.71 -8.17 -6.05
C GLN A 550 42.45 -6.91 -5.71
N ARG A 551 43.54 -7.06 -4.95
CA ARG A 551 44.34 -5.93 -4.54
C ARG A 551 45.06 -5.34 -5.73
N GLU A 552 45.58 -6.19 -6.60
CA GLU A 552 46.31 -5.69 -7.78
C GLU A 552 45.43 -4.89 -8.73
N CYS A 553 44.13 -5.17 -8.73
CA CYS A 553 43.19 -4.43 -9.58
C CYS A 553 42.58 -3.38 -8.67
N GLY A 554 43.28 -3.10 -7.57
CA GLY A 554 42.85 -2.11 -6.61
C GLY A 554 41.47 -2.32 -6.04
N VAL A 555 41.42 -2.90 -4.85
CA VAL A 555 40.15 -3.13 -4.19
C VAL A 555 40.28 -2.72 -2.72
N ARG A 556 39.50 -1.70 -2.34
CA ARG A 556 39.46 -1.17 -0.98
C ARG A 556 39.44 -2.29 0.08
N GLN A 557 38.26 -2.86 0.32
CA GLN A 557 38.11 -3.97 1.26
C GLN A 557 37.91 -5.20 0.40
N PRO A 558 39.00 -5.85 -0.04
CA PRO A 558 38.87 -7.04 -0.88
C PRO A 558 37.93 -8.06 -0.28
N LEU A 559 36.91 -8.44 -1.03
CA LEU A 559 35.96 -9.43 -0.53
C LEU A 559 36.66 -10.77 -0.32
N PRO A 560 36.15 -11.58 0.62
CA PRO A 560 36.70 -12.90 0.95
C PRO A 560 36.48 -13.95 -0.15
N VAL A 561 37.43 -14.88 -0.24
CA VAL A 561 37.33 -15.92 -1.23
C VAL A 561 36.81 -17.23 -0.61
N VAL A 562 35.92 -17.90 -1.35
CA VAL A 562 35.34 -19.15 -0.91
C VAL A 562 35.29 -20.13 -2.09
N PRO A 563 35.82 -21.36 -1.89
CA PRO A 563 35.87 -22.42 -2.91
C PRO A 563 34.54 -23.13 -3.10
N LEU A 564 34.36 -23.73 -4.27
CA LEU A 564 33.14 -24.46 -4.57
C LEU A 564 33.48 -25.91 -4.87
N PHE A 565 33.20 -26.76 -3.89
CA PHE A 565 33.45 -28.19 -3.99
C PHE A 565 32.14 -28.83 -4.39
N GLU A 566 32.06 -29.34 -5.61
CA GLU A 566 30.85 -29.97 -6.08
C GLU A 566 31.07 -31.31 -6.74
N ARG A 567 31.94 -31.36 -7.73
CA ARG A 567 32.20 -32.62 -8.40
C ARG A 567 32.57 -33.63 -7.32
N LEU A 568 32.19 -34.90 -7.50
CA LEU A 568 32.48 -35.91 -6.48
C LEU A 568 33.92 -35.85 -6.00
N ALA A 569 34.85 -36.03 -6.92
CA ALA A 569 36.27 -35.99 -6.63
C ALA A 569 36.71 -34.86 -5.69
N ASP A 570 36.29 -33.64 -6.01
CA ASP A 570 36.62 -32.45 -5.24
C ASP A 570 36.09 -32.50 -3.79
N LEU A 571 34.92 -33.11 -3.60
CA LEU A 571 34.31 -33.25 -2.28
C LEU A 571 35.11 -34.18 -1.38
N GLN A 572 35.75 -35.17 -2.01
CA GLN A 572 36.59 -36.13 -1.29
C GLN A 572 37.83 -35.39 -0.80
N SER A 573 38.65 -34.95 -1.75
CA SER A 573 39.87 -34.23 -1.46
C SER A 573 39.55 -32.80 -1.03
N ALA A 574 38.40 -32.64 -0.39
CA ALA A 574 37.98 -31.33 0.05
C ALA A 574 38.67 -30.91 1.34
N PRO A 575 38.68 -31.78 2.38
CA PRO A 575 39.35 -31.39 3.62
C PRO A 575 40.86 -31.27 3.42
N ALA A 576 41.35 -31.82 2.32
CA ALA A 576 42.76 -31.76 1.97
C ALA A 576 43.13 -30.31 1.64
N SER A 577 42.65 -29.84 0.49
CA SER A 577 42.91 -28.49 0.03
C SER A 577 42.58 -27.49 1.12
N VAL A 578 41.58 -27.81 1.93
CA VAL A 578 41.18 -26.94 3.01
C VAL A 578 42.33 -26.76 3.98
N GLU A 579 42.88 -27.86 4.47
CA GLU A 579 43.97 -27.77 5.42
C GLU A 579 45.18 -27.10 4.79
N ARG A 580 45.58 -27.57 3.62
CA ARG A 580 46.73 -27.01 2.91
C ARG A 580 46.66 -25.47 2.86
N LEU A 581 45.43 -24.96 2.77
CA LEU A 581 45.14 -23.53 2.71
C LEU A 581 45.28 -22.81 4.04
N PHE A 582 45.01 -23.51 5.14
CA PHE A 582 45.13 -22.91 6.47
C PHE A 582 46.59 -22.94 6.88
N SER A 583 47.41 -23.59 6.05
CA SER A 583 48.85 -23.72 6.27
C SER A 583 49.68 -22.58 5.70
N VAL A 584 49.00 -21.64 5.04
CA VAL A 584 49.64 -20.46 4.47
C VAL A 584 49.51 -19.30 5.46
N ASP A 585 50.60 -19.02 6.13
CA ASP A 585 50.67 -17.97 7.13
C ASP A 585 50.00 -16.69 6.70
N TRP A 586 50.39 -16.19 5.53
CA TRP A 586 49.81 -14.95 5.02
C TRP A 586 48.29 -15.03 5.07
N TYR A 587 47.76 -16.05 4.40
CA TYR A 587 46.33 -16.27 4.32
C TYR A 587 45.74 -16.37 5.71
N MET A 588 46.08 -17.44 6.41
CA MET A 588 45.61 -17.72 7.76
C MET A 588 45.62 -16.46 8.60
N ASP A 589 46.49 -15.53 8.24
CA ASP A 589 46.65 -14.29 8.96
C ASP A 589 45.65 -13.19 8.55
N ARG A 590 45.36 -13.10 7.26
CA ARG A 590 44.44 -12.09 6.79
C ARG A 590 43.00 -12.57 6.92
N ILE A 591 42.83 -13.90 6.98
CA ILE A 591 41.52 -14.53 7.11
C ILE A 591 40.88 -14.08 8.40
N LYS A 592 41.68 -14.11 9.47
CA LYS A 592 41.24 -13.72 10.80
C LYS A 592 40.20 -14.68 11.39
N GLY A 593 40.56 -15.96 11.48
CA GLY A 593 39.64 -16.93 12.05
C GLY A 593 38.43 -17.29 11.22
N LYS A 594 37.68 -16.29 10.76
CA LYS A 594 36.51 -16.56 9.94
C LYS A 594 36.90 -17.12 8.56
N GLN A 595 36.25 -18.22 8.16
CA GLN A 595 36.46 -18.86 6.86
C GLN A 595 35.16 -19.49 6.38
N GLN A 596 34.95 -19.54 5.07
CA GLN A 596 33.72 -20.11 4.50
C GLN A 596 33.99 -20.89 3.22
N VAL A 597 33.37 -22.06 3.10
CA VAL A 597 33.51 -22.89 1.90
C VAL A 597 32.14 -23.37 1.41
N MET A 598 31.99 -23.42 0.10
CA MET A 598 30.72 -23.81 -0.50
C MET A 598 30.72 -25.25 -0.98
N VAL A 599 29.67 -25.96 -0.59
CA VAL A 599 29.50 -27.35 -0.97
C VAL A 599 28.31 -27.53 -1.91
N GLY A 600 28.57 -28.01 -3.12
CA GLY A 600 27.51 -28.20 -4.10
C GLY A 600 26.81 -29.55 -4.08
N TYR A 601 25.48 -29.53 -4.21
CA TYR A 601 24.65 -30.72 -4.16
C TYR A 601 24.20 -31.30 -5.51
N SER A 602 24.37 -30.55 -6.59
CA SER A 602 23.91 -31.00 -7.89
C SER A 602 24.82 -32.00 -8.61
N ASP A 603 26.04 -31.59 -8.93
CA ASP A 603 26.94 -32.49 -9.65
C ASP A 603 27.47 -33.66 -8.84
N SER A 604 27.48 -33.53 -7.52
CA SER A 604 27.97 -34.58 -6.63
C SER A 604 27.39 -35.93 -6.98
N GLY A 605 26.07 -36.01 -6.96
CA GLY A 605 25.41 -37.25 -7.29
C GLY A 605 25.13 -37.43 -8.77
N LYS A 606 25.71 -36.59 -9.61
CA LYS A 606 25.45 -36.74 -11.03
C LYS A 606 26.40 -37.80 -11.58
N ASP A 607 27.67 -37.71 -11.17
CA ASP A 607 28.71 -38.66 -11.59
C ASP A 607 28.72 -39.94 -10.78
N ALA A 608 28.15 -39.89 -9.57
CA ALA A 608 28.05 -41.05 -8.67
C ALA A 608 26.57 -41.20 -8.27
N GLY A 609 26.27 -42.14 -7.39
CA GLY A 609 24.88 -42.29 -6.99
C GLY A 609 24.34 -41.15 -6.16
N ARG A 610 23.05 -41.17 -5.86
CA ARG A 610 22.47 -40.15 -5.01
C ARG A 610 22.89 -40.51 -3.59
N LEU A 611 22.82 -41.81 -3.28
CA LEU A 611 23.19 -42.32 -1.95
C LEU A 611 24.63 -42.01 -1.65
N SER A 612 25.51 -42.40 -2.56
CA SER A 612 26.93 -42.13 -2.43
C SER A 612 27.16 -40.64 -2.19
N ALA A 613 26.68 -39.82 -3.10
CA ALA A 613 26.83 -38.38 -2.97
C ALA A 613 26.28 -37.85 -1.65
N ALA A 614 25.07 -38.24 -1.29
CA ALA A 614 24.44 -37.78 -0.05
C ALA A 614 25.35 -38.04 1.15
N TRP A 615 25.96 -39.23 1.17
CA TRP A 615 26.85 -39.63 2.25
C TRP A 615 28.17 -38.86 2.12
N GLN A 616 28.67 -38.74 0.89
CA GLN A 616 29.92 -38.04 0.61
C GLN A 616 29.92 -36.57 1.06
N LEU A 617 28.82 -35.88 0.85
CA LEU A 617 28.68 -34.49 1.26
C LEU A 617 28.62 -34.40 2.77
N TYR A 618 28.16 -35.48 3.39
CA TYR A 618 28.04 -35.54 4.85
C TYR A 618 29.43 -35.62 5.44
N ARG A 619 30.18 -36.61 4.95
CA ARG A 619 31.54 -36.85 5.38
C ARG A 619 32.37 -35.61 5.13
N ALA A 620 32.33 -35.12 3.89
CA ALA A 620 33.08 -33.95 3.52
C ALA A 620 32.87 -32.79 4.47
N GLN A 621 31.64 -32.32 4.65
CA GLN A 621 31.44 -31.20 5.55
C GLN A 621 31.63 -31.59 7.01
N GLU A 622 31.74 -32.89 7.25
CA GLU A 622 31.95 -33.38 8.61
C GLU A 622 33.38 -33.12 9.04
N GLU A 623 34.30 -33.57 8.20
CA GLU A 623 35.73 -33.44 8.44
C GLU A 623 36.20 -32.00 8.33
N MET A 624 35.76 -31.37 7.25
CA MET A 624 36.10 -29.98 6.99
C MET A 624 35.85 -29.16 8.24
N ALA A 625 34.85 -29.55 9.02
CA ALA A 625 34.51 -28.84 10.25
C ALA A 625 35.56 -29.01 11.35
N GLN A 626 36.44 -30.00 11.19
CA GLN A 626 37.48 -30.26 12.17
C GLN A 626 38.78 -29.65 11.69
N VAL A 627 39.03 -29.75 10.40
CA VAL A 627 40.25 -29.18 9.86
C VAL A 627 40.19 -27.69 10.18
N ALA A 628 39.02 -27.20 10.56
CA ALA A 628 38.87 -25.81 10.88
C ALA A 628 39.01 -25.66 12.37
N LYS A 629 38.28 -26.51 13.09
CA LYS A 629 38.27 -26.50 14.56
C LYS A 629 39.68 -26.71 15.13
N ARG A 630 40.51 -27.42 14.37
CA ARG A 630 41.88 -27.70 14.76
C ARG A 630 42.75 -26.45 14.60
N TYR A 631 42.46 -25.64 13.60
CA TYR A 631 43.21 -24.40 13.36
C TYR A 631 42.48 -23.19 13.92
N GLY A 632 41.49 -23.45 14.77
CA GLY A 632 40.72 -22.37 15.37
C GLY A 632 40.10 -21.36 14.41
N VAL A 633 39.40 -21.83 13.39
CA VAL A 633 38.76 -20.92 12.44
C VAL A 633 37.27 -21.20 12.42
N LYS A 634 36.47 -20.13 12.43
CA LYS A 634 35.01 -20.25 12.41
C LYS A 634 34.53 -20.48 10.98
N LEU A 635 34.70 -21.71 10.50
CA LEU A 635 34.28 -22.08 9.14
C LEU A 635 32.76 -22.18 9.05
N THR A 636 32.19 -21.53 8.05
CA THR A 636 30.75 -21.55 7.83
C THR A 636 30.55 -22.15 6.43
N LEU A 637 29.55 -23.02 6.29
CA LEU A 637 29.30 -23.69 5.02
C LEU A 637 28.18 -23.06 4.15
N PHE A 638 28.42 -23.02 2.86
CA PHE A 638 27.45 -22.46 1.93
C PHE A 638 26.89 -23.68 1.21
N HIS A 639 25.62 -23.96 1.43
CA HIS A 639 24.97 -25.14 0.84
C HIS A 639 24.24 -24.89 -0.49
N GLY A 640 24.79 -25.44 -1.58
CA GLY A 640 24.17 -25.27 -2.89
C GLY A 640 23.00 -26.20 -3.15
N ARG A 641 22.01 -26.16 -2.25
CA ARG A 641 20.80 -26.99 -2.33
C ARG A 641 19.83 -26.55 -3.42
N GLY A 642 19.39 -27.51 -4.22
CA GLY A 642 18.46 -27.20 -5.30
C GLY A 642 16.99 -27.18 -4.93
N GLY A 643 16.15 -27.47 -5.91
CA GLY A 643 14.72 -27.50 -5.70
C GLY A 643 14.20 -28.92 -5.49
N THR A 644 14.66 -29.84 -6.32
CA THR A 644 14.26 -31.24 -6.24
C THR A 644 15.25 -32.01 -5.38
N VAL A 645 14.81 -33.10 -4.74
CA VAL A 645 15.70 -33.91 -3.91
C VAL A 645 16.95 -34.40 -4.66
N GLY A 646 16.80 -34.63 -5.97
CA GLY A 646 17.92 -35.08 -6.78
C GLY A 646 19.11 -34.12 -6.79
N ARG A 647 18.83 -32.82 -6.61
CA ARG A 647 19.87 -31.79 -6.57
C ARG A 647 20.07 -31.29 -5.15
N GLY A 648 19.80 -32.15 -4.17
CA GLY A 648 19.98 -31.80 -2.78
C GLY A 648 18.84 -31.07 -2.08
N GLY A 649 17.68 -31.01 -2.74
CA GLY A 649 16.54 -30.31 -2.17
C GLY A 649 15.68 -31.13 -1.23
N GLY A 650 14.64 -30.50 -0.69
CA GLY A 650 13.74 -31.16 0.22
C GLY A 650 13.35 -30.22 1.35
N PRO A 651 12.44 -30.65 2.23
CA PRO A 651 11.99 -29.83 3.36
C PRO A 651 13.16 -29.19 4.10
N THR A 652 12.99 -27.93 4.46
CA THR A 652 14.01 -27.17 5.15
C THR A 652 14.48 -27.70 6.49
N HIS A 653 13.56 -27.97 7.40
CA HIS A 653 13.95 -28.47 8.72
C HIS A 653 14.64 -29.85 8.58
N LEU A 654 14.12 -30.69 7.70
CA LEU A 654 14.69 -32.02 7.49
C LEU A 654 16.08 -31.96 6.91
N ALA A 655 16.26 -31.06 5.95
CA ALA A 655 17.57 -30.90 5.34
C ALA A 655 18.63 -30.43 6.34
N ILE A 656 18.23 -29.55 7.28
CA ILE A 656 19.17 -29.04 8.29
C ILE A 656 19.47 -30.15 9.28
N LEU A 657 18.44 -30.90 9.62
CA LEU A 657 18.56 -32.01 10.57
C LEU A 657 19.48 -33.12 10.05
N SER A 658 19.57 -33.22 8.73
CA SER A 658 20.40 -34.25 8.10
C SER A 658 21.86 -33.85 7.99
N GLN A 659 22.23 -32.74 8.61
CA GLN A 659 23.61 -32.28 8.54
C GLN A 659 24.40 -32.63 9.76
N PRO A 660 25.66 -33.11 9.57
CA PRO A 660 26.49 -33.48 10.71
C PRO A 660 26.38 -32.53 11.90
N PRO A 661 26.34 -33.10 13.11
CA PRO A 661 26.22 -32.29 14.32
C PRO A 661 27.43 -31.39 14.46
N ASP A 662 27.23 -30.23 15.11
CA ASP A 662 28.29 -29.28 15.31
C ASP A 662 28.96 -28.76 14.05
N THR A 663 28.19 -28.42 13.02
CA THR A 663 28.79 -27.88 11.81
C THR A 663 28.00 -26.69 11.33
N ILE A 664 27.16 -26.14 12.20
CA ILE A 664 26.39 -24.97 11.84
C ILE A 664 26.68 -23.84 12.81
N ASN A 665 26.37 -24.08 14.08
CA ASN A 665 26.64 -23.12 15.13
C ASN A 665 26.28 -21.70 14.76
N GLY A 666 25.02 -21.49 14.40
CA GLY A 666 24.53 -20.17 14.05
C GLY A 666 25.19 -19.42 12.88
N SER A 667 25.56 -20.13 11.83
CA SER A 667 26.19 -19.52 10.65
C SER A 667 26.01 -20.46 9.48
N ILE A 668 25.16 -20.07 8.53
CA ILE A 668 24.90 -20.90 7.37
C ILE A 668 24.31 -20.12 6.20
N ARG A 669 24.77 -20.45 4.99
CA ARG A 669 24.30 -19.83 3.75
C ARG A 669 23.63 -20.91 2.92
N VAL A 670 22.46 -20.62 2.36
CA VAL A 670 21.76 -21.60 1.55
C VAL A 670 21.15 -20.96 0.31
N THR A 671 21.30 -21.64 -0.82
CA THR A 671 20.80 -21.13 -2.09
C THR A 671 19.31 -21.40 -2.35
N VAL A 672 18.62 -20.38 -2.84
CA VAL A 672 17.21 -20.49 -3.19
C VAL A 672 17.12 -20.46 -4.73
N GLN A 673 17.36 -21.60 -5.35
CA GLN A 673 17.33 -21.72 -6.81
C GLN A 673 16.04 -21.23 -7.44
N GLY A 674 16.17 -20.37 -8.44
CA GLY A 674 15.01 -19.81 -9.15
C GLY A 674 13.63 -20.19 -8.67
N GLU A 675 13.07 -21.23 -9.30
CA GLU A 675 11.73 -21.76 -8.98
C GLU A 675 11.32 -21.67 -7.50
N VAL A 676 12.17 -22.20 -6.62
CA VAL A 676 11.94 -22.21 -5.18
C VAL A 676 11.67 -20.83 -4.57
N ILE A 677 12.22 -19.78 -5.17
CA ILE A 677 12.02 -18.42 -4.62
C ILE A 677 10.51 -18.14 -4.58
N GLU A 678 9.82 -18.59 -5.64
CA GLU A 678 8.37 -18.44 -5.80
C GLU A 678 7.67 -19.19 -4.69
N PHE A 679 8.06 -20.46 -4.56
CA PHE A 679 7.52 -21.36 -3.57
C PHE A 679 7.61 -20.76 -2.18
N CYS A 680 8.83 -20.42 -1.79
CA CYS A 680 9.10 -19.88 -0.47
C CYS A 680 8.61 -18.47 -0.08
N PHE A 681 8.69 -17.51 -1.00
CA PHE A 681 8.25 -16.14 -0.66
C PHE A 681 7.16 -15.60 -1.57
N GLY A 682 6.47 -16.51 -2.23
CA GLY A 682 5.41 -16.10 -3.13
C GLY A 682 4.34 -15.30 -2.41
N GLU A 683 3.87 -15.80 -1.28
CA GLU A 683 2.82 -15.10 -0.54
C GLU A 683 3.30 -14.60 0.82
N GLU A 684 2.34 -14.06 1.57
CA GLU A 684 2.61 -13.54 2.90
C GLU A 684 3.03 -14.70 3.80
N HIS A 685 2.03 -15.44 4.27
CA HIS A 685 2.21 -16.61 5.13
C HIS A 685 3.35 -17.52 4.66
N LEU A 686 3.47 -17.68 3.36
CA LEU A 686 4.53 -18.53 2.81
C LEU A 686 5.87 -18.03 3.30
N CYS A 687 6.15 -16.75 3.06
CA CYS A 687 7.40 -16.14 3.47
C CYS A 687 7.62 -16.28 4.97
N PHE A 688 6.57 -16.04 5.74
CA PHE A 688 6.67 -16.14 7.19
C PHE A 688 7.05 -17.54 7.64
N GLN A 689 6.66 -18.53 6.87
CA GLN A 689 6.99 -19.91 7.22
C GLN A 689 8.46 -20.21 6.93
N THR A 690 8.95 -19.78 5.77
CA THR A 690 10.33 -20.01 5.39
C THR A 690 11.29 -19.44 6.44
N LEU A 691 11.03 -18.20 6.87
CA LEU A 691 11.89 -17.58 7.88
C LEU A 691 11.78 -18.37 9.18
N GLN A 692 10.55 -18.67 9.57
CA GLN A 692 10.26 -19.43 10.79
C GLN A 692 11.09 -20.69 10.75
N ARG A 693 10.79 -21.52 9.77
CA ARG A 693 11.45 -22.78 9.56
C ARG A 693 12.97 -22.73 9.68
N PHE A 694 13.61 -21.89 8.86
CA PHE A 694 15.05 -21.79 8.90
C PHE A 694 15.69 -21.53 10.25
N THR A 695 15.26 -20.47 10.93
CA THR A 695 15.82 -20.12 12.23
C THR A 695 15.50 -21.15 13.31
N ALA A 696 14.32 -21.75 13.25
CA ALA A 696 13.96 -22.74 14.25
C ALA A 696 14.86 -23.98 14.12
N ALA A 697 15.14 -24.39 12.88
CA ALA A 697 15.98 -25.57 12.61
C ALA A 697 17.43 -25.31 12.98
N THR A 698 17.97 -24.21 12.47
CA THR A 698 19.36 -23.83 12.74
C THR A 698 19.59 -23.65 14.24
N LEU A 699 18.60 -23.10 14.95
CA LEU A 699 18.75 -22.89 16.37
C LEU A 699 18.86 -24.24 17.08
N GLU A 700 17.93 -25.15 16.77
CA GLU A 700 17.92 -26.46 17.40
C GLU A 700 19.13 -27.30 17.00
N HIS A 701 19.45 -27.34 15.72
CA HIS A 701 20.59 -28.14 15.29
C HIS A 701 21.84 -27.82 16.10
N GLY A 702 21.83 -26.66 16.73
CA GLY A 702 22.96 -26.25 17.52
C GLY A 702 22.88 -26.66 18.96
N MET A 703 21.84 -26.20 19.66
CA MET A 703 21.65 -26.52 21.07
C MET A 703 21.16 -27.92 21.36
N HIS A 704 20.81 -28.67 20.32
CA HIS A 704 20.33 -30.04 20.46
C HIS A 704 20.63 -30.79 19.17
N PRO A 705 21.92 -30.96 18.89
CA PRO A 705 22.48 -31.64 17.71
C PRO A 705 21.92 -33.00 17.41
N PRO A 706 22.08 -33.46 16.16
CA PRO A 706 21.60 -34.77 15.73
C PRO A 706 22.62 -35.76 16.27
N VAL A 707 22.28 -37.02 16.24
CA VAL A 707 23.17 -38.05 16.72
C VAL A 707 24.30 -38.28 15.75
N SER A 708 25.47 -38.63 16.28
CA SER A 708 26.61 -38.93 15.43
C SER A 708 26.50 -40.42 15.13
N PRO A 709 26.71 -40.81 13.87
CA PRO A 709 26.63 -42.19 13.39
C PRO A 709 27.47 -43.16 14.19
N LYS A 710 26.89 -44.29 14.56
CA LYS A 710 27.63 -45.30 15.31
C LYS A 710 28.66 -45.88 14.38
N PRO A 711 29.77 -46.38 14.93
CA PRO A 711 30.84 -46.97 14.11
C PRO A 711 30.28 -48.00 13.15
N GLU A 712 29.32 -48.80 13.65
CA GLU A 712 28.66 -49.84 12.87
C GLU A 712 28.11 -49.23 11.58
N TRP A 713 27.26 -48.23 11.74
CA TRP A 713 26.63 -47.55 10.62
C TRP A 713 27.68 -47.01 9.65
N ARG A 714 28.61 -46.22 10.15
CA ARG A 714 29.62 -45.68 9.27
C ARG A 714 30.21 -46.72 8.34
N LYS A 715 30.60 -47.86 8.88
CA LYS A 715 31.19 -48.90 8.05
C LYS A 715 30.24 -49.37 6.97
N LEU A 716 29.00 -49.67 7.35
CA LEU A 716 28.02 -50.14 6.39
C LEU A 716 27.73 -49.04 5.37
N MET A 717 27.60 -47.81 5.86
CA MET A 717 27.34 -46.69 4.99
C MET A 717 28.43 -46.55 3.94
N ASP A 718 29.68 -46.58 4.38
CA ASP A 718 30.81 -46.44 3.47
C ASP A 718 30.84 -47.57 2.46
N GLU A 719 30.53 -48.77 2.93
CA GLU A 719 30.51 -49.94 2.06
C GLU A 719 29.43 -49.81 1.01
N MET A 720 28.21 -49.48 1.45
CA MET A 720 27.08 -49.34 0.56
C MET A 720 27.33 -48.30 -0.53
N ALA A 721 27.77 -47.12 -0.10
CA ALA A 721 28.09 -46.03 -1.01
C ALA A 721 28.86 -46.55 -2.21
N VAL A 722 29.80 -47.46 -1.97
CA VAL A 722 30.60 -48.03 -3.05
C VAL A 722 29.73 -48.82 -4.01
N VAL A 723 28.92 -49.71 -3.45
CA VAL A 723 28.04 -50.52 -4.27
C VAL A 723 27.16 -49.59 -5.09
N ALA A 724 26.54 -48.62 -4.43
CA ALA A 724 25.68 -47.67 -5.10
C ALA A 724 26.35 -47.08 -6.33
N THR A 725 27.50 -46.45 -6.13
CA THR A 725 28.22 -45.82 -7.24
C THR A 725 28.62 -46.82 -8.30
N GLU A 726 28.96 -48.04 -7.89
CA GLU A 726 29.36 -49.04 -8.86
C GLU A 726 28.14 -49.42 -9.68
N GLU A 727 26.97 -49.42 -9.03
CA GLU A 727 25.69 -49.73 -9.67
C GLU A 727 25.29 -48.62 -10.64
N TYR A 728 25.45 -47.38 -10.18
CA TYR A 728 25.10 -46.21 -10.96
C TYR A 728 25.95 -46.13 -12.22
N ARG A 729 27.21 -45.74 -12.04
CA ARG A 729 28.15 -45.59 -13.14
C ARG A 729 28.10 -46.78 -14.08
N SER A 730 27.70 -47.92 -13.56
CA SER A 730 27.64 -49.11 -14.37
C SER A 730 26.64 -48.98 -15.48
N VAL A 731 25.50 -48.36 -15.19
CA VAL A 731 24.46 -48.22 -16.20
C VAL A 731 24.49 -46.91 -16.98
N VAL A 732 24.69 -45.80 -16.29
CA VAL A 732 24.71 -44.51 -16.97
C VAL A 732 26.04 -44.26 -17.69
N VAL A 733 27.11 -44.85 -17.19
CA VAL A 733 28.44 -44.66 -17.79
C VAL A 733 28.94 -45.88 -18.54
N LYS A 734 29.17 -46.97 -17.82
CA LYS A 734 29.69 -48.20 -18.40
C LYS A 734 28.85 -48.71 -19.57
N GLU A 735 27.52 -48.62 -19.46
CA GLU A 735 26.68 -49.09 -20.55
C GLU A 735 26.75 -48.12 -21.72
N ALA A 736 27.24 -48.62 -22.85
CA ALA A 736 27.38 -47.83 -24.06
C ALA A 736 26.08 -47.20 -24.55
N ARG A 737 25.15 -48.04 -24.98
CA ARG A 737 23.86 -47.57 -25.50
C ARG A 737 22.94 -46.86 -24.49
N PHE A 738 23.44 -46.58 -23.28
CA PHE A 738 22.60 -45.90 -22.29
C PHE A 738 22.16 -44.53 -22.73
N VAL A 739 23.14 -43.71 -23.09
CA VAL A 739 22.86 -42.34 -23.52
C VAL A 739 21.89 -42.33 -24.68
N GLU A 740 22.02 -43.30 -25.59
CA GLU A 740 21.13 -43.37 -26.74
C GLU A 740 19.71 -43.51 -26.21
N TYR A 741 19.54 -44.47 -25.30
CA TYR A 741 18.27 -44.74 -24.66
C TYR A 741 17.83 -43.51 -23.88
N PHE A 742 18.77 -42.81 -23.26
CA PHE A 742 18.45 -41.62 -22.48
C PHE A 742 17.86 -40.48 -23.29
N ARG A 743 18.50 -40.14 -24.40
CA ARG A 743 18.00 -39.06 -25.24
C ARG A 743 16.86 -39.57 -26.10
N SER A 744 16.25 -40.67 -25.71
CA SER A 744 15.16 -41.18 -26.50
C SER A 744 13.88 -41.32 -25.69
N ALA A 745 13.97 -41.93 -24.52
CA ALA A 745 12.80 -42.10 -23.68
C ALA A 745 12.50 -40.85 -22.88
N THR A 746 13.25 -39.77 -23.11
CA THR A 746 13.00 -38.52 -22.39
C THR A 746 13.13 -37.28 -23.27
N PRO A 747 12.49 -36.18 -22.83
CA PRO A 747 12.49 -34.89 -23.52
C PRO A 747 13.63 -34.03 -23.03
N GLU A 748 14.77 -34.68 -22.75
CA GLU A 748 15.93 -33.96 -22.26
C GLU A 748 16.39 -32.96 -23.30
N THR A 749 16.31 -33.36 -24.55
CA THR A 749 16.73 -32.52 -25.66
C THR A 749 15.95 -31.20 -25.79
N GLU A 750 14.63 -31.29 -25.65
CA GLU A 750 13.76 -30.13 -25.77
C GLU A 750 13.75 -29.20 -24.55
N TYR A 751 14.68 -29.38 -23.63
CA TYR A 751 14.69 -28.54 -22.43
C TYR A 751 14.97 -27.07 -22.66
N GLY A 752 15.89 -26.79 -23.58
CA GLY A 752 16.27 -25.41 -23.86
C GLY A 752 15.21 -24.52 -24.50
N ARG A 753 14.14 -25.13 -24.99
CA ARG A 753 13.07 -24.41 -25.64
C ARG A 753 12.20 -23.52 -24.73
N MET A 754 12.09 -23.89 -23.47
CA MET A 754 11.27 -23.12 -22.53
C MET A 754 11.79 -21.68 -22.30
N ASN A 755 13.11 -21.51 -22.40
CA ASN A 755 13.79 -20.22 -22.21
C ASN A 755 13.71 -19.74 -20.77
N ILE A 756 14.19 -20.57 -19.84
CA ILE A 756 14.13 -20.20 -18.44
C ILE A 756 15.28 -19.29 -18.00
N GLY A 757 16.42 -19.41 -18.65
CA GLY A 757 17.56 -18.60 -18.26
C GLY A 757 18.33 -17.89 -19.36
N SER A 758 19.44 -17.26 -18.97
CA SER A 758 20.26 -16.51 -19.90
C SER A 758 21.60 -17.16 -20.24
N ARG A 759 21.73 -18.48 -20.07
CA ARG A 759 22.99 -19.14 -20.38
C ARG A 759 23.01 -19.51 -21.84
N PRO A 760 23.86 -18.85 -22.64
CA PRO A 760 23.95 -19.13 -24.07
C PRO A 760 24.23 -20.62 -24.38
N ILE A 769 27.97 -34.64 -25.04
CA ILE A 769 27.15 -33.94 -24.00
C ILE A 769 27.01 -34.76 -22.72
N THR A 770 27.27 -36.08 -22.81
CA THR A 770 27.17 -37.03 -21.65
C THR A 770 27.76 -36.55 -20.31
N THR A 771 28.90 -35.89 -20.45
CA THR A 771 29.69 -35.31 -19.35
C THR A 771 29.11 -33.96 -18.96
N LEU A 772 27.93 -33.62 -19.44
CA LEU A 772 27.37 -32.31 -19.14
C LEU A 772 26.16 -32.20 -18.20
N ARG A 773 25.72 -30.94 -18.10
CA ARG A 773 24.60 -30.37 -17.33
C ARG A 773 23.79 -31.33 -16.47
N ALA A 774 23.35 -30.82 -15.32
CA ALA A 774 22.58 -31.55 -14.30
C ALA A 774 21.10 -31.17 -14.16
N ILE A 775 20.76 -29.89 -14.30
CA ILE A 775 19.33 -29.50 -14.21
C ILE A 775 18.52 -30.30 -15.24
N PRO A 776 18.96 -30.29 -16.51
CA PRO A 776 18.21 -31.04 -17.51
C PRO A 776 18.19 -32.54 -17.18
N TRP A 777 19.30 -33.03 -16.62
CA TRP A 777 19.43 -34.44 -16.25
C TRP A 777 18.29 -34.85 -15.32
N ILE A 778 18.16 -34.15 -14.19
CA ILE A 778 17.10 -34.42 -13.23
C ILE A 778 15.74 -34.23 -13.88
N PHE A 779 15.58 -33.10 -14.58
CA PHE A 779 14.35 -32.76 -15.27
C PHE A 779 13.83 -33.90 -16.16
N SER A 780 14.66 -34.33 -17.10
CA SER A 780 14.31 -35.39 -18.05
C SER A 780 13.56 -36.57 -17.47
N TRP A 781 13.99 -37.05 -16.31
CA TRP A 781 13.33 -38.22 -15.71
C TRP A 781 12.16 -37.82 -14.84
N THR A 782 12.09 -36.54 -14.48
CA THR A 782 10.98 -36.06 -13.65
C THR A 782 9.75 -35.93 -14.53
N GLN A 783 9.99 -35.59 -15.80
CA GLN A 783 8.91 -35.46 -16.77
C GLN A 783 8.34 -36.84 -17.05
N THR A 784 9.20 -37.78 -17.40
CA THR A 784 8.82 -39.16 -17.71
C THR A 784 8.32 -39.88 -16.46
N ARG A 785 8.36 -39.19 -15.33
CA ARG A 785 7.93 -39.73 -14.05
C ARG A 785 8.61 -41.00 -13.62
N PHE A 786 9.89 -41.13 -13.95
CA PHE A 786 10.68 -42.30 -13.62
C PHE A 786 11.65 -42.06 -12.45
N HIS A 787 12.30 -40.89 -12.46
CA HIS A 787 13.24 -40.49 -11.40
C HIS A 787 14.48 -41.35 -11.27
N LEU A 788 14.91 -41.93 -12.39
CA LEU A 788 16.09 -42.79 -12.44
C LEU A 788 17.23 -42.35 -11.52
N PRO A 789 17.78 -41.12 -11.71
CA PRO A 789 18.88 -40.59 -10.91
C PRO A 789 18.71 -40.56 -9.38
N VAL A 790 17.51 -40.27 -8.93
CA VAL A 790 17.28 -40.17 -7.50
C VAL A 790 17.43 -41.48 -6.73
N TRP A 791 17.21 -42.62 -7.40
CA TRP A 791 17.30 -43.93 -6.73
C TRP A 791 18.23 -44.99 -7.32
N LEU A 792 18.74 -44.78 -8.53
CA LEU A 792 19.60 -45.76 -9.19
C LEU A 792 20.55 -46.54 -8.31
N GLY A 793 21.28 -45.86 -7.44
CA GLY A 793 22.19 -46.61 -6.58
C GLY A 793 21.50 -47.54 -5.58
N VAL A 794 20.77 -46.91 -4.65
CA VAL A 794 20.02 -47.51 -3.55
C VAL A 794 19.56 -48.96 -3.70
N GLY A 795 19.17 -49.34 -4.91
CA GLY A 795 18.74 -50.71 -5.11
C GLY A 795 19.78 -51.68 -4.57
N ALA A 796 20.87 -51.80 -5.32
CA ALA A 796 21.98 -52.69 -4.96
C ALA A 796 22.61 -52.41 -3.59
N ALA A 797 22.74 -51.14 -3.21
CA ALA A 797 23.35 -50.80 -1.93
C ALA A 797 22.68 -51.54 -0.77
N PHE A 798 21.38 -51.72 -0.86
CA PHE A 798 20.61 -52.41 0.17
C PHE A 798 20.74 -53.92 0.05
N LYS A 799 20.41 -54.46 -1.11
CA LYS A 799 20.50 -55.90 -1.32
C LYS A 799 21.90 -56.39 -0.92
N PHE A 800 22.93 -55.59 -1.20
CA PHE A 800 24.29 -55.96 -0.82
C PHE A 800 24.46 -56.14 0.69
N ALA A 801 24.12 -55.12 1.45
CA ALA A 801 24.25 -55.19 2.90
C ALA A 801 23.51 -56.40 3.49
N ILE A 802 22.50 -56.87 2.78
CA ILE A 802 21.72 -58.02 3.22
C ILE A 802 22.35 -59.33 2.73
N ASP A 803 22.67 -59.38 1.45
CA ASP A 803 23.30 -60.55 0.86
C ASP A 803 24.65 -60.81 1.56
N LYS A 804 25.17 -59.78 2.22
CA LYS A 804 26.43 -59.91 2.92
C LYS A 804 26.20 -60.62 4.25
N ASP A 805 25.23 -60.13 5.02
CA ASP A 805 24.89 -60.72 6.31
C ASP A 805 23.41 -60.44 6.58
N VAL A 806 22.66 -61.48 6.94
CA VAL A 806 21.23 -61.32 7.20
C VAL A 806 20.95 -60.35 8.33
N ARG A 807 21.76 -60.39 9.38
CA ARG A 807 21.52 -59.50 10.50
C ARG A 807 21.62 -58.04 10.16
N ASN A 808 22.30 -57.72 9.06
CA ASN A 808 22.47 -56.31 8.64
C ASN A 808 21.12 -55.63 8.41
N PHE A 809 20.13 -56.41 8.03
CA PHE A 809 18.81 -55.87 7.78
C PHE A 809 18.31 -55.16 9.03
N GLN A 810 18.58 -55.76 10.17
CA GLN A 810 18.17 -55.21 11.46
C GLN A 810 18.94 -53.91 11.76
N VAL A 811 20.13 -53.80 11.19
CA VAL A 811 20.94 -52.60 11.37
C VAL A 811 20.22 -51.50 10.60
N LEU A 812 20.02 -51.73 9.30
CA LEU A 812 19.36 -50.74 8.47
C LEU A 812 18.11 -50.22 9.18
N LYS A 813 17.32 -51.12 9.76
CA LYS A 813 16.11 -50.70 10.46
C LYS A 813 16.49 -49.87 11.69
N GLU A 814 17.64 -50.19 12.29
CA GLU A 814 18.12 -49.47 13.47
C GLU A 814 18.45 -48.04 13.05
N MET A 815 19.19 -47.93 11.95
CA MET A 815 19.60 -46.64 11.41
C MET A 815 18.39 -45.79 11.03
N TYR A 816 17.50 -46.38 10.24
CA TYR A 816 16.32 -45.66 9.81
C TYR A 816 15.51 -45.14 10.99
N ASN A 817 15.74 -45.69 12.17
CA ASN A 817 14.98 -45.24 13.33
C ASN A 817 15.73 -44.39 14.32
N GLU A 818 17.04 -44.30 14.18
CA GLU A 818 17.82 -43.51 15.11
C GLU A 818 18.78 -42.51 14.50
N TRP A 819 19.08 -42.67 13.21
CA TRP A 819 20.02 -41.76 12.55
C TRP A 819 19.35 -40.80 11.56
N PRO A 820 19.16 -39.53 11.98
CA PRO A 820 18.53 -38.48 11.16
C PRO A 820 18.94 -38.46 9.71
N PHE A 821 20.24 -38.39 9.47
CA PHE A 821 20.74 -38.37 8.12
C PHE A 821 20.10 -39.48 7.32
N PHE A 822 20.17 -40.69 7.87
CA PHE A 822 19.65 -41.86 7.20
C PHE A 822 18.13 -41.89 7.07
N ARG A 823 17.40 -41.52 8.12
CA ARG A 823 15.95 -41.54 8.02
C ARG A 823 15.53 -40.54 6.96
N VAL A 824 15.95 -39.28 7.12
CA VAL A 824 15.64 -38.22 6.15
C VAL A 824 15.98 -38.64 4.73
N THR A 825 17.16 -39.22 4.54
CA THR A 825 17.57 -39.67 3.22
C THR A 825 16.57 -40.63 2.58
N LEU A 826 16.10 -41.58 3.38
CA LEU A 826 15.13 -42.56 2.89
C LEU A 826 13.78 -41.89 2.77
N ASP A 827 13.37 -41.16 3.79
CA ASP A 827 12.09 -40.48 3.74
C ASP A 827 11.93 -39.61 2.49
N LEU A 828 13.01 -39.03 2.00
CA LEU A 828 12.89 -38.25 0.78
C LEU A 828 12.62 -39.19 -0.39
N LEU A 829 13.45 -40.22 -0.54
CA LEU A 829 13.24 -41.18 -1.64
C LEU A 829 11.84 -41.75 -1.72
N GLU A 830 11.14 -41.78 -0.58
CA GLU A 830 9.79 -42.31 -0.57
C GLU A 830 8.87 -41.33 -1.31
N MET A 831 9.03 -40.04 -1.02
CA MET A 831 8.23 -38.99 -1.66
C MET A 831 8.45 -39.02 -3.16
N VAL A 832 9.68 -39.28 -3.58
CA VAL A 832 9.97 -39.35 -5.00
C VAL A 832 9.19 -40.50 -5.59
N PHE A 833 9.31 -41.68 -4.99
CA PHE A 833 8.60 -42.87 -5.48
C PHE A 833 7.10 -42.63 -5.52
N ALA A 834 6.63 -41.80 -4.59
CA ALA A 834 5.23 -41.45 -4.51
C ALA A 834 4.81 -40.55 -5.68
N LYS A 835 5.79 -40.04 -6.42
CA LYS A 835 5.49 -39.18 -7.56
C LYS A 835 6.00 -39.83 -8.82
N GLY A 836 6.27 -41.12 -8.73
CA GLY A 836 6.75 -41.84 -9.88
C GLY A 836 5.71 -42.82 -10.34
N ASP A 837 5.92 -43.40 -11.51
CA ASP A 837 4.99 -44.37 -12.06
C ASP A 837 5.66 -45.09 -13.22
N PRO A 838 6.18 -46.31 -12.98
CA PRO A 838 6.86 -47.10 -14.01
C PRO A 838 5.96 -47.31 -15.23
N GLY A 839 4.65 -47.23 -15.01
CA GLY A 839 3.73 -47.41 -16.11
C GLY A 839 3.99 -46.35 -17.16
N ILE A 840 3.95 -45.10 -16.70
CA ILE A 840 4.19 -43.95 -17.55
C ILE A 840 5.55 -44.03 -18.21
N ALA A 841 6.56 -44.42 -17.43
CA ALA A 841 7.90 -44.55 -17.98
C ALA A 841 7.88 -45.51 -19.17
N GLY A 842 7.15 -46.61 -19.02
CA GLY A 842 7.05 -47.58 -20.08
C GLY A 842 6.48 -47.01 -21.35
N LEU A 843 5.42 -46.19 -21.23
CA LEU A 843 4.79 -45.59 -22.41
C LEU A 843 5.79 -44.88 -23.29
N TYR A 844 6.65 -44.05 -22.69
CA TYR A 844 7.64 -43.34 -23.47
C TYR A 844 8.53 -44.38 -24.15
N ASP A 845 8.94 -45.40 -23.40
CA ASP A 845 9.78 -46.46 -23.97
C ASP A 845 9.14 -47.01 -25.22
N GLU A 846 7.97 -47.61 -25.04
CA GLU A 846 7.21 -48.23 -26.12
C GLU A 846 7.07 -47.34 -27.34
N LEU A 847 6.79 -46.07 -27.10
CA LEU A 847 6.60 -45.13 -28.19
C LEU A 847 7.85 -44.57 -28.83
N LEU A 848 8.90 -44.34 -28.03
CA LEU A 848 10.14 -43.76 -28.55
C LEU A 848 11.34 -44.71 -28.61
N VAL A 849 11.69 -45.32 -27.48
CA VAL A 849 12.82 -46.23 -27.39
C VAL A 849 12.81 -47.29 -28.48
N ALA A 850 13.93 -47.42 -29.18
CA ALA A 850 14.08 -48.40 -30.24
C ALA A 850 13.91 -49.84 -29.75
N GLU A 851 13.57 -50.74 -30.67
CA GLU A 851 13.37 -52.15 -30.36
C GLU A 851 14.56 -52.79 -29.66
N GLU A 852 15.72 -52.69 -30.30
CA GLU A 852 16.96 -53.25 -29.79
C GLU A 852 17.17 -52.99 -28.31
N LEU A 853 17.08 -51.72 -27.90
CA LEU A 853 17.28 -51.41 -26.49
C LEU A 853 16.00 -51.36 -25.67
N LYS A 854 14.91 -51.81 -26.27
CA LYS A 854 13.61 -51.85 -25.58
C LYS A 854 13.79 -52.60 -24.26
N PRO A 855 14.32 -53.85 -24.32
CA PRO A 855 14.54 -54.66 -23.12
C PRO A 855 15.41 -54.05 -22.03
N PHE A 856 16.31 -53.17 -22.43
CA PHE A 856 17.21 -52.50 -21.49
C PHE A 856 16.37 -51.68 -20.56
N GLY A 857 15.36 -51.05 -21.15
CA GLY A 857 14.44 -50.24 -20.39
C GLY A 857 13.82 -51.10 -19.32
N LYS A 858 13.23 -52.22 -19.74
CA LYS A 858 12.60 -53.11 -18.79
C LYS A 858 13.48 -53.42 -17.57
N GLN A 859 14.76 -53.64 -17.80
CA GLN A 859 15.69 -53.93 -16.71
C GLN A 859 15.61 -52.82 -15.67
N LEU A 860 15.69 -51.60 -16.16
CA LEU A 860 15.63 -50.44 -15.30
C LEU A 860 14.28 -50.43 -14.61
N ARG A 861 13.23 -50.68 -15.40
CA ARG A 861 11.87 -50.69 -14.90
C ARG A 861 11.81 -51.60 -13.67
N ASP A 862 12.53 -52.72 -13.74
CA ASP A 862 12.56 -53.69 -12.65
C ASP A 862 13.36 -53.20 -11.45
N LYS A 863 14.48 -52.53 -11.71
CA LYS A 863 15.31 -51.98 -10.64
C LYS A 863 14.50 -50.97 -9.83
N TYR A 864 13.61 -50.28 -10.54
CA TYR A 864 12.73 -49.30 -9.92
C TYR A 864 11.97 -50.01 -8.82
N VAL A 865 11.14 -50.96 -9.24
CA VAL A 865 10.31 -51.74 -8.33
C VAL A 865 11.08 -52.34 -7.18
N GLU A 866 12.14 -53.08 -7.52
CA GLU A 866 12.98 -53.74 -6.53
C GLU A 866 13.43 -52.73 -5.47
N THR A 867 14.01 -51.63 -5.91
CA THR A 867 14.47 -50.61 -5.01
C THR A 867 13.34 -50.09 -4.11
N GLN A 868 12.14 -49.97 -4.65
CA GLN A 868 11.03 -49.46 -3.85
C GLN A 868 10.57 -50.42 -2.74
N GLN A 869 10.69 -51.72 -2.99
CA GLN A 869 10.29 -52.72 -2.00
C GLN A 869 11.28 -52.61 -0.86
N LEU A 870 12.55 -52.75 -1.22
CA LEU A 870 13.61 -52.65 -0.26
C LEU A 870 13.42 -51.40 0.57
N LEU A 871 13.07 -50.32 -0.09
CA LEU A 871 12.86 -49.05 0.59
C LEU A 871 11.74 -49.13 1.62
N LEU A 872 10.59 -49.67 1.22
CA LEU A 872 9.46 -49.78 2.12
C LEU A 872 9.69 -50.71 3.31
N GLN A 873 10.45 -51.80 3.10
CA GLN A 873 10.77 -52.76 4.18
C GLN A 873 11.61 -52.11 5.30
N ILE A 874 12.74 -51.53 4.91
CA ILE A 874 13.64 -50.87 5.85
C ILE A 874 12.83 -49.88 6.66
N ALA A 875 12.04 -49.07 5.97
CA ALA A 875 11.22 -48.05 6.61
C ALA A 875 10.07 -48.65 7.43
N GLY A 876 9.58 -49.81 7.03
CA GLY A 876 8.47 -50.42 7.75
C GLY A 876 7.15 -49.82 7.29
N HIS A 877 7.00 -49.68 5.99
CA HIS A 877 5.79 -49.12 5.45
C HIS A 877 5.16 -50.12 4.50
N LYS A 878 3.88 -50.38 4.72
CA LYS A 878 3.14 -51.32 3.88
C LYS A 878 2.66 -50.60 2.62
N ASP A 879 2.71 -49.27 2.66
CA ASP A 879 2.26 -48.45 1.54
C ASP A 879 3.05 -47.15 1.47
N ILE A 880 3.33 -46.68 0.26
CA ILE A 880 4.10 -45.43 0.07
C ILE A 880 3.35 -44.24 0.66
N LEU A 881 4.12 -43.36 1.31
CA LEU A 881 3.55 -42.18 1.96
C LEU A 881 2.41 -42.62 2.86
N GLU A 882 2.57 -43.81 3.41
CA GLU A 882 1.60 -44.38 4.33
C GLU A 882 1.50 -43.42 5.50
N GLY A 883 2.56 -42.65 5.68
CA GLY A 883 2.61 -41.68 6.76
C GLY A 883 1.80 -40.43 6.50
N ASP A 884 1.93 -39.84 5.32
CA ASP A 884 1.19 -38.62 5.00
C ASP A 884 -0.05 -38.86 4.15
N PRO A 885 -1.24 -38.79 4.78
CA PRO A 885 -2.53 -38.99 4.12
C PRO A 885 -2.94 -37.87 3.18
N PHE A 886 -2.69 -36.62 3.55
CA PHE A 886 -3.06 -35.50 2.70
C PHE A 886 -2.20 -35.42 1.44
N LEU A 887 -0.91 -35.73 1.60
CA LEU A 887 0.04 -35.70 0.49
C LEU A 887 -0.34 -36.66 -0.64
N LYS A 888 -1.13 -37.68 -0.32
CA LYS A 888 -1.59 -38.65 -1.31
C LYS A 888 -2.89 -38.11 -1.88
N GLN A 889 -3.75 -37.60 -1.01
CA GLN A 889 -5.03 -37.01 -1.42
C GLN A 889 -4.78 -36.05 -2.57
N GLY A 890 -3.82 -35.15 -2.37
CA GLY A 890 -3.49 -34.19 -3.41
C GLY A 890 -3.18 -34.93 -4.68
N LEU A 891 -2.12 -35.74 -4.64
CA LEU A 891 -1.70 -36.53 -5.78
C LEU A 891 -2.89 -37.13 -6.54
N VAL A 892 -3.76 -37.82 -5.82
CA VAL A 892 -4.94 -38.45 -6.44
C VAL A 892 -5.72 -37.50 -7.35
N LEU A 893 -5.89 -36.26 -6.93
CA LEU A 893 -6.62 -35.29 -7.72
C LEU A 893 -5.79 -34.86 -8.92
N ARG A 894 -4.50 -34.65 -8.69
CA ARG A 894 -3.60 -34.21 -9.73
C ARG A 894 -3.29 -35.23 -10.82
N ASN A 895 -2.70 -36.34 -10.41
CA ASN A 895 -2.30 -37.36 -11.34
C ASN A 895 -3.05 -37.51 -12.65
N PRO A 896 -4.38 -37.66 -12.61
CA PRO A 896 -5.06 -37.80 -13.90
C PRO A 896 -4.77 -36.71 -14.93
N TYR A 897 -4.55 -35.49 -14.48
CA TYR A 897 -4.22 -34.38 -15.40
C TYR A 897 -2.80 -34.55 -15.92
N ILE A 898 -1.89 -34.89 -15.03
CA ILE A 898 -0.50 -35.08 -15.42
C ILE A 898 -0.39 -36.23 -16.43
N THR A 899 -1.03 -37.35 -16.14
CA THR A 899 -1.01 -38.50 -17.04
C THR A 899 -1.43 -38.12 -18.47
N THR A 900 -2.36 -37.17 -18.57
CA THR A 900 -2.81 -36.74 -19.88
C THR A 900 -1.64 -36.07 -20.59
N LEU A 901 -1.03 -35.07 -19.93
CA LEU A 901 0.10 -34.34 -20.49
C LEU A 901 1.25 -35.27 -20.83
N ASN A 902 1.34 -36.38 -20.10
CA ASN A 902 2.37 -37.36 -20.36
C ASN A 902 2.11 -37.97 -21.70
N VAL A 903 0.98 -38.67 -21.82
CA VAL A 903 0.62 -39.29 -23.08
C VAL A 903 0.77 -38.28 -24.23
N PHE A 904 0.31 -37.06 -23.99
CA PHE A 904 0.36 -35.99 -24.99
C PHE A 904 1.79 -35.75 -25.43
N GLN A 905 2.66 -35.47 -24.45
CA GLN A 905 4.07 -35.23 -24.72
C GLN A 905 4.66 -36.42 -25.48
N ALA A 906 4.43 -37.62 -24.94
CA ALA A 906 4.94 -38.84 -25.53
C ALA A 906 4.64 -38.95 -27.03
N TYR A 907 3.38 -38.75 -27.43
CA TYR A 907 3.06 -38.86 -28.85
C TYR A 907 3.55 -37.67 -29.64
N THR A 908 3.64 -36.51 -29.00
CA THR A 908 4.12 -35.33 -29.70
C THR A 908 5.57 -35.58 -30.12
N LEU A 909 6.37 -36.04 -29.16
CA LEU A 909 7.77 -36.34 -29.45
C LEU A 909 7.78 -37.37 -30.59
N LYS A 910 6.88 -38.34 -30.48
CA LYS A 910 6.75 -39.39 -31.48
C LYS A 910 6.51 -38.81 -32.87
N ARG A 911 5.68 -37.77 -32.94
CA ARG A 911 5.36 -37.16 -34.22
C ARG A 911 6.51 -36.29 -34.70
N ILE A 912 7.06 -35.51 -33.78
CA ILE A 912 8.19 -34.64 -34.11
C ILE A 912 9.40 -35.42 -34.60
N ARG A 913 9.64 -36.59 -34.04
CA ARG A 913 10.78 -37.40 -34.43
C ARG A 913 10.54 -38.27 -35.67
N ASP A 914 9.37 -38.88 -35.75
CA ASP A 914 9.05 -39.77 -36.85
C ASP A 914 8.05 -39.13 -37.82
N PRO A 915 8.54 -38.23 -38.68
CA PRO A 915 7.69 -37.54 -39.65
C PRO A 915 6.79 -38.43 -40.49
N ASN A 916 7.02 -39.74 -40.45
CA ASN A 916 6.20 -40.68 -41.22
C ASN A 916 5.29 -41.51 -40.31
N PHE A 917 4.92 -40.91 -39.18
CA PHE A 917 4.04 -41.54 -38.21
C PHE A 917 2.63 -41.03 -38.56
N LYS A 918 1.91 -41.78 -39.39
CA LYS A 918 0.56 -41.37 -39.77
C LYS A 918 -0.35 -41.13 -38.58
N VAL A 919 -1.30 -40.23 -38.77
CA VAL A 919 -2.29 -39.85 -37.77
C VAL A 919 -3.59 -39.53 -38.48
N THR A 920 -4.71 -39.68 -37.78
CA THR A 920 -6.01 -39.39 -38.36
C THR A 920 -6.49 -38.11 -37.70
N PRO A 921 -6.58 -37.01 -38.47
CA PRO A 921 -7.00 -35.66 -38.09
C PRO A 921 -8.47 -35.53 -37.80
N GLN A 922 -8.78 -34.93 -36.66
CA GLN A 922 -10.15 -34.73 -36.26
C GLN A 922 -10.58 -33.32 -36.66
N PRO A 923 -11.88 -33.01 -36.53
CA PRO A 923 -12.42 -31.70 -36.88
C PRO A 923 -12.17 -30.68 -35.75
N PRO A 924 -12.03 -29.39 -36.07
CA PRO A 924 -11.77 -28.36 -35.06
C PRO A 924 -12.77 -28.41 -33.93
N LEU A 925 -12.36 -27.99 -32.74
CA LEU A 925 -13.24 -28.00 -31.58
C LEU A 925 -13.54 -26.58 -31.13
N SER A 926 -12.47 -25.80 -30.93
CA SER A 926 -12.65 -24.43 -30.48
C SER A 926 -13.46 -23.70 -31.53
N LYS A 927 -14.05 -22.57 -31.15
CA LYS A 927 -14.83 -21.76 -32.06
C LYS A 927 -13.84 -21.12 -33.05
N GLU A 928 -13.03 -21.97 -33.68
CA GLU A 928 -12.00 -21.58 -34.65
C GLU A 928 -10.88 -20.72 -34.06
N ALA A 936 -4.63 -20.55 -37.42
CA ALA A 936 -5.06 -19.57 -36.39
C ALA A 936 -3.87 -18.77 -35.92
N GLY A 937 -4.15 -17.53 -35.53
CA GLY A 937 -3.11 -16.64 -35.02
C GLY A 937 -2.54 -17.19 -33.73
N LEU A 938 -3.28 -18.10 -33.09
CA LEU A 938 -2.85 -18.74 -31.86
C LEU A 938 -1.63 -19.55 -32.28
N VAL A 939 -1.66 -20.04 -33.53
CA VAL A 939 -0.57 -20.83 -34.10
C VAL A 939 0.51 -19.92 -34.67
N LYS A 940 0.10 -18.78 -35.22
CA LYS A 940 1.04 -17.83 -35.79
C LYS A 940 1.88 -17.17 -34.69
N LEU A 941 1.66 -17.55 -33.44
CA LEU A 941 2.39 -16.99 -32.30
C LEU A 941 3.85 -17.46 -32.29
N ASN A 942 4.11 -18.58 -32.98
CA ASN A 942 5.44 -19.13 -33.09
C ASN A 942 5.82 -18.95 -34.57
N PRO A 943 6.46 -17.82 -34.90
CA PRO A 943 6.90 -17.45 -36.25
C PRO A 943 7.56 -18.59 -37.00
N ALA A 944 8.87 -18.74 -36.80
CA ALA A 944 9.63 -19.80 -37.45
C ALA A 944 9.86 -20.93 -36.46
N SER A 945 9.30 -22.09 -36.74
CA SER A 945 9.45 -23.27 -35.89
C SER A 945 10.12 -24.37 -36.68
N GLU A 946 11.06 -25.08 -36.07
CA GLU A 946 11.72 -26.17 -36.78
C GLU A 946 10.76 -27.33 -36.90
N TYR A 947 9.85 -27.48 -35.94
CA TYR A 947 8.87 -28.56 -35.97
C TYR A 947 7.58 -28.08 -36.62
N PRO A 948 6.80 -29.01 -37.21
CA PRO A 948 5.53 -28.69 -37.87
C PRO A 948 4.60 -27.96 -36.89
N PRO A 949 3.53 -27.34 -37.41
CA PRO A 949 2.54 -26.59 -36.64
C PRO A 949 2.56 -26.56 -35.10
N GLY A 950 1.41 -26.85 -34.52
CA GLY A 950 1.30 -26.82 -33.08
C GLY A 950 2.31 -27.63 -32.28
N LEU A 951 2.92 -28.61 -32.93
CA LEU A 951 3.87 -29.48 -32.26
C LEU A 951 4.82 -28.82 -31.28
N GLU A 952 5.49 -27.74 -31.67
CA GLU A 952 6.42 -27.12 -30.74
C GLU A 952 5.70 -26.54 -29.51
N ASP A 953 4.95 -25.47 -29.69
CA ASP A 953 4.21 -24.87 -28.59
C ASP A 953 3.54 -25.92 -27.72
N THR A 954 2.98 -26.94 -28.36
CA THR A 954 2.30 -27.97 -27.60
C THR A 954 3.28 -28.63 -26.67
N LEU A 955 4.45 -28.94 -27.21
CA LEU A 955 5.45 -29.60 -26.41
C LEU A 955 5.86 -28.70 -25.26
N ILE A 956 6.28 -27.48 -25.57
CA ILE A 956 6.69 -26.58 -24.49
C ILE A 956 5.60 -26.51 -23.43
N LEU A 957 4.35 -26.59 -23.86
CA LEU A 957 3.25 -26.53 -22.91
C LEU A 957 3.25 -27.76 -22.01
N THR A 958 3.32 -28.95 -22.60
CA THR A 958 3.33 -30.17 -21.79
C THR A 958 4.43 -30.12 -20.74
N MET A 959 5.62 -29.70 -21.13
CA MET A 959 6.72 -29.65 -20.18
C MET A 959 6.33 -28.68 -19.09
N LYS A 960 5.77 -27.56 -19.51
CA LYS A 960 5.35 -26.51 -18.60
C LYS A 960 4.41 -27.07 -17.53
N GLY A 961 3.36 -27.77 -17.98
CA GLY A 961 2.37 -28.33 -17.07
C GLY A 961 2.83 -29.51 -16.23
N ILE A 962 3.46 -30.50 -16.87
CA ILE A 962 3.95 -31.67 -16.15
C ILE A 962 4.82 -31.22 -15.01
N ALA A 963 5.65 -30.21 -15.28
CA ALA A 963 6.52 -29.64 -14.26
C ALA A 963 5.66 -28.97 -13.17
N ALA A 964 4.52 -28.40 -13.58
CA ALA A 964 3.63 -27.75 -12.65
C ALA A 964 2.98 -28.74 -11.71
N GLY A 965 2.40 -29.80 -12.29
CA GLY A 965 1.73 -30.83 -11.52
C GLY A 965 2.68 -31.53 -10.58
N MET A 966 3.93 -31.67 -11.03
CA MET A 966 4.96 -32.31 -10.24
C MET A 966 5.47 -31.37 -9.15
N GLN A 967 5.29 -30.06 -9.36
CA GLN A 967 5.75 -29.06 -8.41
C GLN A 967 7.22 -28.80 -8.60
N ASN A 968 7.82 -29.41 -9.61
CA ASN A 968 9.24 -29.22 -9.83
C ASN A 968 9.67 -29.29 -11.28
N THR A 969 10.55 -28.36 -11.66
CA THR A 969 11.08 -28.29 -13.02
C THR A 969 12.31 -29.19 -13.15
N GLY A 970 13.28 -28.96 -12.26
CA GLY A 970 14.51 -29.73 -12.26
C GLY A 970 15.39 -29.48 -11.03
N ILE B 35 -20.65 0.95 24.34
CA ILE B 35 -19.98 1.11 25.66
C ILE B 35 -18.79 0.15 25.81
N GLU B 36 -18.56 -0.67 24.79
CA GLU B 36 -17.46 -1.66 24.77
C GLU B 36 -16.05 -1.03 24.79
N TYR B 37 -15.62 -0.56 23.62
CA TYR B 37 -14.30 0.07 23.50
C TYR B 37 -14.34 1.35 24.32
N ASP B 38 -15.56 1.87 24.47
CA ASP B 38 -15.80 3.09 25.23
C ASP B 38 -14.96 3.07 26.50
N ALA B 39 -14.74 1.87 27.03
CA ALA B 39 -13.96 1.69 28.25
C ALA B 39 -12.57 1.19 27.91
N LEU B 40 -12.51 0.18 27.05
CA LEU B 40 -11.25 -0.39 26.62
C LEU B 40 -10.19 0.69 26.36
N LEU B 41 -10.58 1.68 25.56
CA LEU B 41 -9.68 2.77 25.20
C LEU B 41 -9.32 3.61 26.41
N VAL B 42 -10.33 4.15 27.09
CA VAL B 42 -10.11 4.98 28.28
C VAL B 42 -9.26 4.28 29.33
N ASP B 43 -9.59 3.03 29.59
CA ASP B 43 -8.87 2.26 30.58
C ASP B 43 -7.36 2.27 30.31
N ARG B 44 -6.95 1.90 29.10
CA ARG B 44 -5.53 1.89 28.77
C ARG B 44 -4.89 3.27 28.84
N PHE B 45 -5.68 4.31 28.58
CA PHE B 45 -5.15 5.66 28.63
C PHE B 45 -4.67 5.95 30.04
N LEU B 46 -5.56 5.75 31.00
CA LEU B 46 -5.24 5.98 32.39
C LEU B 46 -4.03 5.16 32.81
N ASN B 47 -4.08 3.87 32.54
CA ASN B 47 -2.98 2.98 32.90
C ASN B 47 -1.67 3.56 32.43
N ILE B 48 -1.69 4.20 31.27
CA ILE B 48 -0.49 4.84 30.72
C ILE B 48 -0.26 6.15 31.45
N LEU B 49 -1.33 6.90 31.67
CA LEU B 49 -1.27 8.18 32.37
C LEU B 49 -0.54 8.08 33.71
N GLN B 50 -0.98 7.13 34.54
CA GLN B 50 -0.38 6.93 35.84
C GLN B 50 0.99 6.26 35.69
N ASP B 51 1.17 5.56 34.58
CA ASP B 51 2.41 4.86 34.27
C ASP B 51 3.40 5.86 33.66
N LEU B 52 3.08 7.15 33.73
CA LEU B 52 3.96 8.17 33.17
C LEU B 52 4.13 9.43 34.04
N HIS B 53 3.13 9.74 34.85
CA HIS B 53 3.22 10.95 35.67
C HIS B 53 2.98 10.77 37.16
N GLY B 54 2.59 9.57 37.58
CA GLY B 54 2.38 9.35 38.99
C GLY B 54 0.94 8.94 39.26
N PRO B 55 0.70 8.05 40.23
CA PRO B 55 -0.65 7.59 40.57
C PRO B 55 -1.62 8.68 41.04
N SER B 56 -1.09 9.85 41.37
CA SER B 56 -1.91 10.97 41.84
C SER B 56 -2.68 11.63 40.74
N LEU B 57 -1.98 12.03 39.68
CA LEU B 57 -2.59 12.70 38.54
C LEU B 57 -3.68 11.81 37.97
N ARG B 58 -3.41 10.52 37.86
CA ARG B 58 -4.40 9.58 37.35
C ARG B 58 -5.67 9.73 38.19
N GLU B 59 -5.48 9.75 39.50
CA GLU B 59 -6.57 9.89 40.46
C GLU B 59 -7.25 11.25 40.34
N PHE B 60 -6.48 12.33 40.36
CA PHE B 60 -7.05 13.66 40.25
C PHE B 60 -8.03 13.70 39.07
N VAL B 61 -7.53 13.33 37.88
CA VAL B 61 -8.35 13.33 36.67
C VAL B 61 -9.61 12.50 36.95
N GLN B 62 -9.42 11.40 37.67
CA GLN B 62 -10.52 10.52 38.01
C GLN B 62 -11.56 11.30 38.81
N GLU B 63 -11.10 11.95 39.88
CA GLU B 63 -11.93 12.73 40.77
C GLU B 63 -12.75 13.79 40.02
N CYS B 64 -12.06 14.62 39.25
CA CYS B 64 -12.69 15.69 38.49
C CYS B 64 -13.86 15.18 37.67
N TYR B 65 -13.81 13.91 37.27
CA TYR B 65 -14.90 13.33 36.51
C TYR B 65 -15.92 12.88 37.53
N GLU B 66 -15.44 12.17 38.55
CA GLU B 66 -16.25 11.66 39.63
C GLU B 66 -17.15 12.81 40.10
N VAL B 67 -16.53 13.95 40.36
CA VAL B 67 -17.22 15.14 40.82
C VAL B 67 -18.21 15.67 39.78
N SER B 68 -17.70 16.07 38.63
CA SER B 68 -18.50 16.61 37.54
C SER B 68 -19.62 15.66 37.14
N ALA B 69 -19.41 14.38 37.39
CA ALA B 69 -20.40 13.37 37.07
C ALA B 69 -21.62 13.58 37.97
N ASP B 70 -21.35 14.09 39.17
CA ASP B 70 -22.43 14.35 40.10
C ASP B 70 -23.32 15.47 39.61
N TYR B 71 -22.72 16.60 39.20
CA TYR B 71 -23.51 17.73 38.69
C TYR B 71 -24.42 17.32 37.55
N GLU B 72 -23.81 16.76 36.49
CA GLU B 72 -24.55 16.30 35.33
C GLU B 72 -25.68 15.37 35.77
N GLY B 73 -25.45 14.63 36.86
CA GLY B 73 -26.46 13.72 37.38
C GLY B 73 -27.23 14.27 38.57
N LYS B 74 -27.05 15.55 38.85
CA LYS B 74 -27.74 16.23 39.95
C LYS B 74 -28.23 17.61 39.51
N GLY B 75 -27.29 18.52 39.26
CA GLY B 75 -27.68 19.84 38.82
C GLY B 75 -27.23 20.95 39.77
N ASP B 76 -26.95 20.57 41.01
CA ASP B 76 -26.50 21.52 42.01
C ASP B 76 -25.14 22.06 41.57
N THR B 77 -25.16 23.22 40.94
CA THR B 77 -23.93 23.86 40.47
C THR B 77 -22.94 24.08 41.60
N THR B 78 -23.37 23.79 42.83
CA THR B 78 -22.55 23.94 44.01
C THR B 78 -21.24 23.16 43.92
N LYS B 79 -21.33 21.89 43.55
CA LYS B 79 -20.15 21.05 43.42
C LYS B 79 -19.18 21.64 42.41
N LEU B 80 -19.73 22.22 41.35
CA LEU B 80 -18.93 22.83 40.29
C LEU B 80 -17.89 23.79 40.84
N GLY B 81 -18.33 24.72 41.69
CA GLY B 81 -17.40 25.68 42.26
C GLY B 81 -16.18 25.01 42.84
N GLU B 82 -16.37 23.85 43.45
CA GLU B 82 -15.28 23.11 44.05
C GLU B 82 -14.17 22.84 43.03
N LEU B 83 -14.51 22.13 41.95
CA LEU B 83 -13.55 21.81 40.90
C LEU B 83 -12.77 23.06 40.49
N GLY B 84 -13.50 24.13 40.21
CA GLY B 84 -12.87 25.38 39.81
C GLY B 84 -11.74 25.77 40.73
N ALA B 85 -12.00 25.69 42.03
CA ALA B 85 -11.00 26.03 43.04
C ALA B 85 -9.74 25.19 42.83
N LYS B 86 -9.92 23.88 42.94
CA LYS B 86 -8.81 22.94 42.78
C LYS B 86 -8.05 23.19 41.49
N LEU B 87 -8.76 23.15 40.37
CA LEU B 87 -8.18 23.35 39.04
C LEU B 87 -7.28 24.58 38.92
N THR B 88 -7.75 25.73 39.39
CA THR B 88 -6.96 26.95 39.33
C THR B 88 -5.77 26.88 40.29
N GLY B 89 -5.90 26.05 41.32
CA GLY B 89 -4.82 25.90 42.28
C GLY B 89 -3.80 24.85 41.91
N LEU B 90 -3.74 24.47 40.64
CA LEU B 90 -2.80 23.46 40.18
C LEU B 90 -1.59 24.14 39.57
N ALA B 91 -0.42 23.52 39.73
CA ALA B 91 0.80 24.06 39.17
C ALA B 91 0.66 24.14 37.65
N PRO B 92 1.18 25.22 37.02
CA PRO B 92 1.09 25.38 35.57
C PRO B 92 1.29 24.11 34.75
N ALA B 93 2.29 23.32 35.11
CA ALA B 93 2.56 22.07 34.39
C ALA B 93 1.39 21.11 34.55
N ASP B 94 0.96 20.90 35.78
CA ASP B 94 -0.15 20.00 36.06
C ASP B 94 -1.44 20.43 35.40
N ALA B 95 -1.66 21.74 35.36
CA ALA B 95 -2.87 22.28 34.75
C ALA B 95 -2.94 21.87 33.29
N ILE B 96 -1.77 21.77 32.66
CA ILE B 96 -1.68 21.37 31.26
C ILE B 96 -2.05 19.90 31.18
N LEU B 97 -1.26 19.08 31.86
CA LEU B 97 -1.48 17.64 31.89
C LEU B 97 -2.94 17.30 32.14
N VAL B 98 -3.50 17.86 33.20
CA VAL B 98 -4.89 17.61 33.54
C VAL B 98 -5.82 18.06 32.42
N ALA B 99 -5.40 19.09 31.69
CA ALA B 99 -6.21 19.59 30.60
C ALA B 99 -6.09 18.67 29.39
N SER B 100 -4.86 18.30 29.04
CA SER B 100 -4.62 17.41 27.92
C SER B 100 -5.28 16.05 28.12
N SER B 101 -5.11 15.48 29.31
CA SER B 101 -5.71 14.18 29.62
C SER B 101 -7.18 14.17 29.23
N ILE B 102 -7.97 15.01 29.86
CA ILE B 102 -9.41 15.11 29.56
C ILE B 102 -9.63 15.35 28.07
N LEU B 103 -8.64 15.96 27.42
CA LEU B 103 -8.72 16.23 25.99
C LEU B 103 -8.51 14.94 25.20
N HIS B 104 -7.35 14.31 25.42
CA HIS B 104 -7.05 13.06 24.74
C HIS B 104 -8.05 11.98 25.09
N MET B 105 -8.68 12.08 26.26
CA MET B 105 -9.67 11.08 26.67
C MET B 105 -10.91 11.29 25.84
N LEU B 106 -11.46 12.49 25.96
CA LEU B 106 -12.65 12.88 25.22
C LEU B 106 -12.44 12.49 23.75
N ASN B 107 -11.25 12.78 23.21
CA ASN B 107 -10.95 12.45 21.83
C ASN B 107 -11.23 10.97 21.59
N LEU B 108 -10.59 10.12 22.40
CA LEU B 108 -10.75 8.67 22.31
C LEU B 108 -12.22 8.27 22.21
N ALA B 109 -13.04 8.85 23.09
CA ALA B 109 -14.47 8.58 23.12
C ALA B 109 -15.06 8.69 21.73
N ASN B 110 -14.63 9.71 20.98
CA ASN B 110 -15.13 9.92 19.62
C ASN B 110 -14.63 8.81 18.71
N LEU B 111 -13.49 8.23 19.05
CA LEU B 111 -12.90 7.15 18.27
C LEU B 111 -13.64 5.84 18.52
N ALA B 112 -13.79 5.49 19.79
CA ALA B 112 -14.48 4.26 20.13
C ALA B 112 -15.92 4.29 19.65
N GLU B 113 -16.44 5.50 19.49
CA GLU B 113 -17.82 5.67 19.04
C GLU B 113 -17.92 5.45 17.53
N GLU B 114 -16.86 5.78 16.81
CA GLU B 114 -16.86 5.60 15.36
C GLU B 114 -16.81 4.11 15.06
N VAL B 115 -16.15 3.37 15.95
CA VAL B 115 -16.00 1.92 15.79
C VAL B 115 -17.31 1.25 16.24
N GLN B 116 -17.82 1.70 17.37
CA GLN B 116 -19.05 1.16 17.87
C GLN B 116 -20.20 1.20 16.86
N ILE B 117 -20.12 2.14 15.91
CA ILE B 117 -21.12 2.31 14.85
C ILE B 117 -20.85 1.35 13.69
N ALA B 118 -19.61 1.32 13.20
CA ALA B 118 -19.25 0.42 12.11
C ALA B 118 -19.52 -1.04 12.49
N HIS B 119 -18.79 -1.52 13.50
CA HIS B 119 -18.93 -2.90 13.95
C HIS B 119 -20.39 -3.31 14.16
N ARG B 120 -21.23 -2.35 14.56
CA ARG B 120 -22.63 -2.67 14.80
C ARG B 120 -23.51 -2.40 13.59
N ARG B 121 -23.04 -1.59 12.67
CA ARG B 121 -23.80 -1.30 11.46
C ARG B 121 -23.45 -2.39 10.45
N ARG B 122 -22.19 -2.80 10.47
CA ARG B 122 -21.67 -3.83 9.57
C ARG B 122 -22.41 -5.15 9.75
N ASN B 123 -23.47 -5.13 10.56
CA ASN B 123 -24.27 -6.33 10.81
C ASN B 123 -25.66 -6.22 10.19
N SER B 141 -28.77 5.95 2.49
CA SER B 141 -27.96 5.00 3.32
C SER B 141 -27.33 3.92 2.45
N ASP B 142 -28.16 3.29 1.64
CA ASP B 142 -27.73 2.25 0.72
C ASP B 142 -28.38 2.52 -0.62
N ILE B 143 -27.58 2.51 -1.67
CA ILE B 143 -28.08 2.77 -3.01
C ILE B 143 -28.91 1.64 -3.55
N GLU B 144 -28.45 0.41 -3.32
CA GLU B 144 -29.19 -0.73 -3.83
C GLU B 144 -30.60 -0.66 -3.27
N GLU B 145 -30.67 -0.37 -1.98
CA GLU B 145 -31.94 -0.25 -1.29
C GLU B 145 -32.80 0.80 -1.98
N THR B 146 -32.25 2.00 -2.09
CA THR B 146 -32.92 3.14 -2.70
C THR B 146 -33.34 2.88 -4.13
N LEU B 147 -32.57 2.07 -4.84
CA LEU B 147 -32.88 1.74 -6.21
C LEU B 147 -34.07 0.78 -6.26
N LYS B 148 -34.17 -0.07 -5.24
CA LYS B 148 -35.26 -1.03 -5.13
C LYS B 148 -36.51 -0.27 -4.73
N ARG B 149 -36.39 0.48 -3.65
CA ARG B 149 -37.48 1.27 -3.14
C ARG B 149 -38.09 2.15 -4.25
N LEU B 150 -37.27 2.54 -5.22
CA LEU B 150 -37.74 3.39 -6.31
C LEU B 150 -38.49 2.64 -7.40
N VAL B 151 -38.02 1.44 -7.70
CA VAL B 151 -38.67 0.66 -8.75
C VAL B 151 -39.82 -0.14 -8.16
N SER B 152 -39.64 -0.62 -6.92
CA SER B 152 -40.67 -1.41 -6.24
C SER B 152 -41.80 -0.55 -5.68
N GLU B 153 -41.48 0.22 -4.65
CA GLU B 153 -42.44 1.07 -3.99
C GLU B 153 -42.84 2.32 -4.77
N VAL B 154 -41.87 3.13 -5.21
CA VAL B 154 -42.20 4.35 -5.93
C VAL B 154 -42.75 4.09 -7.34
N GLY B 155 -42.59 2.85 -7.79
CA GLY B 155 -43.09 2.46 -9.09
C GLY B 155 -42.40 3.07 -10.28
N LYS B 156 -41.08 3.15 -10.22
CA LYS B 156 -40.33 3.71 -11.33
C LYS B 156 -39.80 2.63 -12.24
N SER B 157 -39.55 3.00 -13.49
CA SER B 157 -39.01 2.08 -14.48
C SER B 157 -37.52 1.89 -14.19
N PRO B 158 -37.04 0.64 -14.14
CA PRO B 158 -35.62 0.47 -13.87
C PRO B 158 -34.78 1.21 -14.92
N GLU B 159 -35.37 1.45 -16.08
CA GLU B 159 -34.67 2.19 -17.14
C GLU B 159 -34.73 3.65 -16.76
N GLU B 160 -35.80 4.05 -16.11
CA GLU B 160 -35.97 5.42 -15.69
C GLU B 160 -34.96 5.75 -14.59
N VAL B 161 -34.71 4.77 -13.73
CA VAL B 161 -33.76 4.97 -12.65
C VAL B 161 -32.35 4.99 -13.20
N PHE B 162 -32.06 4.07 -14.12
CA PHE B 162 -30.73 4.00 -14.71
C PHE B 162 -30.45 5.31 -15.42
N GLU B 163 -31.34 5.68 -16.33
CA GLU B 163 -31.20 6.92 -17.08
C GLU B 163 -30.91 8.10 -16.15
N ALA B 164 -31.74 8.27 -15.14
CA ALA B 164 -31.57 9.36 -14.18
C ALA B 164 -30.22 9.30 -13.47
N LEU B 165 -29.73 8.09 -13.25
CA LEU B 165 -28.48 7.88 -12.55
C LEU B 165 -27.30 8.29 -13.43
N LYS B 166 -27.51 8.24 -14.74
CA LYS B 166 -26.47 8.61 -15.70
C LYS B 166 -26.35 10.12 -15.81
N ASN B 167 -27.40 10.83 -15.46
CA ASN B 167 -27.41 12.30 -15.55
C ASN B 167 -27.29 12.97 -14.19
N GLN B 168 -26.91 12.20 -13.19
CA GLN B 168 -26.77 12.77 -11.87
C GLN B 168 -25.31 13.09 -11.59
N THR B 169 -25.10 14.12 -10.78
CA THR B 169 -23.75 14.54 -10.41
C THR B 169 -23.77 15.29 -9.11
N VAL B 170 -22.81 14.99 -8.24
CA VAL B 170 -22.75 15.65 -6.97
C VAL B 170 -21.33 16.12 -6.70
N ASP B 171 -21.10 17.40 -6.91
CA ASP B 171 -19.79 18.00 -6.72
C ASP B 171 -19.57 18.33 -5.24
N LEU B 172 -18.68 17.59 -4.60
CA LEU B 172 -18.37 17.82 -3.19
C LEU B 172 -17.13 18.70 -3.16
N VAL B 173 -17.30 19.91 -2.66
CA VAL B 173 -16.20 20.87 -2.60
C VAL B 173 -15.51 20.98 -1.24
N PHE B 174 -14.26 20.54 -1.16
CA PHE B 174 -13.51 20.62 0.08
C PHE B 174 -13.01 22.05 0.25
N THR B 175 -13.08 22.58 1.48
CA THR B 175 -12.58 23.92 1.75
C THR B 175 -11.80 23.78 3.04
N ALA B 176 -10.96 24.76 3.33
CA ALA B 176 -10.18 24.68 4.54
C ALA B 176 -10.61 25.70 5.57
N HIS B 177 -11.90 25.75 5.88
CA HIS B 177 -12.35 26.71 6.89
C HIS B 177 -11.69 26.40 8.23
N PRO B 178 -11.45 27.45 9.03
CA PRO B 178 -10.82 27.37 10.36
C PRO B 178 -11.68 26.58 11.33
N THR B 179 -12.32 25.56 10.80
CA THR B 179 -13.19 24.71 11.59
C THR B 179 -12.44 23.49 12.16
N GLN B 180 -11.33 23.10 11.52
CA GLN B 180 -10.55 21.94 11.98
C GLN B 180 -9.71 22.19 13.23
N SER B 181 -10.36 22.25 14.40
CA SER B 181 -9.67 22.48 15.66
C SER B 181 -8.77 21.32 16.10
N ALA B 182 -8.47 20.43 15.16
CA ALA B 182 -7.64 19.26 15.45
C ALA B 182 -6.27 19.31 14.79
N ARG B 183 -5.25 18.92 15.55
CA ARG B 183 -3.90 18.91 15.02
C ARG B 183 -3.75 17.83 13.95
N ARG B 184 -3.21 18.20 12.80
CA ARG B 184 -3.00 17.29 11.68
C ARG B 184 -2.09 16.13 12.10
N SER B 185 -1.24 16.40 13.07
CA SER B 185 -0.32 15.40 13.57
C SER B 185 -1.07 14.46 14.49
N LEU B 186 -2.18 14.94 15.02
CA LEU B 186 -2.99 14.12 15.93
C LEU B 186 -3.89 13.19 15.13
N LEU B 187 -4.39 13.69 14.00
CA LEU B 187 -5.28 12.88 13.18
C LEU B 187 -4.60 11.60 12.72
N GLN B 188 -3.34 11.71 12.31
CA GLN B 188 -2.60 10.54 11.87
C GLN B 188 -2.73 9.41 12.89
N LYS B 189 -2.50 9.74 14.16
CA LYS B 189 -2.55 8.79 15.28
C LYS B 189 -3.95 8.26 15.58
N ASN B 190 -4.97 9.04 15.27
CA ASN B 190 -6.35 8.61 15.48
C ASN B 190 -6.66 7.47 14.51
N ALA B 191 -6.35 7.71 13.23
CA ALA B 191 -6.57 6.72 12.20
C ALA B 191 -5.86 5.43 12.60
N ARG B 192 -4.58 5.55 12.97
CA ARG B 192 -3.77 4.42 13.41
C ARG B 192 -4.55 3.62 14.45
N ILE B 193 -5.02 4.34 15.45
CA ILE B 193 -5.77 3.77 16.55
C ILE B 193 -7.00 3.04 16.06
N ARG B 194 -7.83 3.75 15.30
CA ARG B 194 -9.06 3.15 14.75
C ARG B 194 -8.73 1.82 14.08
N ASN B 195 -7.69 1.82 13.26
CA ASN B 195 -7.27 0.62 12.57
C ASN B 195 -6.92 -0.50 13.56
N CYS B 196 -6.15 -0.16 14.59
CA CYS B 196 -5.75 -1.15 15.60
C CYS B 196 -6.93 -1.59 16.47
N LEU B 197 -7.95 -0.74 16.57
CA LEU B 197 -9.14 -1.05 17.37
C LEU B 197 -10.01 -2.03 16.65
N THR B 198 -10.15 -1.82 15.35
CA THR B 198 -10.94 -2.68 14.48
C THR B 198 -10.30 -4.06 14.40
N GLN B 199 -9.03 -4.09 14.06
CA GLN B 199 -8.30 -5.34 13.95
C GLN B 199 -8.28 -6.08 15.26
N LEU B 200 -7.98 -5.36 16.33
CA LEU B 200 -7.92 -5.98 17.66
C LEU B 200 -9.23 -6.63 18.05
N ASN B 201 -10.27 -6.37 17.25
CA ASN B 201 -11.60 -6.92 17.50
C ASN B 201 -12.08 -7.88 16.41
N ALA B 202 -11.14 -8.47 15.68
CA ALA B 202 -11.48 -9.44 14.65
C ALA B 202 -11.77 -10.74 15.39
N LYS B 203 -11.79 -11.84 14.67
CA LYS B 203 -12.07 -13.12 15.30
C LYS B 203 -11.05 -14.17 14.88
N ASP B 204 -10.48 -13.99 13.69
CA ASP B 204 -9.49 -14.92 13.15
C ASP B 204 -8.05 -14.61 13.58
N ILE B 205 -7.89 -13.68 14.52
CA ILE B 205 -6.56 -13.33 15.01
C ILE B 205 -6.23 -14.20 16.21
N THR B 206 -4.96 -14.54 16.36
CA THR B 206 -4.53 -15.39 17.46
C THR B 206 -4.17 -14.58 18.69
N ASP B 207 -3.68 -15.25 19.72
CA ASP B 207 -3.29 -14.57 20.95
C ASP B 207 -2.07 -13.68 20.72
N ASP B 208 -1.04 -14.24 20.09
CA ASP B 208 0.16 -13.47 19.81
C ASP B 208 -0.29 -12.26 18.99
N ASP B 209 -1.08 -12.53 17.94
CA ASP B 209 -1.58 -11.47 17.08
C ASP B 209 -2.27 -10.43 17.92
N LYS B 210 -3.12 -10.88 18.83
CA LYS B 210 -3.86 -9.96 19.69
C LYS B 210 -2.97 -9.16 20.62
N GLN B 211 -1.96 -9.80 21.19
CA GLN B 211 -1.05 -9.11 22.10
C GLN B 211 -0.20 -8.07 21.40
N GLU B 212 0.32 -8.43 20.23
CA GLU B 212 1.14 -7.52 19.44
C GLU B 212 0.33 -6.32 18.99
N LEU B 213 -0.97 -6.53 18.74
CA LEU B 213 -1.86 -5.46 18.30
C LEU B 213 -2.23 -4.55 19.44
N ASP B 214 -2.64 -5.14 20.56
CA ASP B 214 -3.00 -4.33 21.71
C ASP B 214 -1.77 -3.57 22.18
N GLU B 215 -0.59 -4.16 22.01
CA GLU B 215 0.64 -3.52 22.40
C GLU B 215 0.85 -2.28 21.57
N ALA B 216 0.60 -2.39 20.27
CA ALA B 216 0.76 -1.27 19.35
C ALA B 216 -0.25 -0.17 19.66
N LEU B 217 -1.49 -0.58 19.86
CA LEU B 217 -2.58 0.36 20.15
C LEU B 217 -2.27 1.28 21.32
N GLN B 218 -1.40 0.85 22.23
CA GLN B 218 -1.05 1.65 23.39
C GLN B 218 0.10 2.59 23.07
N ARG B 219 1.14 2.05 22.45
CA ARG B 219 2.28 2.88 22.11
C ARG B 219 1.79 4.01 21.22
N GLU B 220 0.69 3.79 20.51
CA GLU B 220 0.16 4.83 19.65
C GLU B 220 -0.60 5.86 20.47
N ILE B 221 -1.32 5.43 21.49
CA ILE B 221 -2.07 6.35 22.35
C ILE B 221 -1.07 7.21 23.13
N GLN B 222 0.02 6.57 23.54
CA GLN B 222 1.09 7.25 24.29
C GLN B 222 1.84 8.21 23.38
N ALA B 223 1.82 7.94 22.08
CA ALA B 223 2.48 8.79 21.09
C ALA B 223 1.79 10.14 20.96
N ALA B 224 0.47 10.12 20.89
CA ALA B 224 -0.30 11.34 20.74
C ALA B 224 -0.27 12.19 21.99
N PHE B 225 -0.10 11.54 23.13
CA PHE B 225 -0.05 12.23 24.41
C PHE B 225 1.30 12.91 24.52
N ARG B 226 2.36 12.19 24.18
CA ARG B 226 3.70 12.75 24.27
C ARG B 226 3.96 13.79 23.17
N THR B 227 2.87 14.25 22.53
CA THR B 227 2.93 15.24 21.45
C THR B 227 2.09 16.49 21.74
N ASP B 228 2.71 17.67 21.66
CA ASP B 228 2.02 18.94 21.94
C ASP B 228 0.85 19.10 20.98
N GLU B 229 -0.37 19.04 21.50
CA GLU B 229 -1.56 19.14 20.68
C GLU B 229 -1.90 20.54 20.20
N ILE B 230 -1.18 21.53 20.72
CA ILE B 230 -1.40 22.92 20.34
C ILE B 230 -0.47 23.32 19.21
N ARG B 231 -1.01 23.72 18.07
CA ARG B 231 -0.16 24.15 16.99
C ARG B 231 0.42 25.51 17.36
N ARG B 232 1.74 25.63 17.29
CA ARG B 232 2.40 26.88 17.61
C ARG B 232 2.36 27.91 16.48
N ALA B 233 2.81 27.54 15.29
CA ALA B 233 2.82 28.45 14.15
C ALA B 233 1.58 28.36 13.27
N GLN B 234 0.98 29.51 12.98
CA GLN B 234 -0.21 29.55 12.15
C GLN B 234 0.06 28.89 10.80
N PRO B 235 -0.94 28.21 10.22
CA PRO B 235 -0.79 27.55 8.93
C PRO B 235 -0.64 28.49 7.76
N THR B 236 -0.29 27.91 6.63
CA THR B 236 -0.10 28.65 5.40
C THR B 236 -1.07 28.09 4.36
N PRO B 237 -1.55 28.93 3.44
CA PRO B 237 -2.49 28.45 2.43
C PRO B 237 -2.02 27.15 1.77
N GLN B 238 -0.71 27.00 1.58
CA GLN B 238 -0.18 25.78 0.98
C GLN B 238 -0.32 24.60 1.94
N ALA B 239 -0.06 24.85 3.23
CA ALA B 239 -0.17 23.81 4.25
C ALA B 239 -1.62 23.36 4.39
N GLU B 240 -2.56 24.28 4.15
CA GLU B 240 -3.99 23.99 4.25
C GLU B 240 -4.51 23.17 3.07
N MET B 241 -3.98 23.39 1.87
CA MET B 241 -4.44 22.64 0.70
C MET B 241 -3.87 21.23 0.84
N ARG B 242 -2.75 21.14 1.53
CA ARG B 242 -2.07 19.88 1.78
C ARG B 242 -2.88 19.00 2.74
N TYR B 243 -3.41 19.59 3.81
CA TYR B 243 -4.22 18.85 4.77
C TYR B 243 -5.43 18.21 4.08
N GLY B 244 -6.20 19.02 3.37
CA GLY B 244 -7.39 18.54 2.67
C GLY B 244 -7.10 17.63 1.49
N MET B 245 -5.88 17.74 0.96
CA MET B 245 -5.51 16.92 -0.18
C MET B 245 -5.22 15.50 0.23
N SER B 246 -4.62 15.33 1.41
CA SER B 246 -4.31 13.99 1.90
C SER B 246 -5.47 13.02 1.79
N TYR B 247 -6.66 13.50 2.10
CA TYR B 247 -7.85 12.66 2.05
C TYR B 247 -8.09 12.13 0.65
N ILE B 248 -7.70 12.90 -0.35
CA ILE B 248 -7.90 12.48 -1.72
C ILE B 248 -7.05 11.27 -2.06
N HIS B 249 -5.74 11.44 -2.09
CA HIS B 249 -4.88 10.31 -2.44
C HIS B 249 -4.82 9.24 -1.37
N GLU B 250 -5.19 9.56 -0.14
CA GLU B 250 -5.15 8.57 0.92
C GLU B 250 -6.42 7.73 1.03
N THR B 251 -7.51 8.23 0.47
CA THR B 251 -8.78 7.53 0.54
C THR B 251 -9.61 7.63 -0.72
N VAL B 252 -10.11 8.82 -1.00
CA VAL B 252 -10.94 9.06 -2.18
C VAL B 252 -10.41 8.56 -3.53
N TRP B 253 -9.09 8.51 -3.70
CA TRP B 253 -8.54 8.07 -4.98
C TRP B 253 -8.89 6.62 -5.27
N LYS B 254 -8.74 5.76 -4.27
CA LYS B 254 -9.06 4.36 -4.42
C LYS B 254 -10.56 4.16 -4.21
N GLY B 255 -11.11 4.94 -3.29
CA GLY B 255 -12.53 4.86 -2.98
C GLY B 255 -13.50 5.03 -4.14
N VAL B 256 -13.27 6.00 -5.00
CA VAL B 256 -14.18 6.24 -6.12
C VAL B 256 -14.51 5.03 -6.99
N PRO B 257 -13.48 4.31 -7.47
CA PRO B 257 -13.77 3.15 -8.30
C PRO B 257 -14.58 2.11 -7.54
N LYS B 258 -14.26 1.94 -6.26
CA LYS B 258 -15.00 0.97 -5.47
C LYS B 258 -16.46 1.33 -5.41
N PHE B 259 -16.76 2.51 -4.88
CA PHE B 259 -18.14 2.97 -4.77
C PHE B 259 -18.90 2.75 -6.08
N LEU B 260 -18.21 3.00 -7.19
CA LEU B 260 -18.81 2.83 -8.50
C LEU B 260 -19.15 1.38 -8.85
N ARG B 261 -18.20 0.46 -8.65
CA ARG B 261 -18.48 -0.95 -8.93
C ARG B 261 -19.74 -1.35 -8.17
N ARG B 262 -19.81 -0.96 -6.91
CA ARG B 262 -20.95 -1.29 -6.07
C ARG B 262 -22.22 -0.79 -6.72
N VAL B 263 -22.16 0.40 -7.29
CA VAL B 263 -23.32 0.93 -7.97
C VAL B 263 -23.62 0.05 -9.18
N ASP B 264 -22.58 -0.48 -9.81
CA ASP B 264 -22.75 -1.37 -10.95
C ASP B 264 -23.50 -2.60 -10.46
N THR B 265 -23.12 -3.06 -9.28
CA THR B 265 -23.72 -4.22 -8.65
C THR B 265 -25.20 -3.95 -8.40
N ALA B 266 -25.49 -2.82 -7.75
CA ALA B 266 -26.86 -2.43 -7.47
C ALA B 266 -27.72 -2.37 -8.73
N LEU B 267 -27.21 -1.75 -9.78
CA LEU B 267 -27.94 -1.63 -11.03
C LEU B 267 -28.28 -2.99 -11.60
N LYS B 268 -27.48 -4.00 -11.25
CA LYS B 268 -27.72 -5.35 -11.73
C LYS B 268 -28.80 -5.92 -10.82
N ASN B 269 -28.58 -5.78 -9.51
CA ASN B 269 -29.56 -6.29 -8.53
C ASN B 269 -30.97 -5.70 -8.61
N ILE B 270 -31.37 -5.15 -9.77
CA ILE B 270 -32.69 -4.53 -9.92
C ILE B 270 -33.10 -4.56 -11.37
N GLY B 271 -32.22 -5.12 -12.17
CA GLY B 271 -32.58 -5.25 -13.54
C GLY B 271 -31.48 -5.00 -14.47
N ILE B 272 -31.26 -3.72 -14.77
CA ILE B 272 -30.17 -3.35 -15.67
C ILE B 272 -28.94 -4.25 -15.49
N ASN B 273 -28.63 -4.97 -16.55
CA ASN B 273 -27.50 -5.90 -16.59
C ASN B 273 -26.36 -5.23 -17.35
N GLU B 274 -26.39 -3.90 -17.34
CA GLU B 274 -25.36 -3.10 -17.98
C GLU B 274 -24.70 -2.25 -16.90
N ARG B 275 -23.39 -2.06 -17.00
CA ARG B 275 -22.68 -1.26 -16.01
C ARG B 275 -22.95 0.21 -16.25
N LEU B 276 -22.52 1.04 -15.31
CA LEU B 276 -22.73 2.47 -15.43
C LEU B 276 -21.54 3.02 -16.20
N PRO B 277 -21.77 3.53 -17.43
CA PRO B 277 -20.72 4.10 -18.31
C PRO B 277 -19.63 4.87 -17.54
N TYR B 278 -18.37 4.53 -17.82
CA TYR B 278 -17.27 5.15 -17.11
C TYR B 278 -17.12 6.66 -17.22
N ASN B 279 -17.63 7.25 -18.29
CA ASN B 279 -17.57 8.70 -18.51
C ASN B 279 -18.57 9.45 -17.60
N VAL B 280 -19.58 8.72 -17.15
CA VAL B 280 -20.58 9.28 -16.25
C VAL B 280 -19.98 9.36 -14.85
N SER B 281 -20.01 10.54 -14.24
CA SER B 281 -19.47 10.69 -12.88
C SER B 281 -20.55 11.09 -11.88
N LEU B 282 -20.89 10.18 -10.97
CA LEU B 282 -21.91 10.47 -9.97
C LEU B 282 -21.45 11.52 -8.98
N ILE B 283 -20.16 11.47 -8.65
CA ILE B 283 -19.59 12.44 -7.74
C ILE B 283 -18.33 12.98 -8.37
N ARG B 284 -17.97 14.19 -7.97
CA ARG B 284 -16.81 14.87 -8.49
C ARG B 284 -16.23 15.63 -7.32
N PHE B 285 -14.93 15.90 -7.35
CA PHE B 285 -14.31 16.61 -6.26
C PHE B 285 -13.72 17.96 -6.64
N SER B 286 -14.00 18.97 -5.81
CA SER B 286 -13.51 20.31 -6.05
C SER B 286 -12.95 20.91 -4.77
N SER B 287 -12.02 21.84 -4.93
CA SER B 287 -11.43 22.49 -3.77
C SER B 287 -11.59 24.01 -3.82
N TRP B 288 -11.38 24.62 -2.67
CA TRP B 288 -11.47 26.06 -2.51
C TRP B 288 -10.15 26.48 -1.94
N MET B 289 -9.48 25.53 -1.31
CA MET B 289 -8.17 25.73 -0.69
C MET B 289 -7.11 26.24 -1.66
N GLY B 290 -6.97 27.57 -1.71
CA GLY B 290 -6.02 28.21 -2.61
C GLY B 290 -6.72 29.10 -3.60
N GLY B 291 -8.02 28.88 -3.80
CA GLY B 291 -8.78 29.68 -4.75
C GLY B 291 -9.70 30.67 -4.07
N ASP B 292 -10.12 30.34 -2.85
CA ASP B 292 -10.98 31.22 -2.07
C ASP B 292 -10.08 32.22 -1.41
N ARG B 293 -10.19 33.48 -1.81
CA ARG B 293 -9.36 34.53 -1.23
C ARG B 293 -10.18 35.58 -0.50
N ASP B 294 -11.48 35.31 -0.35
CA ASP B 294 -12.39 36.23 0.34
C ASP B 294 -12.08 36.33 1.83
N GLY B 295 -11.77 37.54 2.27
CA GLY B 295 -11.47 37.77 3.66
C GLY B 295 -10.09 37.28 4.06
N ASN B 296 -9.41 36.59 3.15
CA ASN B 296 -8.06 36.11 3.46
C ASN B 296 -7.04 36.70 2.50
N PRO B 297 -6.20 37.63 3.00
CA PRO B 297 -5.17 38.26 2.18
C PRO B 297 -4.01 37.32 1.82
N ARG B 298 -3.57 36.54 2.81
CA ARG B 298 -2.44 35.61 2.67
C ARG B 298 -2.48 34.70 1.46
N VAL B 299 -3.63 34.68 0.79
CA VAL B 299 -3.80 33.87 -0.41
C VAL B 299 -3.43 34.70 -1.63
N THR B 300 -2.16 35.01 -1.76
CA THR B 300 -1.69 35.80 -2.89
C THR B 300 -2.01 35.06 -4.17
N PRO B 301 -1.92 35.73 -5.31
CA PRO B 301 -2.21 35.08 -6.59
C PRO B 301 -1.13 34.06 -6.94
N GLU B 302 -0.07 34.04 -6.14
CA GLU B 302 1.01 33.09 -6.36
C GLU B 302 0.63 31.77 -5.74
N VAL B 303 0.03 31.84 -4.55
CA VAL B 303 -0.39 30.63 -3.86
C VAL B 303 -1.34 29.85 -4.76
N THR B 304 -2.06 30.56 -5.62
CA THR B 304 -2.99 29.91 -6.52
C THR B 304 -2.28 29.04 -7.55
N ARG B 305 -1.30 29.58 -8.25
CA ARG B 305 -0.59 28.77 -9.24
C ARG B 305 0.16 27.68 -8.50
N ASP B 306 0.66 28.03 -7.32
CA ASP B 306 1.43 27.11 -6.49
C ASP B 306 0.71 25.81 -6.19
N VAL B 307 -0.49 25.89 -5.65
CA VAL B 307 -1.25 24.69 -5.33
C VAL B 307 -1.80 24.00 -6.58
N CYS B 308 -2.23 24.77 -7.57
CA CYS B 308 -2.76 24.17 -8.80
C CYS B 308 -1.66 23.47 -9.60
N LEU B 309 -0.42 23.66 -9.17
CA LEU B 309 0.71 23.07 -9.84
C LEU B 309 1.06 21.79 -9.11
N LEU B 310 1.17 21.92 -7.80
CA LEU B 310 1.50 20.80 -6.92
C LEU B 310 0.46 19.71 -7.10
N ALA B 311 -0.81 20.11 -7.18
CA ALA B 311 -1.91 19.18 -7.34
C ALA B 311 -1.74 18.33 -8.61
N ARG B 312 -1.36 18.99 -9.70
CA ARG B 312 -1.16 18.30 -10.97
C ARG B 312 0.04 17.36 -10.90
N MET B 313 0.99 17.68 -10.03
CA MET B 313 2.18 16.86 -9.88
C MET B 313 1.80 15.60 -9.13
N MET B 314 0.83 15.72 -8.24
CA MET B 314 0.36 14.59 -7.44
C MET B 314 -0.55 13.73 -8.32
N ALA B 315 -1.45 14.38 -9.05
CA ALA B 315 -2.36 13.66 -9.93
C ALA B 315 -1.58 12.79 -10.92
N ALA B 316 -0.68 13.43 -11.66
CA ALA B 316 0.15 12.74 -12.64
C ALA B 316 0.91 11.62 -11.96
N ASN B 317 1.37 11.92 -10.76
CA ASN B 317 2.12 10.98 -9.97
C ASN B 317 1.31 9.71 -9.68
N LEU B 318 0.11 9.87 -9.12
CA LEU B 318 -0.77 8.74 -8.80
C LEU B 318 -1.05 7.90 -10.03
N TYR B 319 -1.37 8.58 -11.14
CA TYR B 319 -1.67 7.89 -12.38
C TYR B 319 -0.57 6.93 -12.80
N ILE B 320 0.68 7.31 -12.55
CA ILE B 320 1.80 6.45 -12.91
C ILE B 320 1.72 5.14 -12.15
N ASP B 321 1.68 5.19 -10.83
CA ASP B 321 1.59 3.98 -10.02
C ASP B 321 0.49 3.05 -10.52
N GLN B 322 -0.55 3.64 -11.07
CA GLN B 322 -1.69 2.90 -11.58
C GLN B 322 -1.35 2.28 -12.91
N ILE B 323 -1.02 3.15 -13.87
CA ILE B 323 -0.66 2.69 -15.21
C ILE B 323 0.41 1.62 -15.19
N GLU B 324 1.43 1.83 -14.36
CA GLU B 324 2.54 0.89 -14.23
C GLU B 324 1.94 -0.47 -13.94
N GLU B 325 1.11 -0.53 -12.91
CA GLU B 325 0.45 -1.74 -12.49
C GLU B 325 -0.37 -2.34 -13.62
N LEU B 326 -1.26 -1.54 -14.18
CA LEU B 326 -2.10 -2.03 -15.27
C LEU B 326 -1.29 -2.52 -16.47
N MET B 327 0.01 -2.25 -16.50
CA MET B 327 0.85 -2.72 -17.60
C MET B 327 1.16 -4.18 -17.37
N PHE B 328 1.29 -4.55 -16.11
CA PHE B 328 1.60 -5.92 -15.74
C PHE B 328 0.40 -6.81 -15.96
N GLU B 329 -0.79 -6.22 -15.77
CA GLU B 329 -2.00 -6.98 -15.96
C GLU B 329 -2.23 -7.26 -17.43
N LEU B 330 -2.74 -6.29 -18.17
CA LEU B 330 -3.01 -6.46 -19.60
C LEU B 330 -1.80 -7.05 -20.36
N SER B 331 -1.76 -8.36 -20.49
CA SER B 331 -0.65 -9.00 -21.17
C SER B 331 -1.15 -9.92 -22.28
N MET B 332 -2.35 -9.70 -22.79
CA MET B 332 -2.88 -10.56 -23.85
C MET B 332 -2.12 -10.26 -25.13
N TRP B 333 -2.27 -11.12 -26.13
CA TRP B 333 -1.60 -10.89 -27.39
C TRP B 333 -2.62 -10.58 -28.48
N ARG B 334 -3.91 -10.74 -28.17
CA ARG B 334 -4.99 -10.48 -29.13
C ARG B 334 -5.41 -9.01 -29.11
N CYS B 335 -5.80 -8.46 -30.25
CA CYS B 335 -6.18 -7.06 -30.25
C CYS B 335 -6.90 -6.54 -31.51
N ASN B 336 -7.27 -5.26 -31.47
CA ASN B 336 -7.96 -4.55 -32.56
C ASN B 336 -7.04 -4.36 -33.74
N ASP B 337 -7.61 -4.23 -34.93
CA ASP B 337 -6.83 -4.01 -36.13
C ASP B 337 -6.31 -2.59 -35.96
N GLU B 338 -7.11 -1.82 -35.24
CA GLU B 338 -6.81 -0.43 -34.95
C GLU B 338 -5.64 -0.33 -33.97
N LEU B 339 -5.70 -1.13 -32.91
CA LEU B 339 -4.66 -1.13 -31.89
C LEU B 339 -3.40 -1.83 -32.39
N ARG B 340 -3.59 -2.84 -33.25
CA ARG B 340 -2.46 -3.58 -33.81
C ARG B 340 -1.62 -2.60 -34.62
N VAL B 341 -2.32 -1.73 -35.32
CA VAL B 341 -1.69 -0.73 -36.15
C VAL B 341 -0.99 0.27 -35.24
N ARG B 342 -1.75 0.84 -34.30
CA ARG B 342 -1.22 1.83 -33.37
C ARG B 342 0.04 1.34 -32.66
N ALA B 343 -0.09 0.22 -31.96
CA ALA B 343 1.02 -0.35 -31.23
C ALA B 343 2.16 -0.69 -32.17
N GLU B 344 1.83 -1.04 -33.41
CA GLU B 344 2.86 -1.38 -34.37
C GLU B 344 3.75 -0.18 -34.62
N GLU B 345 3.13 1.00 -34.70
CA GLU B 345 3.86 2.24 -34.93
C GLU B 345 4.77 2.55 -33.76
N LEU B 346 4.19 2.63 -32.56
CA LEU B 346 4.98 2.92 -31.38
C LEU B 346 6.20 2.02 -31.26
N HIS B 347 6.03 0.72 -31.47
CA HIS B 347 7.15 -0.21 -31.38
C HIS B 347 8.12 0.07 -32.50
N SER B 348 7.58 0.28 -33.69
CA SER B 348 8.34 0.59 -34.89
C SER B 348 9.23 1.82 -34.72
N SER B 349 8.78 2.76 -33.91
CA SER B 349 9.54 3.98 -33.64
C SER B 349 10.06 4.00 -32.21
N SER B 350 10.14 5.19 -31.62
CA SER B 350 10.64 5.40 -30.24
C SER B 350 11.85 4.51 -29.92
N GLY B 351 12.64 4.20 -30.95
CA GLY B 351 13.82 3.36 -30.81
C GLY B 351 13.59 2.02 -30.12
N SER B 352 14.68 1.44 -29.65
CA SER B 352 14.63 0.16 -28.94
C SER B 352 15.27 0.42 -27.57
N LYS B 353 15.36 1.70 -27.23
CA LYS B 353 15.94 2.19 -25.99
C LYS B 353 15.54 1.44 -24.71
N VAL B 354 16.45 1.47 -23.74
CA VAL B 354 16.24 0.84 -22.45
C VAL B 354 16.36 1.97 -21.42
N THR B 355 15.56 1.87 -20.36
CA THR B 355 15.60 2.87 -19.31
C THR B 355 16.09 2.20 -18.02
N LYS B 356 17.41 2.17 -17.88
CA LYS B 356 18.07 1.56 -16.74
C LYS B 356 17.51 1.88 -15.36
N TYR B 357 16.91 3.05 -15.18
CA TYR B 357 16.37 3.40 -13.86
C TYR B 357 14.89 3.02 -13.66
N TYR B 358 14.36 2.28 -14.65
CA TYR B 358 12.98 1.79 -14.64
C TYR B 358 12.99 0.43 -13.94
N ILE B 359 12.21 0.31 -12.87
CA ILE B 359 12.12 -0.94 -12.12
C ILE B 359 11.48 -2.08 -12.94
N GLU B 360 10.41 -1.77 -13.64
CA GLU B 360 9.74 -2.76 -14.47
C GLU B 360 9.73 -2.25 -15.89
N PHE B 361 9.66 -3.19 -16.83
CA PHE B 361 9.62 -2.89 -18.26
C PHE B 361 10.71 -1.92 -18.68
N TRP B 362 11.93 -2.16 -18.20
CA TRP B 362 13.07 -1.30 -18.52
C TRP B 362 13.43 -1.34 -20.00
N LYS B 363 13.46 -2.54 -20.59
CA LYS B 363 13.80 -2.69 -22.02
C LYS B 363 12.63 -2.45 -22.94
N GLN B 364 12.87 -2.63 -24.22
CA GLN B 364 11.83 -2.45 -25.20
C GLN B 364 10.80 -3.56 -25.06
N ILE B 365 9.53 -3.20 -25.25
CA ILE B 365 8.45 -4.16 -25.16
C ILE B 365 8.15 -4.79 -26.52
N PRO B 366 8.02 -6.14 -26.57
CA PRO B 366 7.73 -6.79 -27.84
C PRO B 366 6.32 -6.44 -28.28
N PRO B 367 6.06 -6.43 -29.60
CA PRO B 367 4.72 -6.11 -30.09
C PRO B 367 3.73 -7.28 -29.91
N ASN B 368 4.21 -8.36 -29.28
CA ASN B 368 3.38 -9.54 -28.99
C ASN B 368 2.53 -9.19 -27.78
N GLU B 369 2.83 -8.03 -27.22
CA GLU B 369 2.15 -7.51 -26.05
C GLU B 369 1.73 -6.11 -26.48
N PRO B 370 0.67 -6.04 -27.31
CA PRO B 370 0.08 -4.83 -27.86
C PRO B 370 -0.32 -3.86 -26.77
N TYR B 371 -1.01 -4.38 -25.78
CA TYR B 371 -1.50 -3.57 -24.67
C TYR B 371 -0.38 -2.95 -23.90
N ARG B 372 0.71 -3.68 -23.73
CA ARG B 372 1.86 -3.19 -22.99
C ARG B 372 2.63 -2.13 -23.76
N VAL B 373 2.61 -2.22 -25.09
CA VAL B 373 3.29 -1.23 -25.91
C VAL B 373 2.63 0.13 -25.67
N ILE B 374 1.37 0.25 -26.11
CA ILE B 374 0.59 1.48 -25.93
C ILE B 374 0.68 2.04 -24.50
N LEU B 375 0.36 1.19 -23.52
CA LEU B 375 0.38 1.57 -22.12
C LEU B 375 1.72 2.07 -21.66
N GLY B 376 2.79 1.45 -22.15
CA GLY B 376 4.12 1.89 -21.77
C GLY B 376 4.43 3.29 -22.25
N HIS B 377 3.91 3.64 -23.42
CA HIS B 377 4.10 4.96 -24.00
C HIS B 377 3.34 5.99 -23.17
N VAL B 378 2.18 5.58 -22.68
CA VAL B 378 1.36 6.41 -21.85
C VAL B 378 2.13 6.66 -20.55
N ARG B 379 2.84 5.65 -20.07
CA ARG B 379 3.60 5.77 -18.84
C ARG B 379 4.70 6.80 -18.93
N ASP B 380 5.40 6.79 -20.05
CA ASP B 380 6.47 7.74 -20.25
C ASP B 380 5.87 9.13 -20.31
N LYS B 381 4.90 9.32 -21.22
CA LYS B 381 4.24 10.61 -21.37
C LYS B 381 3.90 11.09 -19.96
N LEU B 382 3.51 10.14 -19.13
CA LEU B 382 3.17 10.40 -17.74
C LEU B 382 4.38 10.88 -16.91
N TYR B 383 5.50 10.19 -17.02
CA TYR B 383 6.69 10.58 -16.26
C TYR B 383 7.12 11.99 -16.54
N ASN B 384 6.96 12.44 -17.78
CA ASN B 384 7.33 13.79 -18.14
C ASN B 384 6.44 14.76 -17.42
N THR B 385 5.12 14.57 -17.60
CA THR B 385 4.11 15.43 -16.99
C THR B 385 4.33 15.61 -15.51
N ARG B 386 4.80 14.54 -14.87
CA ARG B 386 5.07 14.56 -13.45
C ARG B 386 6.31 15.40 -13.22
N GLU B 387 7.30 15.28 -14.10
CA GLU B 387 8.55 16.04 -13.98
C GLU B 387 8.39 17.48 -14.40
N ARG B 388 7.54 17.70 -15.40
CA ARG B 388 7.27 19.03 -15.88
C ARG B 388 6.87 19.92 -14.70
N ALA B 389 5.74 19.62 -14.09
CA ALA B 389 5.27 20.42 -12.97
C ALA B 389 6.26 20.44 -11.83
N ARG B 390 6.96 19.33 -11.60
CA ARG B 390 7.94 19.27 -10.53
C ARG B 390 8.92 20.42 -10.69
N HIS B 391 9.29 20.71 -11.94
CA HIS B 391 10.23 21.78 -12.29
C HIS B 391 9.59 23.15 -12.16
N LEU B 392 8.43 23.32 -12.78
CA LEU B 392 7.74 24.59 -12.72
C LEU B 392 7.53 25.08 -11.29
N LEU B 393 7.51 24.14 -10.35
CA LEU B 393 7.35 24.49 -8.95
C LEU B 393 8.70 24.92 -8.40
N ALA B 394 9.60 23.95 -8.25
CA ALA B 394 10.95 24.17 -7.72
C ALA B 394 11.73 25.30 -8.42
N SER B 395 12.04 25.12 -9.70
CA SER B 395 12.74 26.15 -10.44
C SER B 395 11.70 27.05 -11.14
N GLY B 396 12.06 27.66 -12.25
CA GLY B 396 11.14 28.54 -12.93
C GLY B 396 10.44 27.95 -14.13
N VAL B 397 11.15 27.11 -14.88
CA VAL B 397 10.57 26.47 -16.05
C VAL B 397 11.13 25.05 -16.15
N SER B 398 10.80 24.36 -17.24
CA SER B 398 11.27 23.01 -17.44
C SER B 398 11.75 22.75 -18.85
N GLU B 399 12.70 21.83 -18.97
CA GLU B 399 13.24 21.46 -20.27
C GLU B 399 12.18 20.58 -20.94
N ILE B 400 11.52 19.75 -20.14
CA ILE B 400 10.47 18.86 -20.63
C ILE B 400 9.46 19.66 -21.46
N SER B 401 9.34 19.30 -22.73
CA SER B 401 8.44 19.98 -23.67
C SER B 401 6.96 19.94 -23.34
N ALA B 402 6.19 20.70 -24.10
CA ALA B 402 4.76 20.76 -23.95
C ALA B 402 4.18 19.48 -24.50
N GLU B 403 4.67 19.09 -25.67
CA GLU B 403 4.21 17.89 -26.35
C GLU B 403 4.75 16.64 -25.65
N SER B 404 5.82 16.82 -24.92
CA SER B 404 6.46 15.72 -24.20
C SER B 404 5.54 15.10 -23.14
N SER B 405 4.58 15.87 -22.65
CA SER B 405 3.68 15.36 -21.62
C SER B 405 2.21 15.47 -21.98
N PHE B 406 1.35 15.16 -21.02
CA PHE B 406 -0.08 15.23 -21.22
C PHE B 406 -0.54 16.62 -20.87
N THR B 407 -1.33 17.21 -21.75
CA THR B 407 -1.86 18.55 -21.54
C THR B 407 -3.37 18.45 -21.28
N SER B 408 -4.07 17.74 -22.17
CA SER B 408 -5.51 17.56 -22.05
C SER B 408 -5.93 16.13 -21.68
N ILE B 409 -7.11 16.01 -21.11
CA ILE B 409 -7.57 14.70 -20.73
C ILE B 409 -7.73 13.86 -21.98
N GLU B 410 -8.14 14.48 -23.08
CA GLU B 410 -8.32 13.74 -24.32
C GLU B 410 -7.06 12.99 -24.74
N GLU B 411 -5.91 13.65 -24.66
CA GLU B 411 -4.65 13.00 -25.04
C GLU B 411 -4.46 11.74 -24.23
N PHE B 412 -4.80 11.86 -22.95
CA PHE B 412 -4.66 10.78 -21.97
C PHE B 412 -5.69 9.68 -22.17
N LEU B 413 -6.92 10.09 -22.47
CA LEU B 413 -7.99 9.13 -22.65
C LEU B 413 -7.87 8.33 -23.91
N GLU B 414 -7.79 9.03 -25.03
CA GLU B 414 -7.68 8.38 -26.32
C GLU B 414 -7.06 6.97 -26.28
N PRO B 415 -5.86 6.82 -25.71
CA PRO B 415 -5.16 5.54 -25.61
C PRO B 415 -5.87 4.52 -24.73
N LEU B 416 -6.19 4.93 -23.50
CA LEU B 416 -6.88 4.07 -22.55
C LEU B 416 -8.14 3.51 -23.17
N GLU B 417 -8.92 4.38 -23.79
CA GLU B 417 -10.15 3.96 -24.43
C GLU B 417 -9.85 2.98 -25.57
N LEU B 418 -8.75 3.21 -26.27
CA LEU B 418 -8.40 2.32 -27.37
C LEU B 418 -8.27 0.88 -26.87
N CYS B 419 -7.72 0.73 -25.68
CA CYS B 419 -7.54 -0.59 -25.10
C CYS B 419 -8.87 -1.21 -24.71
N TYR B 420 -9.64 -0.47 -23.93
CA TYR B 420 -10.92 -0.97 -23.46
C TYR B 420 -11.76 -1.51 -24.59
N LYS B 421 -11.80 -0.78 -25.70
CA LYS B 421 -12.62 -1.21 -26.83
C LYS B 421 -12.01 -2.41 -27.54
N SER B 422 -10.68 -2.45 -27.57
CA SER B 422 -9.93 -3.54 -28.20
C SER B 422 -10.20 -4.84 -27.45
N LEU B 423 -10.16 -4.75 -26.13
CA LEU B 423 -10.41 -5.89 -25.27
C LEU B 423 -11.85 -6.35 -25.45
N CYS B 424 -12.75 -5.39 -25.62
CA CYS B 424 -14.16 -5.73 -25.81
C CYS B 424 -14.34 -6.47 -27.11
N ASP B 425 -13.94 -5.83 -28.19
CA ASP B 425 -14.03 -6.41 -29.51
C ASP B 425 -13.49 -7.83 -29.54
N CYS B 426 -12.31 -8.03 -28.96
CA CYS B 426 -11.69 -9.36 -28.97
C CYS B 426 -12.17 -10.37 -27.93
N GLY B 427 -13.32 -10.10 -27.33
CA GLY B 427 -13.88 -11.05 -26.38
C GLY B 427 -13.57 -10.92 -24.90
N ASP B 428 -12.55 -10.14 -24.57
CA ASP B 428 -12.17 -10.00 -23.17
C ASP B 428 -12.74 -8.76 -22.49
N LYS B 429 -14.06 -8.62 -22.60
CA LYS B 429 -14.74 -7.50 -21.97
C LYS B 429 -14.58 -7.65 -20.46
N ALA B 430 -14.68 -8.88 -19.98
CA ALA B 430 -14.55 -9.14 -18.55
C ALA B 430 -13.18 -8.72 -18.01
N ILE B 431 -12.20 -8.67 -18.90
CA ILE B 431 -10.84 -8.30 -18.54
C ILE B 431 -10.78 -6.79 -18.51
N ALA B 432 -11.37 -6.18 -19.53
CA ALA B 432 -11.39 -4.73 -19.64
C ALA B 432 -12.09 -4.11 -18.44
N ASP B 433 -13.17 -4.75 -18.00
CA ASP B 433 -13.94 -4.24 -16.87
C ASP B 433 -13.23 -4.38 -15.54
N GLY B 434 -11.99 -4.85 -15.59
CA GLY B 434 -11.19 -5.03 -14.40
C GLY B 434 -10.54 -3.74 -13.95
N SER B 435 -9.22 -3.69 -13.99
CA SER B 435 -8.48 -2.52 -13.56
C SER B 435 -8.52 -1.40 -14.58
N LEU B 436 -8.67 -1.77 -15.85
CA LEU B 436 -8.72 -0.77 -16.91
C LEU B 436 -9.92 0.14 -16.76
N LEU B 437 -11.04 -0.41 -16.29
CA LEU B 437 -12.25 0.39 -16.09
C LEU B 437 -12.07 1.34 -14.90
N ASP B 438 -11.59 0.81 -13.78
CA ASP B 438 -11.35 1.62 -12.60
C ASP B 438 -10.51 2.84 -12.93
N LEU B 439 -9.51 2.68 -13.78
CA LEU B 439 -8.65 3.79 -14.14
C LEU B 439 -9.44 4.78 -14.99
N LEU B 440 -10.21 4.27 -15.94
CA LEU B 440 -11.03 5.14 -16.78
C LEU B 440 -11.97 5.95 -15.90
N ARG B 441 -12.55 5.29 -14.90
CA ARG B 441 -13.46 5.95 -13.97
C ARG B 441 -12.72 7.04 -13.19
N GLN B 442 -11.45 6.82 -12.89
CA GLN B 442 -10.67 7.80 -12.16
C GLN B 442 -10.37 8.98 -13.06
N VAL B 443 -9.94 8.70 -14.29
CA VAL B 443 -9.62 9.76 -15.22
C VAL B 443 -10.80 10.72 -15.39
N PHE B 444 -12.00 10.19 -15.65
CA PHE B 444 -13.18 11.04 -15.81
C PHE B 444 -13.64 11.72 -14.52
N THR B 445 -13.02 11.38 -13.40
CA THR B 445 -13.43 11.97 -12.13
C THR B 445 -12.38 12.88 -11.48
N PHE B 446 -11.10 12.65 -11.82
CA PHE B 446 -10.01 13.42 -11.25
C PHE B 446 -9.23 14.24 -12.29
N GLY B 447 -9.30 13.85 -13.56
CA GLY B 447 -8.59 14.58 -14.60
C GLY B 447 -7.09 14.68 -14.34
N LEU B 448 -6.43 15.67 -14.90
CA LEU B 448 -4.99 15.79 -14.67
C LEU B 448 -4.72 16.61 -13.42
N SER B 449 -5.73 17.34 -12.96
CA SER B 449 -5.57 18.19 -11.79
C SER B 449 -5.93 17.53 -10.47
N LEU B 450 -6.71 16.47 -10.52
CA LEU B 450 -7.13 15.76 -9.32
C LEU B 450 -8.42 16.39 -8.79
N VAL B 451 -8.43 17.71 -8.58
CA VAL B 451 -9.61 18.44 -8.11
C VAL B 451 -9.61 19.82 -8.77
N LYS B 452 -10.79 20.31 -9.15
CA LYS B 452 -10.89 21.64 -9.76
C LYS B 452 -10.86 22.71 -8.68
N LEU B 453 -10.48 23.92 -9.06
CA LEU B 453 -10.40 24.99 -8.10
C LEU B 453 -11.37 26.13 -8.36
N ASP B 454 -12.06 26.52 -7.30
CA ASP B 454 -13.01 27.61 -7.35
C ASP B 454 -12.26 28.88 -6.93
N ILE B 455 -12.65 30.02 -7.50
CA ILE B 455 -12.02 31.27 -7.13
C ILE B 455 -13.06 32.18 -6.46
N ARG B 456 -12.79 32.62 -5.24
CA ARG B 456 -13.73 33.47 -4.53
C ARG B 456 -13.15 34.84 -4.15
N GLN B 457 -13.92 35.90 -4.41
CA GLN B 457 -13.52 37.26 -4.07
C GLN B 457 -14.78 38.09 -3.82
N GLU B 458 -14.75 38.94 -2.79
CA GLU B 458 -15.90 39.78 -2.46
C GLU B 458 -16.29 40.66 -3.61
N SER B 459 -17.59 40.94 -3.72
CA SER B 459 -18.11 41.75 -4.82
C SER B 459 -17.48 43.13 -4.85
N GLU B 460 -17.54 43.83 -3.72
CA GLU B 460 -17.00 45.18 -3.62
C GLU B 460 -15.55 45.28 -4.09
N ARG B 461 -14.75 44.29 -3.75
CA ARG B 461 -13.35 44.27 -4.12
C ARG B 461 -13.16 44.37 -5.63
N HIS B 462 -14.22 44.09 -6.37
CA HIS B 462 -14.21 44.14 -7.84
C HIS B 462 -14.60 45.54 -8.26
N THR B 463 -15.35 46.21 -7.40
CA THR B 463 -15.79 47.57 -7.63
C THR B 463 -14.57 48.47 -7.43
N ASP B 464 -13.84 48.22 -6.35
CA ASP B 464 -12.62 48.94 -6.03
C ASP B 464 -11.81 49.10 -7.30
N VAL B 465 -11.66 48.01 -8.04
CA VAL B 465 -10.90 48.06 -9.27
C VAL B 465 -11.62 48.80 -10.37
N ILE B 466 -12.84 48.39 -10.71
CA ILE B 466 -13.56 49.08 -11.77
C ILE B 466 -13.73 50.56 -11.51
N ASP B 467 -14.05 50.90 -10.26
CA ASP B 467 -14.23 52.30 -9.86
C ASP B 467 -12.96 53.11 -10.11
N ALA B 468 -11.81 52.50 -9.80
CA ALA B 468 -10.52 53.13 -9.97
C ALA B 468 -10.04 53.16 -11.42
N ILE B 469 -10.57 52.29 -12.27
CA ILE B 469 -10.12 52.32 -13.65
C ILE B 469 -11.00 53.28 -14.45
N THR B 470 -11.98 53.90 -13.79
CA THR B 470 -12.84 54.87 -14.46
C THR B 470 -12.38 56.21 -13.94
N THR B 471 -12.08 56.23 -12.65
CA THR B 471 -11.62 57.44 -12.00
C THR B 471 -10.33 57.87 -12.71
N HIS B 472 -9.45 56.90 -12.98
CA HIS B 472 -8.19 57.16 -13.65
C HIS B 472 -8.40 57.52 -15.12
N LEU B 473 -9.44 56.98 -15.72
CA LEU B 473 -9.75 57.30 -17.09
C LEU B 473 -10.62 58.55 -17.00
N GLY B 474 -11.32 58.85 -18.09
CA GLY B 474 -12.16 60.03 -18.12
C GLY B 474 -13.36 60.01 -17.17
N ILE B 475 -14.45 59.38 -17.62
CA ILE B 475 -15.70 59.29 -16.87
C ILE B 475 -15.54 59.13 -15.37
N GLY B 476 -16.47 59.73 -14.63
CA GLY B 476 -16.46 59.71 -13.18
C GLY B 476 -16.16 58.48 -12.34
N SER B 477 -17.09 58.14 -11.44
CA SER B 477 -16.95 57.03 -10.53
C SER B 477 -18.01 55.96 -10.66
N TYR B 478 -17.53 54.72 -10.82
CA TYR B 478 -18.41 53.57 -10.94
C TYR B 478 -19.18 53.49 -9.63
N ARG B 479 -18.44 53.25 -8.55
CA ARG B 479 -18.98 53.11 -7.21
C ARG B 479 -20.23 53.91 -6.92
N GLU B 480 -20.26 55.19 -7.32
CA GLU B 480 -21.42 56.02 -7.04
C GLU B 480 -22.53 55.85 -8.06
N TRP B 481 -22.21 55.28 -9.23
CA TRP B 481 -23.24 55.09 -10.24
C TRP B 481 -24.40 54.24 -9.72
N PRO B 482 -25.61 54.48 -10.25
CA PRO B 482 -26.78 53.72 -9.83
C PRO B 482 -26.62 52.40 -10.54
N GLU B 483 -27.17 51.32 -9.99
CA GLU B 483 -27.07 49.99 -10.63
C GLU B 483 -27.46 50.03 -12.11
N ASP B 484 -28.57 50.68 -12.45
CA ASP B 484 -29.00 50.75 -13.84
C ASP B 484 -27.88 51.26 -14.72
N LYS B 485 -27.15 52.25 -14.22
CA LYS B 485 -26.01 52.81 -14.94
C LYS B 485 -24.98 51.70 -15.19
N ARG B 486 -24.45 51.17 -14.09
CA ARG B 486 -23.45 50.12 -14.11
C ARG B 486 -23.67 49.08 -15.19
N GLN B 487 -24.89 48.58 -15.29
CA GLN B 487 -25.22 47.56 -16.29
C GLN B 487 -25.06 48.11 -17.70
N GLU B 488 -25.60 49.30 -17.91
CA GLU B 488 -25.54 49.97 -19.20
C GLU B 488 -24.10 50.04 -19.69
N TRP B 489 -23.27 50.74 -18.91
CA TRP B 489 -21.86 50.92 -19.24
C TRP B 489 -21.16 49.59 -19.46
N LEU B 490 -21.07 48.79 -18.40
CA LEU B 490 -20.41 47.50 -18.45
C LEU B 490 -20.82 46.72 -19.68
N LEU B 491 -22.10 46.70 -19.99
CA LEU B 491 -22.61 45.97 -21.15
C LEU B 491 -22.03 46.47 -22.47
N SER B 492 -22.04 47.77 -22.67
CA SER B 492 -21.49 48.37 -23.88
C SER B 492 -19.98 48.05 -23.92
N GLU B 493 -19.29 48.28 -22.80
CA GLU B 493 -17.87 48.00 -22.70
C GLU B 493 -17.54 46.58 -23.10
N LEU B 494 -18.39 45.65 -22.67
CA LEU B 494 -18.20 44.25 -22.99
C LEU B 494 -18.43 43.99 -24.47
N ARG B 495 -19.20 44.85 -25.13
CA ARG B 495 -19.46 44.66 -26.56
C ARG B 495 -18.45 45.40 -27.43
N GLY B 496 -17.61 46.22 -26.79
CA GLY B 496 -16.60 46.99 -27.51
C GLY B 496 -15.40 46.21 -28.04
N LYS B 497 -14.51 46.88 -28.77
CA LYS B 497 -13.33 46.21 -29.31
C LYS B 497 -12.06 46.87 -28.81
N ARG B 498 -12.22 48.06 -28.23
CA ARG B 498 -11.08 48.82 -27.70
C ARG B 498 -10.82 48.60 -26.22
N PRO B 499 -9.55 48.33 -25.85
CA PRO B 499 -9.05 48.10 -24.49
C PRO B 499 -9.54 49.09 -23.44
N LEU B 500 -9.24 48.79 -22.19
CA LEU B 500 -9.69 49.63 -21.10
C LEU B 500 -8.64 49.75 -20.03
N LEU B 501 -8.36 48.64 -19.34
CA LEU B 501 -7.36 48.64 -18.28
C LEU B 501 -6.08 49.40 -18.68
N PRO B 502 -5.88 50.62 -18.12
CA PRO B 502 -4.71 51.47 -18.40
C PRO B 502 -3.42 50.99 -17.73
N PRO B 503 -2.29 51.02 -18.47
CA PRO B 503 -0.97 50.59 -17.98
C PRO B 503 -0.53 51.39 -16.77
N ASP B 504 -0.62 52.71 -16.90
CA ASP B 504 -0.24 53.63 -15.84
C ASP B 504 -1.20 53.65 -14.66
N LEU B 505 -2.24 52.81 -14.71
CA LEU B 505 -3.21 52.79 -13.63
C LEU B 505 -2.53 52.53 -12.29
N PRO B 506 -2.76 53.41 -11.29
CA PRO B 506 -2.15 53.24 -9.98
C PRO B 506 -2.68 51.93 -9.39
N GLN B 507 -2.04 51.42 -8.35
CA GLN B 507 -2.52 50.18 -7.76
C GLN B 507 -2.34 50.06 -6.25
N THR B 508 -3.44 49.84 -5.55
CA THR B 508 -3.42 49.67 -4.11
C THR B 508 -2.81 48.31 -3.85
N ASP B 509 -2.47 48.05 -2.60
CA ASP B 509 -1.95 46.74 -2.27
C ASP B 509 -3.15 45.80 -2.42
N GLU B 510 -4.31 46.40 -2.68
CA GLU B 510 -5.53 45.64 -2.86
C GLU B 510 -5.94 45.52 -4.32
N ILE B 511 -5.90 46.65 -5.04
CA ILE B 511 -6.28 46.65 -6.45
C ILE B 511 -5.35 45.74 -7.25
N ALA B 512 -4.24 45.35 -6.64
CA ALA B 512 -3.26 44.47 -7.29
C ALA B 512 -3.58 43.00 -7.00
N ASP B 513 -3.71 42.68 -5.72
CA ASP B 513 -4.02 41.33 -5.27
C ASP B 513 -5.19 40.74 -6.08
N VAL B 514 -6.03 41.61 -6.65
CA VAL B 514 -7.19 41.19 -7.42
C VAL B 514 -6.96 41.11 -8.91
N ILE B 515 -6.21 42.09 -9.42
CA ILE B 515 -5.91 42.12 -10.83
C ILE B 515 -4.85 41.08 -11.18
N GLY B 516 -3.97 40.83 -10.21
CA GLY B 516 -2.92 39.85 -10.41
C GLY B 516 -3.52 38.47 -10.46
N ALA B 517 -4.41 38.20 -9.52
CA ALA B 517 -5.09 36.93 -9.46
C ALA B 517 -5.70 36.62 -10.84
N PHE B 518 -6.28 37.63 -11.47
CA PHE B 518 -6.88 37.43 -12.78
C PHE B 518 -5.88 37.02 -13.83
N HIS B 519 -4.62 37.37 -13.61
CA HIS B 519 -3.60 37.02 -14.56
C HIS B 519 -3.23 35.57 -14.35
N VAL B 520 -3.02 35.16 -13.10
CA VAL B 520 -2.67 33.76 -12.84
C VAL B 520 -3.65 32.80 -13.51
N LEU B 521 -4.93 33.18 -13.55
CA LEU B 521 -5.92 32.34 -14.20
C LEU B 521 -5.66 32.25 -15.70
N ALA B 522 -5.10 33.32 -16.28
CA ALA B 522 -4.81 33.33 -17.70
C ALA B 522 -3.73 32.29 -18.04
N GLU B 523 -2.68 32.25 -17.23
CA GLU B 523 -1.58 31.30 -17.43
C GLU B 523 -2.05 29.85 -17.36
N LEU B 524 -2.31 29.40 -16.14
CA LEU B 524 -2.77 28.04 -15.87
C LEU B 524 -3.85 27.52 -16.81
N PRO B 525 -3.82 26.21 -17.07
CA PRO B 525 -4.77 25.52 -17.96
C PRO B 525 -6.23 25.63 -17.54
N PRO B 526 -7.14 25.69 -18.53
CA PRO B 526 -8.59 25.81 -18.31
C PRO B 526 -9.22 24.65 -17.52
N ASP B 527 -8.72 23.43 -17.72
CA ASP B 527 -9.26 22.27 -17.01
C ASP B 527 -9.03 22.30 -15.50
N SER B 528 -8.05 23.06 -15.04
CA SER B 528 -7.76 23.09 -13.60
C SER B 528 -8.56 24.11 -12.78
N PHE B 529 -9.60 24.70 -13.38
CA PHE B 529 -10.41 25.71 -12.67
C PHE B 529 -11.92 25.50 -12.59
N GLY B 530 -12.48 25.83 -11.43
CA GLY B 530 -13.90 25.73 -11.19
C GLY B 530 -14.54 27.05 -11.61
N PRO B 531 -15.46 27.61 -10.82
CA PRO B 531 -16.06 28.89 -11.24
C PRO B 531 -15.42 30.06 -10.48
N TYR B 532 -15.84 31.27 -10.80
CA TYR B 532 -15.34 32.43 -10.10
C TYR B 532 -16.55 32.85 -9.27
N ILE B 533 -16.46 32.64 -7.95
CA ILE B 533 -17.56 32.98 -7.05
C ILE B 533 -17.40 34.35 -6.42
N ILE B 534 -18.37 35.23 -6.68
CA ILE B 534 -18.38 36.60 -6.16
C ILE B 534 -19.12 36.68 -4.84
N SER B 535 -18.39 36.58 -3.74
CA SER B 535 -18.99 36.66 -2.41
C SER B 535 -19.82 37.94 -2.26
N MET B 536 -20.84 37.93 -1.41
CA MET B 536 -21.67 39.12 -1.20
C MET B 536 -22.25 39.62 -2.50
N ALA B 537 -22.69 38.71 -3.37
CA ALA B 537 -23.28 39.11 -4.63
C ALA B 537 -24.55 39.85 -4.27
N THR B 538 -24.87 40.89 -5.01
CA THR B 538 -26.06 41.69 -4.72
C THR B 538 -26.86 42.03 -5.98
N ALA B 539 -26.20 42.67 -6.95
CA ALA B 539 -26.89 43.05 -8.19
C ALA B 539 -26.23 42.49 -9.47
N PRO B 540 -27.00 42.39 -10.56
CA PRO B 540 -26.53 41.87 -11.86
C PRO B 540 -25.21 42.46 -12.34
N SER B 541 -24.90 43.69 -11.93
CA SER B 541 -23.66 44.32 -12.33
C SER B 541 -22.51 43.53 -11.73
N ASP B 542 -22.66 43.14 -10.46
CA ASP B 542 -21.63 42.38 -9.77
C ASP B 542 -21.06 41.26 -10.60
N VAL B 543 -21.93 40.62 -11.39
CA VAL B 543 -21.51 39.53 -12.26
C VAL B 543 -20.82 40.10 -13.50
N LEU B 544 -21.52 40.99 -14.21
CA LEU B 544 -20.99 41.62 -15.41
C LEU B 544 -19.61 42.24 -15.22
N ALA B 545 -19.30 42.64 -13.98
CA ALA B 545 -18.02 43.26 -13.67
C ALA B 545 -16.88 42.24 -13.76
N VAL B 546 -17.13 41.01 -13.32
CA VAL B 546 -16.10 39.98 -13.39
C VAL B 546 -16.03 39.47 -14.82
N GLU B 547 -17.16 39.53 -15.53
CA GLU B 547 -17.23 39.11 -16.92
C GLU B 547 -16.28 39.95 -17.74
N LEU B 548 -16.18 41.22 -17.37
CA LEU B 548 -15.32 42.19 -18.03
C LEU B 548 -13.89 42.04 -17.55
N LEU B 549 -13.65 42.35 -16.28
CA LEU B 549 -12.32 42.25 -15.69
C LEU B 549 -11.55 41.04 -16.19
N GLN B 550 -12.28 39.95 -16.40
CA GLN B 550 -11.71 38.70 -16.86
C GLN B 550 -11.17 38.82 -18.26
N ARG B 551 -11.98 39.30 -19.20
CA ARG B 551 -11.56 39.48 -20.59
C ARG B 551 -10.56 40.60 -20.72
N GLU B 552 -10.63 41.55 -19.81
CA GLU B 552 -9.75 42.70 -19.80
C GLU B 552 -8.42 42.37 -19.14
N CYS B 553 -8.23 41.12 -18.77
CA CYS B 553 -7.00 40.69 -18.17
C CYS B 553 -6.50 39.51 -18.97
N GLY B 554 -7.24 39.23 -20.04
CA GLY B 554 -6.90 38.14 -20.95
C GLY B 554 -7.08 36.74 -20.41
N VAL B 555 -8.12 36.05 -20.86
CA VAL B 555 -8.36 34.71 -20.39
C VAL B 555 -8.94 33.89 -21.53
N ARG B 556 -8.36 32.70 -21.75
CA ARG B 556 -8.81 31.79 -22.79
C ARG B 556 -10.27 31.48 -22.53
N GLN B 557 -10.49 30.55 -21.59
CA GLN B 557 -11.82 30.14 -21.21
C GLN B 557 -12.23 30.91 -19.97
N PRO B 558 -12.94 32.03 -20.15
CA PRO B 558 -13.35 32.80 -18.98
C PRO B 558 -14.15 31.93 -18.01
N LEU B 559 -13.58 31.66 -16.84
CA LEU B 559 -14.26 30.86 -15.84
C LEU B 559 -15.68 31.38 -15.77
N PRO B 560 -16.62 30.51 -15.39
CA PRO B 560 -18.02 30.93 -15.29
C PRO B 560 -18.17 31.71 -13.98
N VAL B 561 -18.95 32.78 -14.00
CA VAL B 561 -19.11 33.57 -12.80
C VAL B 561 -20.40 33.20 -12.09
N VAL B 562 -20.32 33.01 -10.78
CA VAL B 562 -21.48 32.64 -10.00
C VAL B 562 -21.64 33.51 -8.75
N PRO B 563 -22.86 34.06 -8.54
CA PRO B 563 -23.25 34.94 -7.44
C PRO B 563 -23.25 34.16 -6.12
N LEU B 564 -23.06 34.84 -4.99
CA LEU B 564 -23.09 34.18 -3.69
C LEU B 564 -24.02 34.92 -2.75
N PHE B 565 -25.32 34.84 -3.02
CA PHE B 565 -26.34 35.51 -2.22
C PHE B 565 -26.30 34.94 -0.81
N GLU B 566 -25.75 35.71 0.12
CA GLU B 566 -25.62 35.28 1.50
C GLU B 566 -26.36 36.09 2.57
N ARG B 567 -26.61 37.37 2.31
CA ARG B 567 -27.31 38.17 3.30
C ARG B 567 -28.79 38.05 3.00
N LEU B 568 -29.60 38.10 4.05
CA LEU B 568 -31.03 37.98 3.90
C LEU B 568 -31.52 38.89 2.78
N ALA B 569 -31.04 40.13 2.83
CA ALA B 569 -31.42 41.14 1.84
C ALA B 569 -31.23 40.66 0.40
N ASP B 570 -30.03 40.14 0.11
CA ASP B 570 -29.67 39.66 -1.23
C ASP B 570 -30.44 38.41 -1.61
N LEU B 571 -30.76 37.59 -0.60
CA LEU B 571 -31.50 36.35 -0.80
C LEU B 571 -32.88 36.65 -1.34
N GLN B 572 -33.56 37.60 -0.71
CA GLN B 572 -34.90 38.00 -1.13
C GLN B 572 -34.89 38.54 -2.56
N SER B 573 -33.90 39.38 -2.85
CA SER B 573 -33.72 40.01 -4.15
C SER B 573 -33.14 39.09 -5.23
N ALA B 574 -32.42 38.06 -4.77
CA ALA B 574 -31.78 37.10 -5.64
C ALA B 574 -32.57 36.72 -6.90
N PRO B 575 -33.79 36.18 -6.72
CA PRO B 575 -34.65 35.76 -7.83
C PRO B 575 -34.79 36.81 -8.93
N ALA B 576 -34.71 38.06 -8.52
CA ALA B 576 -34.81 39.17 -9.47
C ALA B 576 -33.50 39.20 -10.27
N SER B 577 -32.40 39.40 -9.55
CA SER B 577 -31.06 39.46 -10.12
C SER B 577 -30.90 38.38 -11.16
N VAL B 578 -31.12 37.14 -10.74
CA VAL B 578 -31.01 35.99 -11.62
C VAL B 578 -31.83 36.17 -12.90
N GLU B 579 -33.04 36.69 -12.76
CA GLU B 579 -33.89 36.90 -13.91
C GLU B 579 -33.33 38.00 -14.80
N ARG B 580 -32.82 39.07 -14.17
CA ARG B 580 -32.26 40.18 -14.91
C ARG B 580 -31.12 39.69 -15.79
N LEU B 581 -30.17 38.97 -15.20
CA LEU B 581 -29.03 38.45 -15.94
C LEU B 581 -29.49 37.62 -17.14
N PHE B 582 -30.61 36.91 -16.99
CA PHE B 582 -31.13 36.08 -18.09
C PHE B 582 -31.81 36.96 -19.14
N SER B 583 -31.98 38.24 -18.82
CA SER B 583 -32.61 39.21 -19.71
C SER B 583 -31.63 39.82 -20.73
N VAL B 584 -30.38 40.01 -20.29
CA VAL B 584 -29.33 40.58 -21.12
C VAL B 584 -28.94 39.58 -22.19
N ASP B 585 -29.33 39.87 -23.42
CA ASP B 585 -29.04 39.01 -24.56
C ASP B 585 -27.59 38.55 -24.57
N TRP B 586 -26.67 39.48 -24.35
CA TRP B 586 -25.24 39.19 -24.32
C TRP B 586 -24.93 38.00 -23.41
N TYR B 587 -25.34 38.12 -22.15
CA TYR B 587 -25.13 37.10 -21.13
C TYR B 587 -25.77 35.77 -21.54
N MET B 588 -27.05 35.81 -21.82
CA MET B 588 -27.78 34.61 -22.23
C MET B 588 -27.02 33.80 -23.30
N ASP B 589 -26.37 34.52 -24.20
CA ASP B 589 -25.60 33.88 -25.27
C ASP B 589 -24.33 33.25 -24.77
N ARG B 590 -23.67 33.91 -23.82
CA ARG B 590 -22.42 33.38 -23.28
C ARG B 590 -22.71 32.30 -22.21
N ILE B 591 -23.92 32.31 -21.67
CA ILE B 591 -24.33 31.34 -20.65
C ILE B 591 -24.41 29.94 -21.21
N LYS B 592 -24.88 29.82 -22.45
CA LYS B 592 -25.00 28.54 -23.11
C LYS B 592 -25.99 27.61 -22.40
N GLY B 593 -27.04 28.20 -21.83
CA GLY B 593 -28.07 27.40 -21.17
C GLY B 593 -27.84 26.97 -19.73
N LYS B 594 -26.58 26.84 -19.32
CA LYS B 594 -26.30 26.42 -17.95
C LYS B 594 -26.06 27.64 -17.08
N GLN B 595 -26.23 27.47 -15.77
CA GLN B 595 -26.04 28.56 -14.86
C GLN B 595 -25.94 28.04 -13.45
N GLN B 596 -25.04 28.60 -12.67
CA GLN B 596 -24.89 28.17 -11.29
C GLN B 596 -24.99 29.40 -10.40
N VAL B 597 -25.42 29.16 -9.16
CA VAL B 597 -25.53 30.22 -8.17
C VAL B 597 -25.43 29.62 -6.78
N MET B 598 -24.44 30.07 -6.04
CA MET B 598 -24.23 29.59 -4.69
C MET B 598 -25.14 30.34 -3.71
N VAL B 599 -25.41 29.72 -2.57
CA VAL B 599 -26.25 30.33 -1.54
C VAL B 599 -25.71 29.99 -0.17
N GLY B 600 -25.25 31.01 0.56
CA GLY B 600 -24.65 30.80 1.86
C GLY B 600 -25.58 30.51 3.04
N TYR B 601 -25.06 29.75 3.98
CA TYR B 601 -25.84 29.39 5.16
C TYR B 601 -25.22 30.05 6.38
N SER B 602 -23.89 30.12 6.36
CA SER B 602 -23.09 30.66 7.46
C SER B 602 -23.46 32.07 7.89
N ASP B 603 -23.24 33.05 7.01
CA ASP B 603 -23.54 34.47 7.29
C ASP B 603 -25.04 34.73 7.14
N SER B 604 -25.68 33.94 6.31
CA SER B 604 -27.11 34.05 6.08
C SER B 604 -27.86 33.99 7.41
N GLY B 605 -27.56 32.98 8.21
CA GLY B 605 -28.22 32.86 9.50
C GLY B 605 -27.66 33.84 10.51
N LYS B 606 -26.71 34.66 10.07
CA LYS B 606 -26.06 35.66 10.94
C LYS B 606 -26.89 36.93 11.14
N ASP B 607 -27.24 37.61 10.05
CA ASP B 607 -28.04 38.84 10.17
C ASP B 607 -29.46 38.50 10.67
N ALA B 608 -30.09 37.52 10.03
CA ALA B 608 -31.44 37.09 10.39
C ALA B 608 -31.40 35.82 11.21
N GLY B 609 -32.39 35.64 12.08
CA GLY B 609 -32.45 34.45 12.91
C GLY B 609 -32.31 33.16 12.14
N ARG B 610 -32.09 32.05 12.85
CA ARG B 610 -31.95 30.75 12.21
C ARG B 610 -33.22 30.39 11.43
N LEU B 611 -34.35 30.41 12.12
CA LEU B 611 -35.61 30.07 11.48
C LEU B 611 -35.82 30.93 10.24
N SER B 612 -35.74 32.24 10.40
CA SER B 612 -35.93 33.14 9.27
C SER B 612 -35.03 32.77 8.10
N ALA B 613 -33.74 32.73 8.34
CA ALA B 613 -32.78 32.40 7.30
C ALA B 613 -33.17 31.11 6.62
N ALA B 614 -33.34 30.06 7.43
CA ALA B 614 -33.71 28.74 6.95
C ALA B 614 -34.89 28.80 5.99
N TRP B 615 -35.95 29.50 6.40
CA TRP B 615 -37.14 29.61 5.56
C TRP B 615 -36.83 30.39 4.29
N GLN B 616 -36.15 31.51 4.47
CA GLN B 616 -35.79 32.37 3.35
C GLN B 616 -35.07 31.60 2.25
N LEU B 617 -34.04 30.87 2.66
CA LEU B 617 -33.23 30.06 1.75
C LEU B 617 -34.13 29.13 0.93
N TYR B 618 -35.14 28.56 1.58
CA TYR B 618 -36.07 27.68 0.89
C TYR B 618 -36.70 28.46 -0.29
N ARG B 619 -37.42 29.54 0.04
CA ARG B 619 -38.07 30.40 -0.96
C ARG B 619 -37.07 30.83 -2.02
N ALA B 620 -35.89 31.19 -1.55
CA ALA B 620 -34.82 31.64 -2.43
C ALA B 620 -34.67 30.68 -3.61
N GLN B 621 -34.22 29.45 -3.30
CA GLN B 621 -34.02 28.43 -4.32
C GLN B 621 -35.36 28.03 -4.95
N GLU B 622 -36.43 28.24 -4.20
CA GLU B 622 -37.75 27.93 -4.72
C GLU B 622 -37.99 28.80 -5.96
N GLU B 623 -37.98 30.13 -5.78
CA GLU B 623 -38.21 31.07 -6.89
C GLU B 623 -37.14 31.02 -7.97
N MET B 624 -35.88 31.04 -7.54
CA MET B 624 -34.75 31.00 -8.46
C MET B 624 -34.95 29.93 -9.53
N ALA B 625 -35.34 28.75 -9.08
CA ALA B 625 -35.59 27.61 -9.95
C ALA B 625 -36.64 27.97 -10.98
N GLN B 626 -37.75 28.52 -10.49
CA GLN B 626 -38.87 28.92 -11.35
C GLN B 626 -38.39 29.88 -12.43
N VAL B 627 -37.63 30.89 -12.03
CA VAL B 627 -37.08 31.88 -12.96
C VAL B 627 -36.32 31.15 -14.05
N ALA B 628 -35.33 30.38 -13.61
CA ALA B 628 -34.50 29.61 -14.52
C ALA B 628 -35.39 28.83 -15.45
N LYS B 629 -36.20 27.97 -14.86
CA LYS B 629 -37.13 27.13 -15.58
C LYS B 629 -37.87 27.93 -16.66
N ARG B 630 -38.26 29.15 -16.31
CA ARG B 630 -38.98 29.99 -17.25
C ARG B 630 -38.12 30.24 -18.49
N TYR B 631 -36.85 30.56 -18.30
CA TYR B 631 -35.96 30.82 -19.43
C TYR B 631 -35.26 29.56 -19.94
N GLY B 632 -35.68 28.41 -19.43
CA GLY B 632 -35.09 27.15 -19.86
C GLY B 632 -33.61 27.12 -19.59
N VAL B 633 -33.23 27.39 -18.34
CA VAL B 633 -31.82 27.39 -17.95
C VAL B 633 -31.55 26.26 -16.96
N LYS B 634 -30.52 25.46 -17.21
CA LYS B 634 -30.20 24.37 -16.30
C LYS B 634 -29.53 24.92 -15.05
N LEU B 635 -30.29 25.63 -14.22
CA LEU B 635 -29.72 26.17 -13.01
C LEU B 635 -29.42 25.09 -11.99
N THR B 636 -28.20 25.11 -11.47
CA THR B 636 -27.76 24.17 -10.47
C THR B 636 -27.31 25.03 -9.29
N LEU B 637 -27.60 24.60 -8.07
CA LEU B 637 -27.25 25.39 -6.90
C LEU B 637 -26.05 24.92 -6.09
N PHE B 638 -25.22 25.88 -5.68
CA PHE B 638 -24.05 25.55 -4.89
C PHE B 638 -24.45 25.80 -3.44
N HIS B 639 -24.44 24.76 -2.61
CA HIS B 639 -24.83 24.87 -1.20
C HIS B 639 -23.68 25.11 -0.24
N GLY B 640 -23.64 26.29 0.35
CA GLY B 640 -22.58 26.59 1.29
C GLY B 640 -22.89 26.09 2.68
N ARG B 641 -23.10 24.79 2.82
CA ARG B 641 -23.42 24.21 4.13
C ARG B 641 -22.24 24.14 5.09
N GLY B 642 -22.48 24.51 6.33
CA GLY B 642 -21.43 24.52 7.32
C GLY B 642 -21.22 23.20 8.03
N GLY B 643 -20.47 23.25 9.14
CA GLY B 643 -20.19 22.06 9.92
C GLY B 643 -21.16 21.93 11.07
N THR B 644 -21.57 23.07 11.62
CA THR B 644 -22.53 23.09 12.72
C THR B 644 -23.89 23.49 12.20
N VAL B 645 -24.92 23.12 12.96
CA VAL B 645 -26.30 23.46 12.61
C VAL B 645 -26.41 24.97 12.39
N GLY B 646 -25.60 25.72 13.13
CA GLY B 646 -25.61 27.17 13.03
C GLY B 646 -25.15 27.68 11.68
N ARG B 647 -24.33 26.90 10.98
CA ARG B 647 -23.87 27.30 9.66
C ARG B 647 -24.50 26.39 8.62
N GLY B 648 -25.70 25.89 8.93
CA GLY B 648 -26.39 25.01 7.99
C GLY B 648 -25.81 23.62 7.97
N GLY B 649 -25.62 23.02 9.14
CA GLY B 649 -25.07 21.68 9.21
C GLY B 649 -26.12 20.63 9.53
N GLY B 650 -25.73 19.37 9.44
CA GLY B 650 -26.66 18.28 9.73
C GLY B 650 -26.55 17.07 8.81
N PRO B 651 -27.19 15.94 9.19
CA PRO B 651 -27.18 14.69 8.42
C PRO B 651 -27.43 14.93 6.94
N THR B 652 -26.54 14.41 6.12
CA THR B 652 -26.64 14.59 4.68
C THR B 652 -28.03 14.43 4.09
N HIS B 653 -28.58 13.23 4.19
CA HIS B 653 -29.90 12.94 3.65
C HIS B 653 -30.98 13.90 4.14
N LEU B 654 -31.05 14.10 5.47
CA LEU B 654 -32.03 15.00 6.05
C LEU B 654 -32.00 16.32 5.32
N ALA B 655 -30.80 16.87 5.19
CA ALA B 655 -30.57 18.14 4.52
C ALA B 655 -31.14 18.16 3.11
N ILE B 656 -30.54 17.38 2.22
CA ILE B 656 -30.99 17.31 0.83
C ILE B 656 -32.50 17.13 0.77
N LEU B 657 -33.04 16.52 1.82
CA LEU B 657 -34.47 16.27 1.93
C LEU B 657 -35.20 17.60 2.14
N SER B 658 -34.69 18.38 3.08
CA SER B 658 -35.30 19.67 3.41
C SER B 658 -35.03 20.76 2.38
N GLN B 659 -35.20 20.42 1.11
CA GLN B 659 -35.00 21.40 0.05
C GLN B 659 -36.16 21.35 -0.90
N PRO B 660 -36.58 22.51 -1.39
CA PRO B 660 -37.70 22.60 -2.31
C PRO B 660 -37.64 21.56 -3.43
N PRO B 661 -38.75 20.86 -3.65
CA PRO B 661 -38.84 19.85 -4.69
C PRO B 661 -38.55 20.45 -6.05
N ASP B 662 -37.93 19.66 -6.91
CA ASP B 662 -37.62 20.12 -8.24
C ASP B 662 -36.60 21.24 -8.35
N THR B 663 -35.64 21.28 -7.44
CA THR B 663 -34.61 22.29 -7.54
C THR B 663 -33.28 21.60 -7.74
N ILE B 664 -33.15 20.38 -7.23
CA ILE B 664 -31.91 19.63 -7.35
C ILE B 664 -31.77 18.89 -8.69
N ASN B 665 -32.58 17.84 -8.80
CA ASN B 665 -32.60 16.96 -9.97
C ASN B 665 -31.21 16.72 -10.57
N GLY B 666 -30.92 17.35 -11.70
CA GLY B 666 -29.61 17.13 -12.29
C GLY B 666 -28.40 17.12 -11.35
N SER B 667 -27.97 18.34 -10.96
CA SER B 667 -26.78 18.52 -10.13
C SER B 667 -26.98 19.31 -8.85
N ILE B 668 -25.90 19.33 -8.06
CA ILE B 668 -25.84 20.03 -6.79
C ILE B 668 -24.38 20.10 -6.31
N ARG B 669 -23.99 21.22 -5.73
CA ARG B 669 -22.63 21.35 -5.22
C ARG B 669 -22.76 21.53 -3.74
N VAL B 670 -21.81 21.02 -2.98
CA VAL B 670 -21.89 21.15 -1.53
C VAL B 670 -20.53 21.31 -0.92
N THR B 671 -20.42 22.13 0.11
CA THR B 671 -19.13 22.34 0.73
C THR B 671 -18.88 21.39 1.89
N VAL B 672 -17.61 21.13 2.15
CA VAL B 672 -17.21 20.26 3.24
C VAL B 672 -16.19 21.06 4.04
N GLN B 673 -16.66 21.80 5.05
CA GLN B 673 -15.83 22.66 5.88
C GLN B 673 -14.78 21.91 6.72
N GLY B 674 -13.50 22.12 6.39
CA GLY B 674 -12.38 21.49 7.10
C GLY B 674 -12.64 20.33 8.05
N GLU B 675 -13.16 20.65 9.24
CA GLU B 675 -13.48 19.68 10.28
C GLU B 675 -14.27 18.51 9.70
N VAL B 676 -15.30 18.82 8.91
CA VAL B 676 -16.15 17.83 8.27
C VAL B 676 -15.39 16.89 7.33
N ILE B 677 -14.30 17.37 6.73
CA ILE B 677 -13.55 16.52 5.84
C ILE B 677 -13.04 15.30 6.63
N GLU B 678 -12.52 15.53 7.84
CA GLU B 678 -12.02 14.44 8.66
C GLU B 678 -13.18 13.52 8.93
N PHE B 679 -14.32 14.10 9.25
CA PHE B 679 -15.52 13.32 9.52
C PHE B 679 -15.87 12.53 8.27
N CYS B 680 -16.54 13.20 7.35
CA CYS B 680 -16.96 12.57 6.11
C CYS B 680 -15.94 11.74 5.30
N PHE B 681 -14.64 11.94 5.49
CA PHE B 681 -13.68 11.15 4.72
C PHE B 681 -12.48 10.68 5.51
N GLY B 682 -12.64 10.57 6.82
CA GLY B 682 -11.55 10.13 7.67
C GLY B 682 -11.15 8.68 7.45
N GLU B 683 -12.15 7.78 7.46
CA GLU B 683 -11.89 6.37 7.25
C GLU B 683 -12.41 5.98 5.88
N GLU B 684 -12.14 4.75 5.46
CA GLU B 684 -12.61 4.28 4.16
C GLU B 684 -14.09 3.99 4.24
N HIS B 685 -14.51 3.39 5.35
CA HIS B 685 -15.91 3.07 5.53
C HIS B 685 -16.72 4.35 5.60
N LEU B 686 -16.09 5.42 6.08
CA LEU B 686 -16.75 6.72 6.19
C LEU B 686 -16.96 7.27 4.79
N CYS B 687 -15.89 7.28 4.00
CA CYS B 687 -15.93 7.76 2.62
C CYS B 687 -16.98 7.04 1.78
N PHE B 688 -16.89 5.71 1.75
CA PHE B 688 -17.85 4.92 0.98
C PHE B 688 -19.27 5.32 1.35
N GLN B 689 -19.54 5.41 2.65
CA GLN B 689 -20.87 5.78 3.11
C GLN B 689 -21.26 7.20 2.73
N THR B 690 -20.31 8.11 2.75
CA THR B 690 -20.60 9.48 2.40
C THR B 690 -21.01 9.55 0.93
N LEU B 691 -20.26 8.88 0.08
CA LEU B 691 -20.57 8.84 -1.34
C LEU B 691 -21.95 8.22 -1.49
N GLN B 692 -22.17 7.14 -0.76
CA GLN B 692 -23.45 6.44 -0.78
C GLN B 692 -24.59 7.39 -0.45
N ARG B 693 -24.48 8.08 0.69
CA ARG B 693 -25.49 9.02 1.15
C ARG B 693 -25.85 10.04 0.07
N PHE B 694 -24.87 10.83 -0.37
CA PHE B 694 -25.19 11.81 -1.37
C PHE B 694 -25.89 11.27 -2.60
N THR B 695 -25.26 10.36 -3.35
CA THR B 695 -25.88 9.85 -4.56
C THR B 695 -27.28 9.29 -4.34
N ALA B 696 -27.52 8.68 -3.18
CA ALA B 696 -28.84 8.12 -2.88
C ALA B 696 -29.86 9.23 -2.67
N ALA B 697 -29.60 10.05 -1.65
CA ALA B 697 -30.45 11.19 -1.31
C ALA B 697 -30.76 12.01 -2.54
N THR B 698 -29.71 12.36 -3.26
CA THR B 698 -29.85 13.14 -4.46
C THR B 698 -30.73 12.42 -5.51
N LEU B 699 -30.62 11.09 -5.61
CA LEU B 699 -31.43 10.37 -6.58
C LEU B 699 -32.91 10.42 -6.21
N GLU B 700 -33.20 10.27 -4.92
CA GLU B 700 -34.59 10.28 -4.50
C GLU B 700 -35.26 11.62 -4.68
N HIS B 701 -34.63 12.66 -4.16
CA HIS B 701 -35.18 13.99 -4.28
C HIS B 701 -35.66 14.29 -5.71
N GLY B 702 -35.14 13.55 -6.66
CA GLY B 702 -35.53 13.77 -8.02
C GLY B 702 -36.77 12.98 -8.41
N MET B 703 -36.77 11.69 -8.12
CA MET B 703 -37.89 10.82 -8.47
C MET B 703 -38.96 10.73 -7.40
N HIS B 704 -38.59 11.06 -6.17
CA HIS B 704 -39.54 11.03 -5.07
C HIS B 704 -39.44 12.34 -4.27
N PRO B 705 -39.72 13.47 -4.94
CA PRO B 705 -39.66 14.79 -4.29
C PRO B 705 -40.51 14.90 -3.04
N PRO B 706 -40.11 15.80 -2.13
CA PRO B 706 -40.88 15.98 -0.90
C PRO B 706 -42.20 16.70 -1.20
N VAL B 707 -43.00 16.90 -0.17
CA VAL B 707 -44.28 17.55 -0.33
C VAL B 707 -44.11 19.07 -0.37
N SER B 708 -44.89 19.73 -1.22
CA SER B 708 -44.83 21.18 -1.31
C SER B 708 -45.67 21.69 -0.15
N PRO B 709 -45.16 22.71 0.57
CA PRO B 709 -45.92 23.24 1.70
C PRO B 709 -47.32 23.68 1.31
N LYS B 710 -48.25 23.54 2.25
CA LYS B 710 -49.64 23.95 2.05
C LYS B 710 -49.75 25.45 2.16
N PRO B 711 -50.67 26.07 1.40
CA PRO B 711 -50.78 27.52 1.52
C PRO B 711 -50.77 27.93 3.00
N GLU B 712 -51.64 27.33 3.80
CA GLU B 712 -51.70 27.64 5.22
C GLU B 712 -50.31 27.67 5.84
N TRP B 713 -49.54 26.61 5.59
CA TRP B 713 -48.18 26.50 6.13
C TRP B 713 -47.32 27.65 5.64
N ARG B 714 -47.39 27.92 4.34
CA ARG B 714 -46.62 28.99 3.72
C ARG B 714 -46.86 30.29 4.47
N LYS B 715 -48.11 30.71 4.50
CA LYS B 715 -48.53 31.92 5.18
C LYS B 715 -47.94 32.01 6.59
N LEU B 716 -48.29 31.04 7.43
CA LEU B 716 -47.82 31.00 8.82
C LEU B 716 -46.30 31.03 8.93
N MET B 717 -45.62 30.46 7.94
CA MET B 717 -44.18 30.45 7.95
C MET B 717 -43.74 31.90 7.76
N ASP B 718 -44.14 32.50 6.64
CA ASP B 718 -43.81 33.89 6.33
C ASP B 718 -43.98 34.72 7.60
N GLU B 719 -45.10 34.54 8.29
CA GLU B 719 -45.35 35.27 9.52
C GLU B 719 -44.31 35.00 10.59
N MET B 720 -44.27 33.77 11.09
CA MET B 720 -43.30 33.45 12.12
C MET B 720 -41.93 33.93 11.70
N ALA B 721 -41.73 34.10 10.39
CA ALA B 721 -40.45 34.54 9.85
C ALA B 721 -40.04 35.91 10.38
N VAL B 722 -40.92 36.90 10.20
CA VAL B 722 -40.65 38.27 10.66
C VAL B 722 -40.57 38.32 12.20
N VAL B 723 -41.38 37.52 12.86
CA VAL B 723 -41.40 37.47 14.31
C VAL B 723 -40.13 36.86 14.87
N ALA B 724 -39.51 35.97 14.12
CA ALA B 724 -38.28 35.33 14.57
C ALA B 724 -37.07 36.23 14.41
N THR B 725 -37.12 37.16 13.45
CA THR B 725 -36.00 38.09 13.24
C THR B 725 -36.16 39.21 14.26
N GLU B 726 -37.40 39.67 14.42
CA GLU B 726 -37.73 40.73 15.35
C GLU B 726 -37.08 40.39 16.70
N GLU B 727 -37.54 39.31 17.32
CA GLU B 727 -36.98 38.88 18.60
C GLU B 727 -35.48 38.73 18.45
N TYR B 728 -35.03 38.40 17.26
CA TYR B 728 -33.61 38.21 16.99
C TYR B 728 -32.78 39.49 17.05
N ARG B 729 -32.68 40.19 15.93
CA ARG B 729 -31.90 41.42 15.89
C ARG B 729 -32.11 42.27 17.13
N SER B 730 -33.34 42.27 17.64
CA SER B 730 -33.66 43.05 18.82
C SER B 730 -32.69 42.80 19.98
N VAL B 731 -32.02 41.65 19.95
CA VAL B 731 -31.08 41.31 21.02
C VAL B 731 -29.61 41.35 20.58
N VAL B 732 -29.37 41.43 19.29
CA VAL B 732 -28.01 41.45 18.79
C VAL B 732 -27.68 42.76 18.07
N VAL B 733 -28.67 43.32 17.38
CA VAL B 733 -28.47 44.57 16.65
C VAL B 733 -29.04 45.74 17.46
N LYS B 734 -30.37 45.76 17.60
CA LYS B 734 -31.06 46.81 18.35
C LYS B 734 -30.81 46.72 19.85
N GLU B 735 -29.54 46.63 20.24
CA GLU B 735 -29.16 46.55 21.64
C GLU B 735 -27.66 46.75 21.80
N ALA B 736 -27.28 47.88 22.41
CA ALA B 736 -25.86 48.18 22.61
C ALA B 736 -25.35 47.45 23.85
N ARG B 737 -26.26 47.10 24.76
CA ARG B 737 -25.89 46.40 25.98
C ARG B 737 -25.38 44.99 25.66
N PHE B 738 -25.76 44.47 24.49
CA PHE B 738 -25.37 43.13 24.04
C PHE B 738 -23.87 42.92 23.82
N VAL B 739 -23.36 43.57 22.79
CA VAL B 739 -21.95 43.47 22.43
C VAL B 739 -20.98 43.24 23.58
N GLU B 740 -21.25 43.85 24.73
CA GLU B 740 -20.36 43.67 25.87
C GLU B 740 -20.55 42.29 26.51
N TYR B 741 -21.81 41.84 26.60
CA TYR B 741 -22.12 40.54 27.19
C TYR B 741 -21.42 39.43 26.42
N PHE B 742 -21.42 39.55 25.08
CA PHE B 742 -20.76 38.59 24.21
C PHE B 742 -19.33 38.39 24.68
N ARG B 743 -18.49 39.42 24.54
CA ARG B 743 -17.10 39.34 24.97
C ARG B 743 -16.96 39.08 26.46
N SER B 744 -18.08 39.14 27.16
CA SER B 744 -18.11 38.93 28.60
C SER B 744 -18.33 37.48 29.01
N ALA B 745 -19.31 36.84 28.38
CA ALA B 745 -19.65 35.45 28.70
C ALA B 745 -19.01 34.34 27.86
N THR B 746 -18.73 34.61 26.59
CA THR B 746 -18.13 33.61 25.69
C THR B 746 -16.68 33.95 25.39
N PRO B 747 -15.80 32.93 25.31
CA PRO B 747 -14.39 33.17 25.02
C PRO B 747 -14.13 33.44 23.55
N GLU B 748 -14.79 34.45 23.00
CA GLU B 748 -14.63 34.79 21.59
C GLU B 748 -13.23 35.31 21.25
N THR B 749 -12.73 36.28 22.01
CA THR B 749 -11.43 36.87 21.76
C THR B 749 -10.24 35.91 21.93
N GLU B 750 -10.54 34.62 22.07
CA GLU B 750 -9.49 33.61 22.24
C GLU B 750 -9.44 32.65 21.07
N TYR B 751 -10.42 32.75 20.17
CA TYR B 751 -10.50 31.87 19.01
C TYR B 751 -9.19 31.76 18.25
N GLY B 752 -8.54 32.90 18.01
CA GLY B 752 -7.29 32.89 17.27
C GLY B 752 -6.15 32.12 17.91
N ARG B 753 -6.12 32.09 19.23
CA ARG B 753 -5.07 31.37 19.95
C ARG B 753 -4.90 29.90 19.58
N MET B 754 -5.70 29.43 18.63
CA MET B 754 -5.62 28.03 18.22
C MET B 754 -4.89 27.85 16.90
N ASN B 755 -4.67 28.95 16.20
CA ASN B 755 -3.98 28.92 14.91
C ASN B 755 -4.60 27.88 14.01
N ILE B 756 -5.92 27.84 13.96
CA ILE B 756 -6.59 26.88 13.12
C ILE B 756 -6.29 27.11 11.64
N GLY B 757 -6.86 28.16 11.06
CA GLY B 757 -6.63 28.45 9.65
C GLY B 757 -5.69 29.62 9.45
N SER B 758 -5.52 30.00 8.19
CA SER B 758 -4.63 31.10 7.86
C SER B 758 -5.40 32.42 7.79
N ARG B 759 -6.72 32.34 7.69
CA ARG B 759 -7.55 33.55 7.61
C ARG B 759 -7.44 34.37 8.88
N PRO B 760 -7.08 35.65 8.76
CA PRO B 760 -6.99 36.46 9.99
C PRO B 760 -8.37 36.98 10.41
N ILE B 769 -18.77 44.31 15.65
CA ILE B 769 -19.94 43.38 15.80
C ILE B 769 -20.16 42.50 14.56
N THR B 770 -20.67 43.10 13.48
CA THR B 770 -20.91 42.35 12.23
C THR B 770 -19.59 42.18 11.49
N THR B 771 -18.52 42.67 12.11
CA THR B 771 -17.17 42.57 11.54
C THR B 771 -16.59 41.17 11.75
N LEU B 772 -17.33 40.31 12.45
CA LEU B 772 -16.89 38.94 12.72
C LEU B 772 -17.44 37.99 11.67
N ARG B 773 -16.81 36.83 11.56
CA ARG B 773 -17.24 35.86 10.59
C ARG B 773 -18.21 34.86 11.21
N ALA B 774 -18.74 33.97 10.38
CA ALA B 774 -19.70 32.96 10.83
C ALA B 774 -19.10 32.02 11.87
N ILE B 775 -18.02 31.34 11.49
CA ILE B 775 -17.35 30.40 12.39
C ILE B 775 -17.15 30.94 13.81
N PRO B 776 -16.33 31.99 13.98
CA PRO B 776 -16.13 32.52 15.33
C PRO B 776 -17.43 32.77 16.06
N TRP B 777 -18.43 33.24 15.32
CA TRP B 777 -19.75 33.52 15.87
C TRP B 777 -20.24 32.31 16.65
N ILE B 778 -20.57 31.24 15.91
CA ILE B 778 -21.08 30.00 16.50
C ILE B 778 -20.08 29.38 17.46
N PHE B 779 -18.82 29.36 17.05
CA PHE B 779 -17.77 28.80 17.89
C PHE B 779 -17.96 29.31 19.30
N SER B 780 -18.15 30.63 19.39
CA SER B 780 -18.34 31.32 20.66
C SER B 780 -19.41 30.70 21.55
N TRP B 781 -20.66 30.75 21.11
CA TRP B 781 -21.75 30.22 21.91
C TRP B 781 -21.81 28.69 22.02
N THR B 782 -21.00 28.01 21.21
CA THR B 782 -20.95 26.55 21.22
C THR B 782 -20.06 26.03 22.35
N GLN B 783 -19.00 26.78 22.65
CA GLN B 783 -18.08 26.43 23.72
C GLN B 783 -18.76 26.56 25.08
N THR B 784 -19.49 27.67 25.22
CA THR B 784 -20.20 28.01 26.44
C THR B 784 -21.52 27.22 26.59
N ARG B 785 -21.72 26.24 25.71
CA ARG B 785 -22.92 25.40 25.71
C ARG B 785 -24.23 26.16 25.83
N PHE B 786 -24.43 27.13 24.95
CA PHE B 786 -25.65 27.93 24.98
C PHE B 786 -26.26 27.94 23.58
N HIS B 787 -25.40 27.88 22.58
CA HIS B 787 -25.79 27.86 21.18
C HIS B 787 -26.84 28.91 20.85
N LEU B 788 -26.74 30.05 21.52
CA LEU B 788 -27.66 31.17 21.35
C LEU B 788 -28.07 31.51 19.91
N PRO B 789 -27.11 31.58 18.98
CA PRO B 789 -27.36 31.90 17.57
C PRO B 789 -28.22 30.91 16.81
N VAL B 790 -28.35 29.69 17.34
CA VAL B 790 -29.12 28.68 16.62
C VAL B 790 -30.61 28.62 16.95
N TRP B 791 -30.98 29.06 18.15
CA TRP B 791 -32.37 29.02 18.58
C TRP B 791 -33.03 30.36 18.89
N LEU B 792 -32.24 31.42 18.92
CA LEU B 792 -32.76 32.75 19.25
C LEU B 792 -34.15 33.11 18.74
N GLY B 793 -34.28 33.37 17.45
CA GLY B 793 -35.58 33.75 16.88
C GLY B 793 -36.76 32.84 17.17
N VAL B 794 -36.56 31.56 16.92
CA VAL B 794 -37.55 30.49 17.10
C VAL B 794 -38.60 30.67 18.19
N GLY B 795 -38.16 30.76 19.45
CA GLY B 795 -39.09 30.92 20.57
C GLY B 795 -40.27 31.84 20.33
N ALA B 796 -39.98 33.02 19.77
CA ALA B 796 -41.01 34.02 19.48
C ALA B 796 -41.93 33.58 18.35
N ALA B 797 -41.34 33.14 17.24
CA ALA B 797 -42.10 32.70 16.08
C ALA B 797 -43.21 31.74 16.50
N PHE B 798 -42.91 30.89 17.47
CA PHE B 798 -43.88 29.94 17.96
C PHE B 798 -44.90 30.60 18.87
N LYS B 799 -44.43 31.10 20.02
CA LYS B 799 -45.33 31.75 20.95
C LYS B 799 -46.35 32.61 20.20
N PHE B 800 -45.86 33.49 19.34
CA PHE B 800 -46.73 34.36 18.57
C PHE B 800 -47.87 33.62 17.87
N ALA B 801 -47.54 32.73 16.95
CA ALA B 801 -48.56 31.98 16.22
C ALA B 801 -49.54 31.25 17.14
N ILE B 802 -49.12 31.03 18.38
CA ILE B 802 -49.96 30.35 19.36
C ILE B 802 -51.04 31.30 19.88
N ASP B 803 -50.73 32.59 19.88
CA ASP B 803 -51.66 33.60 20.34
C ASP B 803 -52.50 34.13 19.19
N LYS B 804 -51.85 34.53 18.10
CA LYS B 804 -52.57 35.08 16.96
C LYS B 804 -53.80 34.23 16.68
N ASP B 805 -53.77 32.97 17.14
CA ASP B 805 -54.86 32.03 16.98
C ASP B 805 -54.48 30.75 17.69
N VAL B 806 -55.46 29.95 18.09
CA VAL B 806 -55.18 28.70 18.79
C VAL B 806 -55.12 27.55 17.80
N ARG B 807 -55.90 27.64 16.75
CA ARG B 807 -55.91 26.59 15.75
C ARG B 807 -54.55 26.46 15.09
N ASN B 808 -53.63 27.35 15.43
CA ASN B 808 -52.30 27.29 14.85
C ASN B 808 -51.41 26.25 15.52
N PHE B 809 -51.67 25.96 16.80
CA PHE B 809 -50.87 24.96 17.50
C PHE B 809 -51.06 23.63 16.80
N GLN B 810 -52.28 23.39 16.34
CA GLN B 810 -52.60 22.16 15.64
C GLN B 810 -51.98 22.21 14.24
N VAL B 811 -51.76 23.43 13.73
CA VAL B 811 -51.18 23.59 12.42
C VAL B 811 -49.66 23.51 12.53
N LEU B 812 -49.11 23.88 13.68
CA LEU B 812 -47.67 23.78 13.87
C LEU B 812 -47.32 22.32 13.90
N LYS B 813 -48.00 21.56 14.77
CA LYS B 813 -47.79 20.12 14.89
C LYS B 813 -48.02 19.47 13.51
N GLU B 814 -49.15 19.80 12.91
CA GLU B 814 -49.54 19.29 11.62
C GLU B 814 -48.42 19.45 10.59
N MET B 815 -47.57 20.45 10.80
CA MET B 815 -46.46 20.71 9.90
C MET B 815 -45.28 19.85 10.24
N TYR B 816 -44.94 19.80 11.53
CA TYR B 816 -43.81 18.99 11.97
C TYR B 816 -44.01 17.51 11.68
N ASN B 817 -45.17 17.13 11.14
CA ASN B 817 -45.42 15.73 10.82
C ASN B 817 -45.31 15.44 9.35
N GLU B 818 -45.96 16.28 8.55
CA GLU B 818 -45.99 16.09 7.11
C GLU B 818 -44.99 16.83 6.21
N TRP B 819 -44.51 18.00 6.64
CA TRP B 819 -43.58 18.80 5.83
C TRP B 819 -42.13 18.53 6.18
N PRO B 820 -41.40 17.79 5.31
CA PRO B 820 -40.00 17.44 5.49
C PRO B 820 -39.12 18.59 6.00
N PHE B 821 -39.17 19.70 5.28
CA PHE B 821 -38.38 20.89 5.63
C PHE B 821 -38.60 21.36 7.06
N PHE B 822 -39.85 21.63 7.41
CA PHE B 822 -40.18 22.08 8.74
C PHE B 822 -39.77 21.06 9.80
N ARG B 823 -39.81 19.79 9.44
CA ARG B 823 -39.44 18.73 10.37
C ARG B 823 -37.95 18.77 10.66
N VAL B 824 -37.16 18.56 9.62
CA VAL B 824 -35.70 18.56 9.74
C VAL B 824 -35.21 19.75 10.57
N THR B 825 -35.73 20.94 10.27
CA THR B 825 -35.32 22.15 10.97
C THR B 825 -35.49 22.00 12.47
N LEU B 826 -36.66 21.55 12.90
CA LEU B 826 -36.90 21.37 14.33
C LEU B 826 -36.04 20.24 14.85
N ASP B 827 -35.98 19.14 14.11
CA ASP B 827 -35.19 17.98 14.52
C ASP B 827 -33.75 18.40 14.79
N LEU B 828 -33.19 19.24 13.91
CA LEU B 828 -31.82 19.70 14.10
C LEU B 828 -31.75 20.45 15.43
N LEU B 829 -32.70 21.37 15.63
CA LEU B 829 -32.75 22.14 16.86
C LEU B 829 -32.69 21.24 18.08
N GLU B 830 -33.55 20.23 18.10
CA GLU B 830 -33.59 19.31 19.21
C GLU B 830 -32.19 18.79 19.57
N MET B 831 -31.37 18.53 18.56
CA MET B 831 -30.03 18.05 18.83
C MET B 831 -29.25 19.17 19.49
N VAL B 832 -29.38 20.37 18.94
CA VAL B 832 -28.71 21.54 19.50
C VAL B 832 -29.00 21.58 21.00
N PHE B 833 -30.27 21.77 21.34
CA PHE B 833 -30.68 21.80 22.73
C PHE B 833 -30.19 20.54 23.42
N ALA B 834 -30.05 19.45 22.67
CA ALA B 834 -29.58 18.20 23.23
C ALA B 834 -28.13 18.31 23.67
N LYS B 835 -27.50 19.44 23.33
CA LYS B 835 -26.11 19.66 23.69
C LYS B 835 -25.91 20.86 24.61
N GLY B 836 -26.86 21.80 24.59
CA GLY B 836 -26.75 22.98 25.43
C GLY B 836 -27.29 22.80 26.84
N ASP B 837 -26.58 23.36 27.80
CA ASP B 837 -26.99 23.26 29.20
C ASP B 837 -26.87 24.63 29.85
N PRO B 838 -28.00 25.31 30.07
CA PRO B 838 -28.00 26.64 30.69
C PRO B 838 -27.15 26.73 31.96
N GLY B 839 -26.98 25.59 32.63
CA GLY B 839 -26.19 25.56 33.85
C GLY B 839 -24.80 26.12 33.60
N ILE B 840 -24.16 25.61 32.55
CA ILE B 840 -22.84 26.05 32.14
C ILE B 840 -22.91 27.46 31.57
N ALA B 841 -24.08 27.81 31.04
CA ALA B 841 -24.31 29.13 30.46
C ALA B 841 -24.17 30.20 31.53
N GLY B 842 -24.93 30.04 32.62
CA GLY B 842 -24.87 31.01 33.70
C GLY B 842 -23.58 30.94 34.48
N LEU B 843 -22.95 29.77 34.51
CA LEU B 843 -21.71 29.61 35.25
C LEU B 843 -20.68 30.64 34.82
N TYR B 844 -20.70 30.98 33.53
CA TYR B 844 -19.76 31.97 33.01
C TYR B 844 -20.15 33.37 33.45
N ASP B 845 -21.41 33.56 33.86
CA ASP B 845 -21.89 34.87 34.34
C ASP B 845 -21.27 35.20 35.69
N GLU B 846 -21.61 34.40 36.69
CA GLU B 846 -21.11 34.58 38.04
C GLU B 846 -19.58 34.51 38.07
N LEU B 847 -18.97 34.47 36.90
CA LEU B 847 -17.52 34.38 36.81
C LEU B 847 -16.87 35.40 35.90
N LEU B 848 -17.55 35.76 34.82
CA LEU B 848 -16.97 36.69 33.87
C LEU B 848 -17.93 37.77 33.41
N VAL B 849 -19.20 37.66 33.78
CA VAL B 849 -20.16 38.68 33.36
C VAL B 849 -20.27 39.81 34.36
N ALA B 850 -20.26 41.03 33.84
CA ALA B 850 -20.34 42.24 34.64
C ALA B 850 -21.58 42.25 35.52
N GLU B 851 -21.37 42.46 36.83
CA GLU B 851 -22.49 42.51 37.79
C GLU B 851 -23.65 43.32 37.21
N GLU B 852 -23.31 44.33 36.42
CA GLU B 852 -24.29 45.21 35.80
C GLU B 852 -25.36 44.47 35.01
N LEU B 853 -25.01 44.03 33.81
CA LEU B 853 -25.93 43.32 32.93
C LEU B 853 -26.02 41.82 33.24
N LYS B 854 -25.78 41.49 34.52
CA LYS B 854 -25.84 40.12 35.00
C LYS B 854 -27.22 39.53 34.74
N PRO B 855 -28.29 40.29 35.03
CA PRO B 855 -29.65 39.82 34.81
C PRO B 855 -29.93 39.58 33.34
N PHE B 856 -29.51 40.53 32.51
CA PHE B 856 -29.68 40.43 31.07
C PHE B 856 -29.37 39.01 30.63
N GLY B 857 -28.33 38.44 31.24
CA GLY B 857 -27.94 37.08 30.94
C GLY B 857 -29.01 36.10 31.36
N LYS B 858 -29.48 36.23 32.60
CA LYS B 858 -30.52 35.35 33.10
C LYS B 858 -31.81 35.53 32.29
N GLN B 859 -31.91 36.62 31.53
CA GLN B 859 -33.09 36.86 30.73
C GLN B 859 -33.08 35.94 29.51
N LEU B 860 -31.89 35.71 28.97
CA LEU B 860 -31.72 34.85 27.81
C LEU B 860 -31.98 33.44 28.28
N ARG B 861 -31.52 33.16 29.50
CA ARG B 861 -31.69 31.87 30.13
C ARG B 861 -33.15 31.45 30.04
N ASP B 862 -34.06 32.37 30.37
CA ASP B 862 -35.49 32.07 30.34
C ASP B 862 -36.04 31.91 28.94
N LYS B 863 -35.52 32.67 27.97
CA LYS B 863 -35.99 32.54 26.59
C LYS B 863 -35.56 31.18 26.06
N TYR B 864 -34.33 30.80 26.40
CA TYR B 864 -33.77 29.53 26.01
C TYR B 864 -34.76 28.45 26.43
N VAL B 865 -34.85 28.26 27.75
CA VAL B 865 -35.72 27.26 28.35
C VAL B 865 -37.16 27.35 27.87
N GLU B 866 -37.61 28.56 27.54
CA GLU B 866 -38.98 28.73 27.07
C GLU B 866 -39.08 28.16 25.66
N THR B 867 -38.05 28.43 24.86
CA THR B 867 -38.02 27.94 23.50
C THR B 867 -37.96 26.42 23.48
N GLN B 868 -36.95 25.86 24.14
CA GLN B 868 -36.79 24.40 24.21
C GLN B 868 -38.12 23.74 24.57
N GLN B 869 -38.72 24.23 25.65
CA GLN B 869 -40.00 23.71 26.10
C GLN B 869 -41.00 23.66 24.95
N LEU B 870 -41.34 24.82 24.39
CA LEU B 870 -42.28 24.89 23.29
C LEU B 870 -41.96 23.95 22.13
N LEU B 871 -40.67 23.77 21.84
CA LEU B 871 -40.24 22.89 20.76
C LEU B 871 -40.72 21.47 21.04
N LEU B 872 -40.34 20.94 22.21
CA LEU B 872 -40.75 19.60 22.59
C LEU B 872 -42.26 19.45 22.49
N GLN B 873 -42.97 20.55 22.69
CA GLN B 873 -44.41 20.51 22.60
C GLN B 873 -44.88 20.33 21.17
N ILE B 874 -44.27 21.05 20.24
CA ILE B 874 -44.65 20.95 18.85
C ILE B 874 -44.31 19.57 18.30
N ALA B 875 -43.17 19.03 18.73
CA ALA B 875 -42.71 17.73 18.28
C ALA B 875 -43.42 16.58 18.99
N GLY B 876 -44.07 16.91 20.09
CA GLY B 876 -44.78 15.90 20.84
C GLY B 876 -43.79 14.95 21.49
N HIS B 877 -42.75 15.51 22.08
CA HIS B 877 -41.76 14.69 22.74
C HIS B 877 -41.77 15.00 24.23
N LYS B 878 -41.37 14.01 25.02
CA LYS B 878 -41.31 14.18 26.45
C LYS B 878 -39.97 14.81 26.77
N ASP B 879 -38.90 14.17 26.28
CA ASP B 879 -37.54 14.65 26.50
C ASP B 879 -36.89 15.04 25.19
N ILE B 880 -35.61 15.36 25.26
CA ILE B 880 -34.86 15.73 24.07
C ILE B 880 -34.24 14.45 23.55
N LEU B 881 -34.08 14.37 22.22
CA LEU B 881 -33.52 13.19 21.58
C LEU B 881 -34.25 11.97 22.10
N GLU B 882 -35.45 12.18 22.62
CA GLU B 882 -36.26 11.09 23.15
C GLU B 882 -36.23 9.94 22.16
N GLY B 883 -36.30 10.29 20.88
CA GLY B 883 -36.28 9.29 19.82
C GLY B 883 -34.90 8.97 19.28
N ASP B 884 -33.95 8.70 20.16
CA ASP B 884 -32.59 8.34 19.78
C ASP B 884 -31.77 7.97 21.02
N PRO B 885 -32.04 6.80 21.60
CA PRO B 885 -31.37 6.29 22.80
C PRO B 885 -29.85 6.22 22.67
N PHE B 886 -29.37 5.99 21.46
CA PHE B 886 -27.92 5.90 21.28
C PHE B 886 -27.29 7.24 21.64
N LEU B 887 -27.63 8.29 20.89
CA LEU B 887 -27.09 9.62 21.15
C LEU B 887 -27.10 10.03 22.63
N LYS B 888 -28.28 10.02 23.25
CA LYS B 888 -28.36 10.39 24.65
C LYS B 888 -27.38 9.56 25.47
N GLN B 889 -27.33 8.26 25.21
CA GLN B 889 -26.42 7.36 25.92
C GLN B 889 -24.99 7.84 25.74
N GLY B 890 -24.74 8.54 24.65
CA GLY B 890 -23.41 9.05 24.36
C GLY B 890 -23.11 10.32 25.14
N LEU B 891 -24.11 11.18 25.26
CA LEU B 891 -23.93 12.42 25.99
C LEU B 891 -23.63 12.12 27.46
N VAL B 892 -24.38 11.16 28.02
CA VAL B 892 -24.23 10.78 29.43
C VAL B 892 -22.81 10.34 29.80
N LEU B 893 -22.13 9.70 28.85
CA LEU B 893 -20.77 9.22 29.11
C LEU B 893 -19.73 10.26 28.71
N ARG B 894 -20.10 11.16 27.80
CA ARG B 894 -19.18 12.17 27.34
C ARG B 894 -19.26 13.50 28.09
N ASN B 895 -20.46 13.96 28.41
CA ASN B 895 -20.67 15.23 29.10
C ASN B 895 -19.88 15.53 30.37
N PRO B 896 -20.00 14.67 31.39
CA PRO B 896 -19.24 14.95 32.61
C PRO B 896 -17.81 15.42 32.34
N TYR B 897 -17.26 15.05 31.19
CA TYR B 897 -15.92 15.47 30.83
C TYR B 897 -15.91 16.88 30.28
N ILE B 898 -16.83 17.15 29.35
CA ILE B 898 -16.94 18.46 28.76
C ILE B 898 -17.14 19.50 29.86
N THR B 899 -18.02 19.18 30.80
CA THR B 899 -18.30 20.08 31.91
C THR B 899 -16.99 20.45 32.57
N THR B 900 -16.29 19.46 33.12
CA THR B 900 -15.01 19.71 33.77
C THR B 900 -14.16 20.70 32.98
N LEU B 901 -14.17 20.59 31.65
CA LEU B 901 -13.40 21.50 30.81
C LEU B 901 -14.00 22.89 30.81
N ASN B 902 -15.31 22.98 30.98
CA ASN B 902 -15.99 24.28 31.03
C ASN B 902 -15.56 24.96 32.34
N VAL B 903 -15.58 24.19 33.42
CA VAL B 903 -15.19 24.68 34.73
C VAL B 903 -13.75 25.17 34.66
N PHE B 904 -12.88 24.35 34.08
CA PHE B 904 -11.47 24.70 33.94
C PHE B 904 -11.27 25.85 32.95
N GLN B 905 -12.33 26.20 32.23
CA GLN B 905 -12.26 27.29 31.26
C GLN B 905 -12.83 28.60 31.78
N ALA B 906 -13.92 28.53 32.52
CA ALA B 906 -14.55 29.73 33.06
C ALA B 906 -13.62 30.41 34.08
N TYR B 907 -12.94 29.63 34.91
CA TYR B 907 -12.02 30.21 35.88
C TYR B 907 -10.77 30.69 35.21
N THR B 908 -10.27 29.92 34.24
CA THR B 908 -9.06 30.30 33.54
C THR B 908 -9.20 31.65 32.85
N LEU B 909 -10.40 31.94 32.37
CA LEU B 909 -10.63 33.21 31.71
C LEU B 909 -10.54 34.33 32.74
N LYS B 910 -10.93 34.04 33.97
CA LYS B 910 -10.88 35.05 35.01
C LYS B 910 -9.44 35.29 35.45
N ARG B 911 -8.65 34.24 35.55
CA ARG B 911 -7.28 34.42 35.97
C ARG B 911 -6.55 35.28 34.97
N ILE B 912 -7.24 35.65 33.89
CA ILE B 912 -6.66 36.51 32.88
C ILE B 912 -7.33 37.87 32.95
N ARG B 913 -8.67 37.84 32.97
CA ARG B 913 -9.47 39.06 33.01
C ARG B 913 -9.32 39.85 34.32
N ASP B 914 -9.13 39.14 35.43
CA ASP B 914 -8.99 39.75 36.75
C ASP B 914 -7.67 39.34 37.40
N PRO B 915 -6.61 40.18 37.25
CA PRO B 915 -5.30 39.88 37.83
C PRO B 915 -5.31 39.64 39.33
N ASN B 916 -6.14 40.40 40.05
CA ASN B 916 -6.24 40.29 41.50
C ASN B 916 -7.12 39.13 41.97
N PHE B 917 -7.17 38.07 41.17
CA PHE B 917 -7.95 36.88 41.50
C PHE B 917 -7.05 36.00 42.35
N LYS B 918 -7.36 35.87 43.63
CA LYS B 918 -6.55 35.05 44.51
C LYS B 918 -6.96 33.59 44.41
N VAL B 919 -5.98 32.72 44.18
CA VAL B 919 -6.19 31.29 44.07
C VAL B 919 -5.10 30.57 44.85
N THR B 920 -5.48 29.82 45.86
CA THR B 920 -4.53 29.10 46.71
C THR B 920 -3.82 27.96 45.99
N PRO B 921 -2.53 28.15 45.65
CA PRO B 921 -1.77 27.11 44.96
C PRO B 921 -1.81 25.75 45.66
N GLN B 922 -1.18 24.77 45.02
CA GLN B 922 -1.11 23.41 45.53
C GLN B 922 0.22 22.79 45.09
N PRO B 923 0.50 21.57 45.56
CA PRO B 923 1.75 20.89 45.20
C PRO B 923 1.60 20.18 43.85
N PRO B 924 2.64 20.24 43.01
CA PRO B 924 2.60 19.60 41.69
C PRO B 924 2.24 18.11 41.80
N LEU B 925 1.10 17.74 41.22
CA LEU B 925 0.63 16.36 41.25
C LEU B 925 1.50 15.44 40.39
N SER B 926 1.95 15.95 39.23
CA SER B 926 2.79 15.17 38.32
C SER B 926 4.19 15.11 38.86
N LYS B 927 5.03 14.28 38.25
CA LYS B 927 6.41 14.16 38.70
C LYS B 927 7.30 15.14 37.93
N GLU B 928 6.84 16.40 37.82
CA GLU B 928 7.58 17.48 37.14
C GLU B 928 7.85 17.30 35.63
N ALA B 936 8.38 21.51 34.28
CA ALA B 936 8.83 22.88 33.95
C ALA B 936 8.85 23.10 32.43
N GLY B 937 9.78 22.42 31.74
CA GLY B 937 9.90 22.53 30.29
C GLY B 937 8.60 22.36 29.54
N LEU B 938 7.65 21.68 30.18
CA LEU B 938 6.32 21.47 29.62
C LEU B 938 5.73 22.86 29.37
N VAL B 939 5.67 23.66 30.43
CA VAL B 939 5.14 25.02 30.40
C VAL B 939 5.96 25.97 29.54
N LYS B 940 7.27 25.74 29.50
CA LYS B 940 8.18 26.58 28.73
C LYS B 940 8.13 26.25 27.24
N LEU B 941 7.05 25.60 26.82
CA LEU B 941 6.82 25.25 25.42
C LEU B 941 6.31 26.49 24.70
N ASN B 942 5.75 27.43 25.47
CA ASN B 942 5.24 28.69 24.92
C ASN B 942 6.13 29.82 25.48
N PRO B 943 7.15 30.23 24.70
CA PRO B 943 8.10 31.28 25.09
C PRO B 943 7.46 32.66 25.24
N ALA B 944 7.12 33.27 24.10
CA ALA B 944 6.51 34.59 24.07
C ALA B 944 4.99 34.55 24.23
N SER B 945 4.53 34.60 25.47
CA SER B 945 3.12 34.56 25.77
C SER B 945 2.80 35.71 26.73
N GLU B 946 1.75 36.47 26.42
CA GLU B 946 1.35 37.60 27.25
C GLU B 946 0.77 37.15 28.59
N TYR B 947 -0.15 36.18 28.53
CA TYR B 947 -0.77 35.65 29.73
C TYR B 947 0.25 34.89 30.56
N PRO B 948 0.06 34.86 31.89
CA PRO B 948 0.96 34.17 32.81
C PRO B 948 1.29 32.74 32.36
N PRO B 949 2.18 32.04 33.09
CA PRO B 949 2.63 30.67 32.83
C PRO B 949 1.70 29.70 32.09
N GLY B 950 1.09 28.78 32.85
CA GLY B 950 0.20 27.78 32.26
C GLY B 950 -1.14 28.22 31.69
N LEU B 951 -1.47 29.51 31.78
CA LEU B 951 -2.77 29.99 31.28
C LEU B 951 -2.89 30.01 29.76
N GLU B 952 -1.93 30.60 29.09
CA GLU B 952 -1.94 30.68 27.64
C GLU B 952 -2.30 29.31 27.05
N ASP B 953 -1.48 28.30 27.34
CA ASP B 953 -1.68 26.93 26.84
C ASP B 953 -2.96 26.27 27.33
N THR B 954 -3.23 26.35 28.64
CA THR B 954 -4.41 25.72 29.21
C THR B 954 -5.70 26.26 28.62
N LEU B 955 -5.72 27.55 28.26
CA LEU B 955 -6.91 28.14 27.67
C LEU B 955 -7.15 27.51 26.31
N ILE B 956 -6.14 27.55 25.46
CA ILE B 956 -6.23 26.99 24.11
C ILE B 956 -6.64 25.53 24.22
N LEU B 957 -6.04 24.84 25.18
CA LEU B 957 -6.31 23.44 25.41
C LEU B 957 -7.78 23.23 25.76
N THR B 958 -8.24 23.94 26.79
CA THR B 958 -9.63 23.83 27.24
C THR B 958 -10.60 24.04 26.08
N MET B 959 -10.21 24.86 25.11
CA MET B 959 -11.07 25.07 23.97
C MET B 959 -10.99 23.80 23.11
N LYS B 960 -9.79 23.50 22.62
CA LYS B 960 -9.55 22.32 21.80
C LYS B 960 -10.31 21.11 22.34
N GLY B 961 -10.25 20.95 23.66
CA GLY B 961 -10.93 19.83 24.31
C GLY B 961 -12.44 19.88 24.22
N ILE B 962 -13.03 21.03 24.54
CA ILE B 962 -14.48 21.15 24.47
C ILE B 962 -14.92 20.98 23.03
N ALA B 963 -14.09 21.45 22.11
CA ALA B 963 -14.37 21.36 20.68
C ALA B 963 -14.58 19.90 20.28
N ALA B 964 -13.72 19.03 20.79
CA ALA B 964 -13.82 17.61 20.49
C ALA B 964 -15.07 17.02 21.15
N GLY B 965 -15.32 17.42 22.40
CA GLY B 965 -16.48 16.94 23.13
C GLY B 965 -17.78 17.20 22.41
N MET B 966 -17.92 18.40 21.88
CA MET B 966 -19.13 18.80 21.15
C MET B 966 -19.16 18.27 19.71
N GLN B 967 -18.03 17.71 19.25
CA GLN B 967 -17.94 17.19 17.89
C GLN B 967 -18.32 18.28 16.88
N ASN B 968 -17.74 19.46 17.09
CA ASN B 968 -17.96 20.66 16.28
C ASN B 968 -17.14 21.84 16.83
N THR B 969 -16.87 22.80 15.95
CA THR B 969 -16.14 24.00 16.32
C THR B 969 -16.90 25.17 15.74
N GLY B 970 -16.76 25.39 14.44
CA GLY B 970 -17.45 26.49 13.81
C GLY B 970 -18.67 26.05 13.02
S SO4 C . 7.99 -13.02 -18.44
O1 SO4 C . 8.97 -13.43 -17.41
O2 SO4 C . 6.63 -13.08 -17.88
O3 SO4 C . 8.09 -13.92 -19.60
O4 SO4 C . 8.27 -11.62 -18.83
S SO4 D . 0.24 20.00 12.18
O1 SO4 D . -0.88 19.54 13.01
O2 SO4 D . 0.94 21.11 12.83
O3 SO4 D . -0.29 20.46 10.87
O4 SO4 D . 1.18 18.88 11.96
#